data_8P49
#
_entry.id   8P49
#
_cell.length_a   1.00
_cell.length_b   1.00
_cell.length_c   1.00
_cell.angle_alpha   90.00
_cell.angle_beta   90.00
_cell.angle_gamma   90.00
#
_symmetry.space_group_name_H-M   'P 1'
#
_entity_poly.entity_id   1
_entity_poly.type   'polypeptide(L)'
_entity_poly.pdbx_seq_one_letter_code
;MSESINNITKPKERRDFVVMAGMRKDGTIDFIKVYALNEKLAIEVLEAFLKENNIHPSDFIVIQRGYEDVKDKKAITTRS
EEELSAMLGRLGLRLVSNGVLYTDGIDKLYQITAISRELFESLQKEKREIFEDVQEKITFNFSKVDLPEKYVKKLRLLEL
MEDTIIFNMAELEIPNLLKAIVEGTVLIPRFLEKEDLIIRIFDEELHEYRGSYFDKVLIKPPIIHWDFYLDSLEDFSFKK
VEESIYIAPLFLRATGGFLILTEPPEDLVKTLLKLKKRGEVRTILEGKRITIPINFTLIVDTRHPERYAGLKFPIRINLP
PLDDETFLKVLETNLGITPPTEIVRIFPPDYKTFLGVELIKNLFEKLKLTEKGKDEVSLLKEAATIITGGTPGGSSGGSG
HHHHHH
;
_entity_poly.pdbx_strand_id   A,B,C,D,E,F
#
# COMPACT_ATOMS: atom_id res chain seq x y z
N ASP A 16 45.30 -16.93 32.25
CA ASP A 16 44.29 -15.98 31.81
C ASP A 16 43.46 -16.53 30.65
N PHE A 17 44.06 -17.44 29.88
CA PHE A 17 43.37 -18.05 28.76
C PHE A 17 44.00 -19.40 28.49
N VAL A 18 43.27 -20.23 27.73
CA VAL A 18 43.77 -21.55 27.35
C VAL A 18 43.21 -21.93 25.99
N VAL A 19 43.99 -22.71 25.24
CA VAL A 19 43.62 -23.17 23.91
C VAL A 19 43.78 -24.68 23.87
N MET A 20 42.75 -25.37 23.39
CA MET A 20 42.76 -26.82 23.26
C MET A 20 42.52 -27.19 21.81
N ALA A 21 43.39 -28.04 21.26
CA ALA A 21 43.40 -28.33 19.84
C ALA A 21 43.15 -29.81 19.59
N GLY A 22 42.22 -30.09 18.68
CA GLY A 22 42.00 -31.43 18.16
C GLY A 22 42.80 -31.63 16.89
N MET A 23 43.77 -32.53 16.96
CA MET A 23 44.82 -32.68 15.96
C MET A 23 44.74 -34.06 15.31
N ARG A 24 45.15 -34.13 14.06
CA ARG A 24 45.25 -35.40 13.36
C ARG A 24 46.63 -36.02 13.60
N LYS A 25 46.83 -37.22 13.05
CA LYS A 25 48.10 -37.92 13.23
C LYS A 25 49.22 -37.30 12.40
N ASP A 26 48.88 -36.63 11.30
CA ASP A 26 49.89 -36.05 10.42
C ASP A 26 50.24 -34.61 10.77
N GLY A 27 49.70 -34.07 11.86
CA GLY A 27 50.02 -32.72 12.29
C GLY A 27 49.07 -31.65 11.81
N THR A 28 48.09 -31.98 10.97
CA THR A 28 47.14 -30.99 10.51
C THR A 28 46.15 -30.64 11.62
N ILE A 29 45.89 -29.35 11.78
CA ILE A 29 45.01 -28.84 12.84
C ILE A 29 43.58 -28.85 12.32
N ASP A 30 42.67 -29.40 13.12
CA ASP A 30 41.28 -29.52 12.69
C ASP A 30 40.28 -28.93 13.66
N PHE A 31 40.52 -29.01 14.97
CA PHE A 31 39.56 -28.56 15.97
C PHE A 31 40.22 -27.53 16.89
N ILE A 32 39.51 -26.44 17.18
CA ILE A 32 40.04 -25.38 18.03
C ILE A 32 38.99 -25.02 19.08
N LYS A 33 39.41 -24.93 20.33
CA LYS A 33 38.58 -24.37 21.39
C LYS A 33 39.40 -23.41 22.22
N VAL A 34 38.82 -22.26 22.55
CA VAL A 34 39.51 -21.21 23.28
C VAL A 34 38.66 -20.82 24.49
N TYR A 35 39.28 -20.83 25.67
CA TYR A 35 38.68 -20.33 26.90
C TYR A 35 39.40 -19.05 27.30
N ALA A 36 38.63 -18.01 27.62
CA ALA A 36 39.18 -16.73 28.02
C ALA A 36 38.22 -16.04 28.97
N LEU A 37 38.64 -14.87 29.47
CA LEU A 37 37.84 -14.14 30.43
C LEU A 37 36.69 -13.38 29.76
N ASN A 38 36.96 -12.71 28.65
CA ASN A 38 35.95 -11.91 27.96
C ASN A 38 36.04 -12.16 26.47
N GLU A 39 35.22 -11.43 25.71
CA GLU A 39 35.13 -11.65 24.27
C GLU A 39 36.38 -11.15 23.55
N LYS A 40 36.86 -9.94 23.90
CA LYS A 40 38.02 -9.38 23.21
C LYS A 40 39.26 -10.22 23.42
N LEU A 41 39.49 -10.67 24.66
CA LEU A 41 40.61 -11.55 24.93
C LEU A 41 40.49 -12.85 24.13
N ALA A 42 39.28 -13.40 24.07
CA ALA A 42 39.07 -14.65 23.35
C ALA A 42 39.39 -14.49 21.86
N ILE A 43 38.90 -13.41 21.25
CA ILE A 43 39.11 -13.23 19.82
C ILE A 43 40.58 -12.91 19.52
N GLU A 44 41.24 -12.13 20.39
CA GLU A 44 42.65 -11.85 20.16
C GLU A 44 43.48 -13.13 20.30
N VAL A 45 43.16 -13.98 21.27
CA VAL A 45 43.87 -15.25 21.42
C VAL A 45 43.62 -16.14 20.22
N LEU A 46 42.38 -16.18 19.73
CA LEU A 46 42.06 -16.99 18.56
C LEU A 46 42.85 -16.53 17.35
N GLU A 47 42.92 -15.21 17.12
CA GLU A 47 43.65 -14.71 15.97
C GLU A 47 45.15 -14.96 16.10
N ALA A 48 45.69 -14.79 17.31
CA ALA A 48 47.11 -15.08 17.51
C ALA A 48 47.41 -16.56 17.27
N PHE A 49 46.52 -17.44 17.74
CA PHE A 49 46.72 -18.87 17.53
C PHE A 49 46.65 -19.23 16.05
N LEU A 50 45.70 -18.63 15.32
CA LEU A 50 45.61 -18.88 13.89
C LEU A 50 46.85 -18.39 13.16
N LYS A 51 47.33 -17.20 13.51
CA LYS A 51 48.49 -16.63 12.82
C LYS A 51 49.76 -17.39 13.14
N GLU A 52 49.90 -17.91 14.37
CA GLU A 52 51.15 -18.53 14.78
C GLU A 52 51.45 -19.79 13.96
N ASN A 53 50.42 -20.59 13.67
CA ASN A 53 50.60 -21.84 12.95
C ASN A 53 50.31 -21.71 11.46
N ASN A 54 50.35 -20.49 10.91
CA ASN A 54 50.16 -20.23 9.48
C ASN A 54 48.82 -20.79 8.99
N ILE A 55 47.74 -20.23 9.52
CA ILE A 55 46.39 -20.67 9.22
C ILE A 55 45.59 -19.49 8.71
N HIS A 56 44.87 -19.71 7.60
CA HIS A 56 43.96 -18.71 7.06
C HIS A 56 42.58 -18.83 7.72
N PRO A 57 41.99 -17.71 8.15
CA PRO A 57 40.72 -17.79 8.88
C PRO A 57 39.58 -18.41 8.09
N SER A 58 39.61 -18.33 6.76
CA SER A 58 38.49 -18.83 5.97
C SER A 58 38.33 -20.34 6.09
N ASP A 59 39.42 -21.07 6.32
CA ASP A 59 39.36 -22.52 6.40
C ASP A 59 38.62 -23.02 7.63
N PHE A 60 38.31 -22.14 8.60
CA PHE A 60 37.57 -22.52 9.79
C PHE A 60 36.26 -21.74 9.84
N ILE A 61 35.24 -22.38 10.40
CA ILE A 61 33.92 -21.77 10.58
C ILE A 61 33.59 -21.79 12.06
N VAL A 62 33.11 -20.66 12.57
CA VAL A 62 32.83 -20.52 14.00
C VAL A 62 31.57 -21.31 14.32
N ILE A 63 31.72 -22.38 15.11
CA ILE A 63 30.60 -23.24 15.44
C ILE A 63 29.85 -22.74 16.67
N GLN A 64 30.56 -22.47 17.76
CA GLN A 64 29.90 -22.08 19.00
C GLN A 64 30.67 -20.97 19.70
N ARG A 65 29.96 -20.16 20.46
CA ARG A 65 30.56 -19.08 21.25
C ARG A 65 29.60 -18.69 22.35
N GLY A 66 30.12 -18.52 23.56
CA GLY A 66 29.27 -18.05 24.64
C GLY A 66 29.89 -18.29 26.00
N TYR A 67 29.08 -18.00 27.02
CA TYR A 67 29.52 -18.16 28.40
C TYR A 67 29.35 -19.60 28.87
N GLU A 68 30.35 -20.09 29.59
CA GLU A 68 30.36 -21.44 30.13
C GLU A 68 30.68 -21.38 31.61
N ASP A 69 30.02 -22.24 32.39
CA ASP A 69 30.22 -22.25 33.83
C ASP A 69 31.43 -23.09 34.19
N VAL A 70 32.33 -22.52 35.00
CA VAL A 70 33.54 -23.21 35.43
C VAL A 70 33.59 -23.21 36.96
N LYS A 71 32.42 -23.06 37.59
CA LYS A 71 32.37 -23.05 39.05
C LYS A 71 32.79 -24.40 39.64
N ASP A 72 32.39 -25.50 38.99
CA ASP A 72 32.71 -26.83 39.48
C ASP A 72 34.08 -27.31 39.03
N LYS A 73 34.81 -26.52 38.26
CA LYS A 73 36.14 -26.88 37.77
C LYS A 73 37.17 -25.97 38.42
N LYS A 74 38.16 -26.57 39.08
CA LYS A 74 39.23 -25.78 39.70
C LYS A 74 40.21 -25.26 38.65
N ALA A 75 40.49 -26.06 37.62
CA ALA A 75 41.38 -25.64 36.55
C ALA A 75 40.94 -26.31 35.26
N ILE A 76 41.33 -25.71 34.14
CA ILE A 76 41.00 -26.20 32.82
C ILE A 76 42.21 -26.97 32.29
N THR A 77 42.14 -28.30 32.37
CA THR A 77 43.21 -29.18 31.91
C THR A 77 42.62 -30.20 30.93
N THR A 78 43.50 -31.01 30.35
CA THR A 78 43.04 -32.09 29.48
C THR A 78 42.27 -33.15 30.27
N ARG A 79 42.66 -33.38 31.52
CA ARG A 79 41.97 -34.38 32.35
C ARG A 79 40.58 -33.91 32.77
N SER A 80 40.34 -32.59 32.78
CA SER A 80 39.03 -32.07 33.14
C SER A 80 38.04 -32.09 31.99
N GLU A 81 38.48 -32.48 30.79
CA GLU A 81 37.64 -32.51 29.59
C GLU A 81 37.69 -33.89 28.96
N GLU A 82 37.50 -34.93 29.78
CA GLU A 82 37.58 -36.30 29.27
C GLU A 82 36.49 -36.59 28.26
N GLU A 83 35.32 -35.97 28.40
CA GLU A 83 34.26 -36.15 27.41
C GLU A 83 34.69 -35.62 26.05
N LEU A 84 35.34 -34.45 26.03
CA LEU A 84 35.85 -33.90 24.77
C LEU A 84 36.91 -34.81 24.17
N SER A 85 37.79 -35.36 25.00
CA SER A 85 38.81 -36.27 24.50
C SER A 85 38.18 -37.51 23.90
N ALA A 86 37.15 -38.08 24.55
CA ALA A 86 36.47 -39.23 23.99
C ALA A 86 35.76 -38.89 22.69
N MET A 87 35.15 -37.71 22.62
CA MET A 87 34.47 -37.30 21.40
C MET A 87 35.45 -37.19 20.24
N LEU A 88 36.61 -36.58 20.48
CA LEU A 88 37.63 -36.47 19.43
C LEU A 88 38.19 -37.84 19.07
N GLY A 89 38.37 -38.71 20.05
CA GLY A 89 38.87 -40.05 19.77
C GLY A 89 37.92 -40.85 18.91
N ARG A 90 36.61 -40.69 19.14
CA ARG A 90 35.62 -41.33 18.27
C ARG A 90 35.71 -40.80 16.84
N LEU A 91 36.27 -39.62 16.64
CA LEU A 91 36.44 -39.03 15.32
C LEU A 91 37.86 -39.19 14.79
N GLY A 92 38.72 -39.91 15.51
CA GLY A 92 40.07 -40.15 15.04
C GLY A 92 41.04 -39.01 15.29
N LEU A 93 40.74 -38.12 16.22
CA LEU A 93 41.60 -36.99 16.54
C LEU A 93 42.06 -37.07 17.99
N ARG A 94 43.20 -36.42 18.27
CA ARG A 94 43.79 -36.38 19.59
C ARG A 94 43.73 -34.98 20.16
N LEU A 95 43.48 -34.88 21.46
CA LEU A 95 43.34 -33.58 22.13
C LEU A 95 44.66 -33.17 22.76
N VAL A 96 45.10 -31.93 22.48
CA VAL A 96 46.33 -31.38 23.03
C VAL A 96 46.04 -30.00 23.60
N SER A 97 46.90 -29.58 24.54
CA SER A 97 46.78 -28.28 25.17
C SER A 97 48.15 -27.62 25.27
N ASN A 98 48.15 -26.30 25.36
CA ASN A 98 49.38 -25.53 25.50
C ASN A 98 49.69 -25.17 26.95
N GLY A 99 48.78 -25.44 27.88
CA GLY A 99 49.01 -25.08 29.27
C GLY A 99 47.77 -25.31 30.10
N VAL A 100 47.80 -24.75 31.30
CA VAL A 100 46.72 -24.93 32.28
C VAL A 100 46.23 -23.54 32.70
N LEU A 101 44.92 -23.37 32.73
CA LEU A 101 44.28 -22.13 33.15
C LEU A 101 43.61 -22.36 34.50
N TYR A 102 43.94 -21.51 35.47
CA TYR A 102 43.39 -21.61 36.81
C TYR A 102 42.08 -20.83 36.89
N THR A 103 41.01 -21.50 37.31
CA THR A 103 39.67 -20.92 37.35
C THR A 103 39.15 -20.80 38.78
N ASP A 104 40.03 -20.47 39.72
CA ASP A 104 39.61 -20.28 41.10
C ASP A 104 38.88 -18.95 41.26
N GLY A 105 37.69 -18.99 41.87
CA GLY A 105 36.91 -17.80 42.09
C GLY A 105 36.23 -17.24 40.86
N ILE A 106 36.19 -17.98 39.76
CA ILE A 106 35.58 -17.53 38.52
C ILE A 106 34.46 -18.50 38.15
N ASP A 107 33.30 -17.96 37.80
CA ASP A 107 32.14 -18.76 37.42
C ASP A 107 31.90 -18.80 35.91
N LYS A 108 31.81 -17.64 35.28
CA LYS A 108 31.51 -17.57 33.85
C LYS A 108 32.78 -17.29 33.05
N LEU A 109 32.98 -18.06 31.99
CA LEU A 109 34.17 -17.92 31.15
C LEU A 109 33.74 -17.97 29.68
N TYR A 110 34.29 -17.07 28.86
CA TYR A 110 33.91 -17.04 27.46
C TYR A 110 34.64 -18.15 26.71
N GLN A 111 33.88 -18.92 25.93
CA GLN A 111 34.43 -20.05 25.19
C GLN A 111 34.02 -19.95 23.73
N ILE A 112 34.96 -20.30 22.85
CA ILE A 112 34.74 -20.31 21.40
C ILE A 112 35.18 -21.66 20.87
N THR A 113 34.36 -22.27 20.02
CA THR A 113 34.62 -23.58 19.46
C THR A 113 34.47 -23.51 17.93
N ALA A 114 35.51 -23.93 17.21
CA ALA A 114 35.52 -23.89 15.76
C ALA A 114 36.16 -25.16 15.21
N ILE A 115 35.78 -25.50 13.97
CA ILE A 115 36.29 -26.68 13.29
C ILE A 115 36.70 -26.29 11.87
N SER A 116 37.52 -27.12 11.26
CA SER A 116 37.93 -26.90 9.89
C SER A 116 36.78 -27.17 8.93
N ARG A 117 36.85 -26.55 7.75
CA ARG A 117 35.78 -26.70 6.77
C ARG A 117 35.69 -28.12 6.23
N GLU A 118 36.82 -28.76 5.95
CA GLU A 118 36.78 -30.12 5.44
C GLU A 118 36.21 -31.08 6.48
N LEU A 119 36.49 -30.83 7.75
CA LEU A 119 35.88 -31.62 8.82
C LEU A 119 34.37 -31.40 8.85
N PHE A 120 33.94 -30.16 8.64
CA PHE A 120 32.51 -29.86 8.61
C PHE A 120 31.82 -30.61 7.47
N GLU A 121 32.44 -30.62 6.28
CA GLU A 121 31.87 -31.35 5.15
C GLU A 121 31.87 -32.86 5.40
N SER A 122 32.94 -33.38 6.00
CA SER A 122 32.99 -34.81 6.32
C SER A 122 31.88 -35.20 7.29
N LEU A 123 31.66 -34.37 8.31
CA LEU A 123 30.54 -34.59 9.22
C LEU A 123 29.20 -34.50 8.49
N GLN A 124 29.11 -33.59 7.51
CA GLN A 124 27.87 -33.44 6.77
C GLN A 124 27.56 -34.67 5.92
N LYS A 125 28.57 -35.25 5.28
CA LYS A 125 28.35 -36.29 4.28
C LYS A 125 28.86 -37.67 4.72
N GLU A 126 30.14 -37.79 5.06
CA GLU A 126 30.72 -39.10 5.31
C GLU A 126 30.44 -39.59 6.73
N LYS A 127 30.67 -38.75 7.72
CA LYS A 127 30.54 -39.12 9.13
C LYS A 127 29.22 -38.67 9.73
N ARG A 128 28.14 -38.74 8.93
CA ARG A 128 26.86 -38.21 9.37
C ARG A 128 26.31 -38.95 10.58
N GLU A 129 26.43 -40.28 10.60
CA GLU A 129 25.77 -41.11 11.60
C GLU A 129 26.72 -41.66 12.65
N ILE A 130 27.79 -40.92 12.96
CA ILE A 130 28.77 -41.43 13.92
C ILE A 130 28.19 -41.41 15.33
N PHE A 131 27.52 -40.32 15.71
CA PHE A 131 26.98 -40.17 17.06
C PHE A 131 25.53 -40.64 17.18
N GLU A 132 25.09 -41.53 16.29
CA GLU A 132 23.70 -41.97 16.29
C GLU A 132 23.36 -42.76 17.55
N ASP A 133 24.34 -43.41 18.17
CA ASP A 133 24.08 -44.26 19.33
C ASP A 133 23.69 -43.47 20.57
N VAL A 134 23.89 -42.14 20.58
CA VAL A 134 23.55 -41.35 21.75
C VAL A 134 22.04 -41.20 21.91
N GLN A 135 21.31 -41.16 20.80
CA GLN A 135 19.88 -40.89 20.84
C GLN A 135 19.12 -41.98 21.57
N GLU A 136 18.00 -41.60 22.18
CA GLU A 136 17.09 -42.54 22.82
C GLU A 136 15.79 -42.60 22.05
N LYS A 137 15.16 -43.78 22.07
CA LYS A 137 13.89 -43.96 21.40
C LYS A 137 12.78 -43.20 22.14
N ILE A 138 11.84 -42.66 21.37
CA ILE A 138 10.76 -41.86 21.94
C ILE A 138 9.71 -42.79 22.54
N THR A 139 9.36 -42.54 23.80
CA THR A 139 8.36 -43.33 24.50
C THR A 139 7.37 -42.41 25.20
N PHE A 140 6.21 -42.97 25.55
CA PHE A 140 5.15 -42.23 26.23
C PHE A 140 4.98 -42.78 27.64
N ASN A 141 4.89 -41.89 28.62
CA ASN A 141 4.72 -42.25 30.02
C ASN A 141 3.48 -41.53 30.53
N PHE A 142 2.35 -42.22 30.56
CA PHE A 142 1.07 -41.64 30.94
C PHE A 142 0.84 -41.63 32.45
N SER A 143 1.81 -42.09 33.24
CA SER A 143 1.67 -42.08 34.69
C SER A 143 2.05 -40.75 35.31
N LYS A 144 2.49 -39.78 34.52
CA LYS A 144 2.86 -38.47 35.02
C LYS A 144 1.71 -37.48 35.04
N VAL A 145 0.54 -37.88 34.55
CA VAL A 145 -0.64 -37.02 34.56
C VAL A 145 -1.82 -37.82 35.11
N ASP A 146 -2.79 -37.11 35.66
CA ASP A 146 -3.98 -37.71 36.25
C ASP A 146 -5.18 -37.37 35.37
N LEU A 147 -5.69 -38.34 34.65
CA LEU A 147 -6.81 -38.18 33.75
C LEU A 147 -7.72 -39.39 33.87
N PRO A 148 -9.00 -39.25 33.52
CA PRO A 148 -9.88 -40.41 33.47
C PRO A 148 -9.36 -41.45 32.48
N GLU A 149 -9.62 -42.72 32.80
CA GLU A 149 -9.05 -43.81 32.00
C GLU A 149 -9.63 -43.82 30.59
N LYS A 150 -10.92 -43.51 30.46
CA LYS A 150 -11.55 -43.51 29.13
C LYS A 150 -10.98 -42.44 28.21
N TYR A 151 -10.30 -41.44 28.76
CA TYR A 151 -9.62 -40.44 27.94
C TYR A 151 -8.18 -40.85 27.64
N VAL A 152 -7.51 -41.51 28.59
CA VAL A 152 -6.18 -42.01 28.33
C VAL A 152 -6.21 -43.08 27.24
N LYS A 153 -7.26 -43.90 27.23
CA LYS A 153 -7.39 -44.90 26.18
C LYS A 153 -7.47 -44.26 24.80
N LYS A 154 -8.25 -43.18 24.66
CA LYS A 154 -8.33 -42.49 23.39
C LYS A 154 -7.00 -41.81 23.04
N LEU A 155 -6.35 -41.19 24.02
CA LEU A 155 -5.11 -40.45 23.77
C LEU A 155 -3.91 -41.35 23.53
N ARG A 156 -4.00 -42.65 23.84
CA ARG A 156 -2.86 -43.53 23.62
C ARG A 156 -2.54 -43.70 22.13
N LEU A 157 -3.46 -43.35 21.23
CA LEU A 157 -3.21 -43.48 19.80
C LEU A 157 -2.13 -42.53 19.29
N LEU A 158 -1.72 -41.55 20.10
CA LEU A 158 -0.67 -40.62 19.69
C LEU A 158 0.70 -41.28 19.64
N GLU A 159 0.85 -42.50 20.14
CA GLU A 159 2.14 -43.17 20.15
C GLU A 159 2.54 -43.69 18.77
N LEU A 160 1.60 -43.80 17.84
CA LEU A 160 1.93 -44.25 16.49
C LEU A 160 2.72 -43.20 15.72
N MET A 161 2.62 -41.92 16.10
CA MET A 161 3.33 -40.82 15.45
C MET A 161 2.93 -40.70 13.98
N GLU A 162 1.63 -40.60 13.75
CA GLU A 162 1.06 -40.29 12.44
C GLU A 162 0.32 -38.96 12.55
N ASP A 163 -0.01 -38.39 11.38
CA ASP A 163 -0.76 -37.14 11.37
C ASP A 163 -2.10 -37.31 12.05
N THR A 164 -2.45 -36.39 12.94
CA THR A 164 -3.62 -36.55 13.80
C THR A 164 -4.51 -35.32 13.73
N ILE A 165 -5.82 -35.55 13.77
CA ILE A 165 -6.81 -34.50 13.90
C ILE A 165 -7.62 -34.76 15.16
N ILE A 166 -7.69 -33.76 16.03
CA ILE A 166 -8.32 -33.89 17.34
C ILE A 166 -9.53 -32.97 17.39
N PHE A 167 -10.72 -33.58 17.43
CA PHE A 167 -11.97 -32.87 17.70
C PHE A 167 -12.06 -32.66 19.19
N ASN A 168 -11.66 -31.47 19.66
CA ASN A 168 -11.44 -31.22 21.08
C ASN A 168 -12.63 -30.46 21.65
N MET A 169 -13.65 -31.21 22.05
CA MET A 169 -14.80 -30.65 22.74
C MET A 169 -14.64 -30.63 24.25
N ALA A 170 -13.60 -31.27 24.78
CA ALA A 170 -13.33 -31.28 26.21
C ALA A 170 -12.36 -30.19 26.63
N GLU A 171 -11.86 -29.40 25.69
CA GLU A 171 -10.98 -28.26 25.98
C GLU A 171 -9.73 -28.68 26.76
N LEU A 172 -9.15 -29.81 26.38
CA LEU A 172 -7.89 -30.24 26.96
C LEU A 172 -6.73 -29.44 26.38
N GLU A 173 -5.67 -29.30 27.18
CA GLU A 173 -4.46 -28.60 26.77
C GLU A 173 -3.47 -29.63 26.23
N ILE A 174 -3.44 -29.77 24.90
CA ILE A 174 -2.57 -30.77 24.28
C ILE A 174 -1.08 -30.47 24.50
N PRO A 175 -0.57 -29.25 24.29
CA PRO A 175 0.87 -29.04 24.48
C PRO A 175 1.37 -29.37 25.88
N ASN A 176 0.60 -29.03 26.91
CA ASN A 176 1.03 -29.37 28.27
C ASN A 176 1.07 -30.87 28.48
N LEU A 177 0.07 -31.59 28.00
CA LEU A 177 0.05 -33.04 28.12
C LEU A 177 1.26 -33.66 27.42
N LEU A 178 1.53 -33.22 26.18
CA LEU A 178 2.65 -33.79 25.44
C LEU A 178 3.98 -33.44 26.09
N LYS A 179 4.12 -32.22 26.61
CA LYS A 179 5.35 -31.86 27.30
C LYS A 179 5.51 -32.64 28.60
N ALA A 180 4.40 -33.11 29.17
CA ALA A 180 4.48 -33.89 30.41
C ALA A 180 4.75 -35.37 30.17
N ILE A 181 4.27 -35.95 29.07
CA ILE A 181 4.27 -37.39 28.91
C ILE A 181 5.22 -37.87 27.81
N VAL A 182 6.17 -37.03 27.38
CA VAL A 182 7.09 -37.39 26.30
C VAL A 182 8.49 -37.46 26.85
N GLU A 183 9.19 -38.56 26.54
CA GLU A 183 10.56 -38.80 26.96
C GLU A 183 11.39 -39.23 25.77
N GLY A 184 12.68 -38.87 25.79
CA GLY A 184 13.58 -39.27 24.73
C GLY A 184 14.56 -38.19 24.33
N THR A 185 15.38 -38.47 23.31
CA THR A 185 16.37 -37.53 22.82
C THR A 185 16.43 -37.62 21.30
N VAL A 186 16.91 -36.53 20.69
CA VAL A 186 16.97 -36.38 19.25
C VAL A 186 18.10 -35.42 18.90
N LEU A 187 18.86 -35.75 17.86
CA LEU A 187 19.95 -34.90 17.39
C LEU A 187 19.48 -34.07 16.21
N ILE A 188 19.71 -32.76 16.28
CA ILE A 188 19.34 -31.87 15.17
C ILE A 188 20.52 -30.97 14.84
N PRO A 189 20.67 -30.52 13.60
CA PRO A 189 21.75 -29.59 13.27
C PRO A 189 21.54 -28.24 13.93
N ARG A 190 22.64 -27.61 14.36
CA ARG A 190 22.55 -26.29 14.95
C ARG A 190 22.17 -25.24 13.90
N PHE A 191 22.78 -25.32 12.72
CA PHE A 191 22.46 -24.40 11.63
C PHE A 191 22.93 -25.04 10.32
N LEU A 192 22.50 -24.44 9.21
CA LEU A 192 22.85 -24.90 7.88
C LEU A 192 23.56 -23.78 7.13
N GLU A 193 24.70 -24.10 6.52
CA GLU A 193 25.50 -23.16 5.76
C GLU A 193 25.38 -23.51 4.29
N LYS A 194 24.73 -22.64 3.52
CA LYS A 194 24.46 -22.87 2.10
C LYS A 194 24.90 -21.64 1.33
N GLU A 195 26.00 -21.76 0.57
CA GLU A 195 26.49 -20.68 -0.28
C GLU A 195 26.70 -19.39 0.50
N ASP A 196 27.33 -19.51 1.66
CA ASP A 196 27.64 -18.45 2.61
C ASP A 196 26.41 -17.92 3.35
N LEU A 197 25.21 -18.38 3.00
CA LEU A 197 24.03 -18.09 3.81
C LEU A 197 23.99 -19.01 5.01
N ILE A 198 23.44 -18.50 6.11
CA ILE A 198 23.29 -19.26 7.34
C ILE A 198 21.81 -19.29 7.70
N ILE A 199 21.28 -20.48 7.94
CA ILE A 199 19.90 -20.68 8.35
C ILE A 199 19.92 -21.36 9.71
N ARG A 200 19.30 -20.73 10.70
CA ARG A 200 19.34 -21.23 12.07
C ARG A 200 18.21 -22.22 12.31
N ILE A 201 18.57 -23.39 12.82
CA ILE A 201 17.61 -24.45 13.13
C ILE A 201 17.39 -24.57 14.63
N PHE A 202 18.47 -24.59 15.41
CA PHE A 202 18.36 -24.69 16.86
C PHE A 202 17.77 -23.41 17.43
N ASP A 203 16.74 -23.58 18.26
CA ASP A 203 16.01 -22.46 18.87
C ASP A 203 16.16 -22.53 20.38
N GLU A 204 16.73 -21.47 20.97
CA GLU A 204 17.02 -21.49 22.39
C GLU A 204 15.77 -21.38 23.26
N GLU A 205 14.66 -20.88 22.71
CA GLU A 205 13.44 -20.72 23.50
C GLU A 205 12.51 -21.92 23.44
N LEU A 206 12.39 -22.56 22.28
CA LEU A 206 11.43 -23.66 22.11
C LEU A 206 12.05 -25.04 22.28
N HIS A 207 13.36 -25.15 22.42
CA HIS A 207 14.03 -26.43 22.54
C HIS A 207 14.64 -26.60 23.92
N GLU A 208 14.67 -27.84 24.39
CA GLU A 208 15.24 -28.19 25.69
C GLU A 208 16.66 -28.71 25.45
N TYR A 209 17.66 -27.90 25.78
CA TYR A 209 19.04 -28.28 25.56
C TYR A 209 19.42 -29.48 26.42
N ARG A 210 20.09 -30.45 25.81
CA ARG A 210 20.49 -31.66 26.51
C ARG A 210 21.98 -31.96 26.31
N GLY A 211 22.52 -31.58 25.15
CA GLY A 211 23.94 -31.80 24.91
C GLY A 211 24.35 -31.21 23.57
N SER A 212 25.66 -31.09 23.40
CA SER A 212 26.25 -30.54 22.18
C SER A 212 27.29 -31.52 21.65
N TYR A 213 27.20 -31.82 20.35
CA TYR A 213 28.14 -32.72 19.67
C TYR A 213 28.60 -32.02 18.40
N PHE A 214 29.63 -31.20 18.51
CA PHE A 214 30.23 -30.50 17.38
C PHE A 214 29.22 -29.64 16.64
N ASP A 215 28.76 -30.11 15.48
CA ASP A 215 27.84 -29.36 14.65
C ASP A 215 26.38 -29.72 14.90
N LYS A 216 26.10 -30.57 15.88
CA LYS A 216 24.75 -31.00 16.18
C LYS A 216 24.44 -30.76 17.65
N VAL A 217 23.16 -30.70 17.96
CA VAL A 217 22.68 -30.50 19.31
C VAL A 217 21.70 -31.62 19.64
N LEU A 218 21.90 -32.27 20.78
CA LEU A 218 20.98 -33.28 21.28
C LEU A 218 20.00 -32.60 22.22
N ILE A 219 18.70 -32.76 21.94
CA ILE A 219 17.63 -32.12 22.69
C ILE A 219 16.52 -33.13 22.92
N LYS A 220 15.61 -32.79 23.83
CA LYS A 220 14.39 -33.54 23.95
C LYS A 220 13.53 -33.33 22.70
N PRO A 221 12.67 -34.30 22.36
CA PRO A 221 11.87 -34.18 21.14
C PRO A 221 11.09 -32.87 21.11
N PRO A 222 11.38 -32.00 20.15
CA PRO A 222 10.77 -30.67 20.14
C PRO A 222 9.26 -30.73 20.00
N ILE A 223 8.59 -29.85 20.73
CA ILE A 223 7.14 -29.70 20.67
C ILE A 223 6.84 -28.24 20.39
N ILE A 224 6.22 -27.96 19.24
CA ILE A 224 5.94 -26.60 18.80
C ILE A 224 4.44 -26.40 18.76
N HIS A 225 3.98 -25.25 19.22
CA HIS A 225 2.57 -24.89 19.24
C HIS A 225 2.36 -23.60 18.46
N TRP A 226 1.35 -23.58 17.60
CA TRP A 226 1.03 -22.39 16.83
C TRP A 226 -0.47 -22.12 16.94
N ASP A 227 -0.81 -20.93 17.42
CA ASP A 227 -2.19 -20.52 17.63
C ASP A 227 -2.55 -19.41 16.64
N PHE A 228 -3.74 -19.53 16.05
CA PHE A 228 -4.14 -18.58 15.01
C PHE A 228 -4.32 -17.17 15.57
N TYR A 229 -4.87 -17.04 16.77
CA TYR A 229 -5.18 -15.75 17.35
C TYR A 229 -4.01 -15.11 18.09
N LEU A 230 -2.89 -15.81 18.23
CA LEU A 230 -1.74 -15.27 18.94
C LEU A 230 -0.51 -15.08 18.08
N ASP A 231 -0.29 -15.91 17.08
CA ASP A 231 0.92 -15.91 16.28
C ASP A 231 0.65 -15.34 14.89
N SER A 232 1.72 -15.23 14.10
CA SER A 232 1.65 -14.66 12.77
C SER A 232 2.05 -15.71 11.73
N LEU A 233 1.50 -15.56 10.52
CA LEU A 233 1.84 -16.47 9.43
C LEU A 233 3.29 -16.31 8.99
N GLU A 234 3.93 -15.18 9.29
CA GLU A 234 5.32 -14.99 8.91
C GLU A 234 6.24 -16.00 9.60
N ASP A 235 5.76 -16.68 10.64
CA ASP A 235 6.54 -17.76 11.25
C ASP A 235 6.82 -18.89 10.27
N PHE A 236 6.00 -19.04 9.22
CA PHE A 236 6.20 -20.07 8.21
C PHE A 236 6.95 -19.57 6.99
N SER A 237 7.86 -18.62 7.18
CA SER A 237 8.70 -18.12 6.11
C SER A 237 10.10 -17.85 6.65
N PHE A 238 11.07 -17.77 5.75
CA PHE A 238 12.45 -17.52 6.14
C PHE A 238 12.59 -16.08 6.60
N LYS A 239 12.53 -15.87 7.91
CA LYS A 239 12.68 -14.54 8.48
C LYS A 239 14.13 -14.07 8.36
N LYS A 240 14.29 -12.76 8.19
CA LYS A 240 15.60 -12.15 8.00
C LYS A 240 16.02 -11.47 9.29
N VAL A 241 17.05 -12.02 9.94
CA VAL A 241 17.61 -11.36 11.13
C VAL A 241 18.58 -10.26 10.72
N GLU A 242 19.60 -10.63 9.97
CA GLU A 242 20.55 -9.69 9.41
C GLU A 242 21.09 -10.27 8.11
N GLU A 243 22.04 -9.56 7.49
CA GLU A 243 22.54 -9.95 6.18
C GLU A 243 23.11 -11.36 6.24
N SER A 244 22.72 -12.18 5.27
CA SER A 244 23.14 -13.57 5.14
C SER A 244 22.82 -14.41 6.38
N ILE A 245 21.83 -14.00 7.17
CA ILE A 245 21.38 -14.77 8.33
C ILE A 245 19.87 -14.86 8.30
N TYR A 246 19.34 -16.09 8.44
CA TYR A 246 17.91 -16.32 8.38
C TYR A 246 17.50 -17.30 9.46
N ILE A 247 16.21 -17.26 9.80
CA ILE A 247 15.61 -18.18 10.75
C ILE A 247 14.68 -19.11 10.00
N ALA A 248 14.85 -20.42 10.20
CA ALA A 248 14.09 -21.41 9.46
C ALA A 248 12.62 -21.36 9.87
N PRO A 249 11.72 -21.79 8.98
CA PRO A 249 10.30 -21.83 9.32
C PRO A 249 10.02 -22.80 10.47
N LEU A 250 8.76 -22.80 10.92
CA LEU A 250 8.39 -23.62 12.08
C LEU A 250 8.55 -25.10 11.79
N PHE A 251 8.13 -25.56 10.61
CA PHE A 251 8.18 -26.99 10.32
C PHE A 251 9.61 -27.51 10.15
N LEU A 252 10.60 -26.63 10.04
CA LEU A 252 11.99 -27.06 10.06
C LEU A 252 12.58 -27.09 11.47
N ARG A 253 11.99 -26.36 12.40
CA ARG A 253 12.43 -26.39 13.79
C ARG A 253 11.67 -27.41 14.62
N ALA A 254 10.74 -28.15 14.01
CA ALA A 254 10.04 -29.25 14.66
C ALA A 254 10.49 -30.60 14.12
N THR A 255 11.76 -30.68 13.70
CA THR A 255 12.28 -31.90 13.10
C THR A 255 12.38 -33.00 14.14
N GLY A 256 11.69 -34.11 13.90
CA GLY A 256 11.69 -35.23 14.82
C GLY A 256 10.73 -35.12 15.98
N GLY A 257 9.89 -34.09 16.00
CA GLY A 257 8.98 -33.87 17.11
C GLY A 257 7.56 -33.66 16.62
N PHE A 258 6.84 -32.78 17.32
CA PHE A 258 5.44 -32.53 17.06
C PHE A 258 5.21 -31.06 16.74
N LEU A 259 4.35 -30.81 15.74
CA LEU A 259 3.86 -29.47 15.44
C LEU A 259 2.35 -29.47 15.62
N ILE A 260 1.87 -28.65 16.56
CA ILE A 260 0.46 -28.59 16.92
C ILE A 260 -0.10 -27.26 16.42
N LEU A 261 -1.22 -27.32 15.72
CA LEU A 261 -1.86 -26.13 15.17
C LEU A 261 -3.25 -25.99 15.76
N THR A 262 -3.54 -24.82 16.33
CA THR A 262 -4.83 -24.54 16.95
C THR A 262 -5.64 -23.66 16.00
N GLU A 263 -6.73 -24.20 15.48
CA GLU A 263 -7.62 -23.51 14.56
C GLU A 263 -6.89 -22.84 13.40
N PRO A 264 -6.14 -23.60 12.59
CA PRO A 264 -5.43 -22.99 11.46
C PRO A 264 -6.34 -22.88 10.25
N PRO A 265 -6.03 -21.97 9.32
CA PRO A 265 -6.78 -21.93 8.07
C PRO A 265 -6.50 -23.18 7.22
N GLU A 266 -7.48 -23.53 6.39
CA GLU A 266 -7.40 -24.75 5.61
C GLU A 266 -6.24 -24.72 4.61
N ASP A 267 -5.96 -23.54 4.05
CA ASP A 267 -4.90 -23.43 3.05
C ASP A 267 -3.54 -23.79 3.64
N LEU A 268 -3.28 -23.35 4.88
CA LEU A 268 -2.02 -23.68 5.53
C LEU A 268 -1.87 -25.18 5.75
N VAL A 269 -2.95 -25.84 6.18
CA VAL A 269 -2.90 -27.28 6.37
C VAL A 269 -2.65 -28.00 5.04
N LYS A 270 -3.33 -27.55 3.98
CA LYS A 270 -3.11 -28.15 2.67
C LYS A 270 -1.67 -27.98 2.21
N THR A 271 -1.12 -26.79 2.40
CA THR A 271 0.28 -26.54 2.02
C THR A 271 1.22 -27.42 2.81
N LEU A 272 0.99 -27.57 4.12
CA LEU A 272 1.87 -28.39 4.93
C LEU A 272 1.79 -29.86 4.52
N LEU A 273 0.58 -30.35 4.24
CA LEU A 273 0.44 -31.74 3.80
C LEU A 273 1.14 -31.97 2.47
N LYS A 274 1.00 -31.02 1.53
CA LYS A 274 1.69 -31.15 0.25
C LYS A 274 3.20 -31.11 0.42
N LEU A 275 3.70 -30.24 1.31
CA LEU A 275 5.14 -30.19 1.56
C LEU A 275 5.65 -31.50 2.16
N LYS A 276 4.90 -32.07 3.10
CA LYS A 276 5.30 -33.37 3.66
C LYS A 276 5.28 -34.46 2.60
N LYS A 277 4.29 -34.43 1.72
CA LYS A 277 4.23 -35.41 0.63
C LYS A 277 5.42 -35.28 -0.30
N ARG A 278 5.80 -34.04 -0.66
CA ARG A 278 6.93 -33.85 -1.55
C ARG A 278 8.23 -34.30 -0.92
N GLY A 279 8.42 -33.99 0.37
CA GLY A 279 9.58 -34.44 1.11
C GLY A 279 10.64 -33.38 1.35
N GLU A 280 10.53 -32.21 0.73
CA GLU A 280 11.55 -31.18 0.90
C GLU A 280 10.95 -29.83 0.55
N VAL A 281 11.61 -28.78 1.03
CA VAL A 281 11.24 -27.40 0.72
C VAL A 281 12.38 -26.76 -0.06
N ARG A 282 12.06 -26.25 -1.24
CA ARG A 282 13.04 -25.59 -2.10
C ARG A 282 12.60 -24.18 -2.39
N THR A 283 13.53 -23.23 -2.29
CA THR A 283 13.19 -21.83 -2.49
C THR A 283 14.43 -21.06 -2.93
N ILE A 284 14.25 -19.76 -3.13
CA ILE A 284 15.28 -18.87 -3.65
C ILE A 284 15.45 -17.71 -2.69
N LEU A 285 16.69 -17.48 -2.23
CA LEU A 285 17.01 -16.40 -1.32
C LEU A 285 18.27 -15.71 -1.81
N GLU A 286 18.18 -14.40 -2.03
CA GLU A 286 19.32 -13.58 -2.43
C GLU A 286 20.01 -14.13 -3.68
N GLY A 287 19.21 -14.62 -4.62
CA GLY A 287 19.76 -15.18 -5.84
C GLY A 287 20.43 -16.52 -5.70
N LYS A 288 20.16 -17.24 -4.61
CA LYS A 288 20.72 -18.56 -4.38
C LYS A 288 19.60 -19.55 -4.09
N ARG A 289 19.69 -20.74 -4.68
CA ARG A 289 18.64 -21.73 -4.54
C ARG A 289 18.99 -22.72 -3.43
N ILE A 290 18.05 -22.94 -2.52
CA ILE A 290 18.27 -23.83 -1.39
C ILE A 290 17.17 -24.89 -1.35
N THR A 291 17.52 -26.05 -0.79
CA THR A 291 16.60 -27.18 -0.69
C THR A 291 16.91 -27.92 0.61
N ILE A 292 15.90 -28.06 1.46
CA ILE A 292 16.08 -28.67 2.78
C ILE A 292 15.03 -29.77 2.99
N PRO A 293 15.41 -30.94 3.52
CA PRO A 293 14.41 -31.99 3.76
C PRO A 293 13.49 -31.64 4.93
N ILE A 294 12.38 -32.38 5.00
CA ILE A 294 11.31 -32.12 5.97
C ILE A 294 10.96 -33.42 6.67
N ASN A 295 10.87 -33.38 8.00
CA ASN A 295 10.51 -34.57 8.78
C ASN A 295 9.91 -34.10 10.11
N PHE A 296 8.58 -34.20 10.23
CA PHE A 296 7.89 -33.85 11.46
C PHE A 296 6.53 -34.54 11.49
N THR A 297 5.81 -34.36 12.59
CA THR A 297 4.50 -34.96 12.80
C THR A 297 3.49 -33.87 13.11
N LEU A 298 2.36 -33.89 12.40
CA LEU A 298 1.39 -32.81 12.43
C LEU A 298 0.16 -33.19 13.25
N ILE A 299 -0.23 -32.28 14.15
CA ILE A 299 -1.45 -32.43 14.94
C ILE A 299 -2.30 -31.19 14.73
N VAL A 300 -3.57 -31.38 14.37
CA VAL A 300 -4.52 -30.29 14.17
C VAL A 300 -5.56 -30.38 15.28
N ASP A 301 -5.55 -29.41 16.19
CA ASP A 301 -6.48 -29.35 17.30
C ASP A 301 -7.59 -28.38 16.92
N THR A 302 -8.84 -28.87 16.85
CA THR A 302 -9.90 -28.02 16.35
C THR A 302 -11.23 -28.38 17.00
N ARG A 303 -12.15 -27.42 16.96
CA ARG A 303 -13.54 -27.62 17.36
C ARG A 303 -14.49 -27.50 16.18
N HIS A 304 -13.98 -27.23 14.98
CA HIS A 304 -14.78 -27.14 13.76
C HIS A 304 -14.17 -28.06 12.71
N PRO A 305 -14.30 -29.39 12.88
CA PRO A 305 -13.62 -30.31 11.97
C PRO A 305 -14.10 -30.21 10.52
N GLU A 306 -15.35 -29.78 10.30
CA GLU A 306 -15.89 -29.74 8.95
C GLU A 306 -15.10 -28.79 8.05
N ARG A 307 -14.34 -27.86 8.62
CA ARG A 307 -13.53 -26.96 7.83
C ARG A 307 -12.41 -27.70 7.08
N TYR A 308 -12.08 -28.92 7.50
CA TYR A 308 -11.01 -29.71 6.89
C TYR A 308 -11.55 -31.01 6.33
N ALA A 309 -12.68 -30.94 5.63
CA ALA A 309 -13.32 -32.15 5.12
C ALA A 309 -12.61 -32.73 3.91
N GLY A 310 -11.96 -31.89 3.10
CA GLY A 310 -11.32 -32.35 1.89
C GLY A 310 -9.93 -32.90 2.04
N LEU A 311 -9.43 -33.02 3.26
CA LEU A 311 -8.08 -33.49 3.52
C LEU A 311 -8.13 -34.81 4.27
N LYS A 312 -7.13 -35.66 4.01
CA LYS A 312 -7.07 -36.99 4.59
C LYS A 312 -6.12 -36.99 5.78
N PHE A 313 -6.63 -37.39 6.94
CA PHE A 313 -5.82 -37.58 8.14
C PHE A 313 -5.94 -39.03 8.58
N PRO A 314 -4.84 -39.78 8.67
CA PRO A 314 -4.95 -41.19 9.05
C PRO A 314 -5.54 -41.42 10.43
N ILE A 315 -5.30 -40.52 11.39
CA ILE A 315 -5.74 -40.71 12.77
C ILE A 315 -6.66 -39.56 13.17
N ARG A 316 -7.84 -39.90 13.67
CA ARG A 316 -8.80 -38.93 14.18
C ARG A 316 -9.18 -39.31 15.60
N ILE A 317 -9.05 -38.35 16.52
CA ILE A 317 -9.38 -38.55 17.93
C ILE A 317 -10.46 -37.56 18.32
N ASN A 318 -11.55 -38.08 18.88
CA ASN A 318 -12.66 -37.26 19.34
C ASN A 318 -12.68 -37.24 20.87
N LEU A 319 -12.70 -36.05 21.45
CA LEU A 319 -12.78 -35.90 22.90
C LEU A 319 -14.15 -35.34 23.26
N PRO A 320 -15.02 -36.11 23.92
CA PRO A 320 -16.38 -35.64 24.17
C PRO A 320 -16.45 -34.84 25.46
N PRO A 321 -17.51 -34.05 25.64
CA PRO A 321 -17.68 -33.31 26.90
C PRO A 321 -17.86 -34.26 28.08
N LEU A 322 -17.41 -33.81 29.25
CA LEU A 322 -17.54 -34.61 30.46
C LEU A 322 -19.00 -34.86 30.80
N ASP A 323 -19.33 -36.08 31.17
CA ASP A 323 -20.66 -36.42 31.63
C ASP A 323 -20.73 -36.19 33.15
N ASP A 324 -21.86 -36.54 33.76
CA ASP A 324 -22.08 -36.23 35.16
C ASP A 324 -21.08 -36.94 36.07
N GLU A 325 -20.92 -38.26 35.87
CA GLU A 325 -20.02 -39.03 36.73
C GLU A 325 -18.57 -38.58 36.56
N THR A 326 -18.14 -38.36 35.31
CA THR A 326 -16.78 -37.90 35.08
C THR A 326 -16.58 -36.49 35.63
N PHE A 327 -17.59 -35.62 35.50
CA PHE A 327 -17.50 -34.28 36.04
C PHE A 327 -17.33 -34.31 37.55
N LEU A 328 -18.12 -35.14 38.24
CA LEU A 328 -17.99 -35.27 39.69
C LEU A 328 -16.63 -35.84 40.07
N LYS A 329 -16.14 -36.82 39.33
CA LYS A 329 -14.84 -37.40 39.63
C LYS A 329 -13.73 -36.38 39.48
N VAL A 330 -13.78 -35.58 38.41
CA VAL A 330 -12.76 -34.55 38.20
C VAL A 330 -12.85 -33.47 39.27
N LEU A 331 -14.07 -33.10 39.66
CA LEU A 331 -14.22 -32.12 40.74
C LEU A 331 -13.63 -32.65 42.04
N GLU A 332 -13.89 -33.92 42.35
CA GLU A 332 -13.33 -34.51 43.57
C GLU A 332 -11.80 -34.55 43.49
N THR A 333 -11.26 -34.88 42.31
CA THR A 333 -9.81 -34.93 42.16
C THR A 333 -9.17 -33.55 42.35
N ASN A 334 -9.78 -32.51 41.78
CA ASN A 334 -9.14 -31.19 41.81
C ASN A 334 -9.39 -30.46 43.13
N LEU A 335 -10.66 -30.33 43.53
CA LEU A 335 -10.97 -29.55 44.72
C LEU A 335 -10.47 -30.23 45.99
N GLY A 336 -10.66 -31.55 46.10
CA GLY A 336 -10.31 -32.28 47.29
C GLY A 336 -11.47 -32.65 48.19
N ILE A 337 -12.71 -32.42 47.75
CA ILE A 337 -13.90 -32.74 48.53
C ILE A 337 -14.83 -33.57 47.65
N THR A 338 -15.85 -34.16 48.28
CA THR A 338 -16.83 -34.97 47.58
C THR A 338 -18.14 -34.20 47.49
N PRO A 339 -18.47 -33.60 46.35
CA PRO A 339 -19.71 -32.82 46.24
C PRO A 339 -20.91 -33.74 46.12
N PRO A 340 -22.09 -33.26 46.48
CA PRO A 340 -23.32 -34.05 46.26
C PRO A 340 -23.65 -34.14 44.78
N THR A 341 -24.59 -35.04 44.47
CA THR A 341 -25.00 -35.23 43.08
C THR A 341 -25.71 -33.99 42.55
N GLU A 342 -26.46 -33.28 43.40
CA GLU A 342 -27.22 -32.12 42.96
C GLU A 342 -26.33 -31.05 42.35
N ILE A 343 -25.04 -31.06 42.68
CA ILE A 343 -24.09 -30.11 42.09
C ILE A 343 -24.13 -30.17 40.57
N VAL A 344 -24.37 -31.34 40.00
CA VAL A 344 -24.36 -31.46 38.55
C VAL A 344 -25.51 -30.69 37.90
N ARG A 345 -26.52 -30.28 38.67
CA ARG A 345 -27.71 -29.66 38.11
C ARG A 345 -27.75 -28.15 38.28
N ILE A 346 -26.66 -27.53 38.76
CA ILE A 346 -26.64 -26.10 38.97
C ILE A 346 -25.61 -25.38 38.11
N PHE A 347 -24.60 -26.06 37.59
CA PHE A 347 -23.59 -25.39 36.78
C PHE A 347 -24.06 -25.27 35.33
N PRO A 348 -23.56 -24.27 34.61
CA PRO A 348 -23.92 -24.13 33.20
C PRO A 348 -23.45 -25.34 32.41
N PRO A 349 -24.19 -25.72 31.37
CA PRO A 349 -23.80 -26.90 30.59
C PRO A 349 -22.42 -26.79 29.94
N ASP A 350 -22.01 -25.59 29.54
CA ASP A 350 -20.74 -25.43 28.86
C ASP A 350 -19.54 -25.42 29.80
N TYR A 351 -19.77 -25.39 31.11
CA TYR A 351 -18.68 -25.40 32.07
C TYR A 351 -18.17 -26.81 32.41
N LYS A 352 -18.77 -27.84 31.82
CA LYS A 352 -18.39 -29.22 32.13
C LYS A 352 -17.25 -29.68 31.22
N THR A 353 -16.16 -28.93 31.28
CA THR A 353 -14.92 -29.29 30.61
C THR A 353 -13.76 -29.15 31.59
N PHE A 354 -12.53 -29.31 31.12
CA PHE A 354 -11.38 -29.17 32.01
C PHE A 354 -11.14 -27.70 32.36
N LEU A 355 -11.27 -26.81 31.38
CA LEU A 355 -11.09 -25.38 31.65
C LEU A 355 -12.13 -24.86 32.64
N GLY A 356 -13.38 -25.30 32.49
CA GLY A 356 -14.39 -24.93 33.46
C GLY A 356 -14.06 -25.42 34.85
N VAL A 357 -13.52 -26.64 34.96
CA VAL A 357 -13.13 -27.17 36.27
C VAL A 357 -12.02 -26.33 36.87
N GLU A 358 -11.04 -25.92 36.05
CA GLU A 358 -9.97 -25.07 36.56
C GLU A 358 -10.50 -23.73 37.05
N LEU A 359 -11.41 -23.11 36.29
CA LEU A 359 -11.99 -21.84 36.73
C LEU A 359 -12.77 -22.01 38.03
N ILE A 360 -13.55 -23.08 38.13
CA ILE A 360 -14.29 -23.37 39.36
C ILE A 360 -13.33 -23.55 40.53
N LYS A 361 -12.21 -24.25 40.29
CA LYS A 361 -11.24 -24.46 41.36
C LYS A 361 -10.64 -23.14 41.83
N ASN A 362 -10.27 -22.25 40.90
CA ASN A 362 -9.71 -20.97 41.29
C ASN A 362 -10.71 -20.14 42.08
N LEU A 363 -11.96 -20.06 41.60
CA LEU A 363 -12.99 -19.30 42.31
C LEU A 363 -13.24 -19.89 43.70
N PHE A 364 -13.29 -21.23 43.79
CA PHE A 364 -13.51 -21.89 45.07
C PHE A 364 -12.37 -21.59 46.04
N GLU A 365 -11.12 -21.62 45.55
CA GLU A 365 -9.99 -21.31 46.42
C GLU A 365 -10.07 -19.88 46.94
N LYS A 366 -10.40 -18.92 46.07
CA LYS A 366 -10.47 -17.54 46.54
C LYS A 366 -11.63 -17.33 47.50
N LEU A 367 -12.78 -17.97 47.26
CA LEU A 367 -13.88 -17.90 48.21
C LEU A 367 -13.49 -18.52 49.56
N LYS A 368 -12.77 -19.64 49.52
CA LYS A 368 -12.29 -20.25 50.76
C LYS A 368 -11.38 -19.30 51.51
N LEU A 369 -10.48 -18.61 50.79
CA LEU A 369 -9.59 -17.67 51.45
C LEU A 369 -10.37 -16.52 52.08
N THR A 370 -11.36 -15.97 51.36
CA THR A 370 -12.09 -14.82 51.88
C THR A 370 -12.95 -15.20 53.08
N GLU A 371 -13.74 -16.26 52.95
CA GLU A 371 -14.70 -16.66 54.00
C GLU A 371 -14.13 -17.84 54.77
N LYS A 372 -13.97 -17.65 56.09
CA LYS A 372 -13.40 -18.66 56.95
C LYS A 372 -14.47 -19.24 57.87
N GLY A 373 -14.44 -20.57 58.04
CA GLY A 373 -15.37 -21.27 58.90
C GLY A 373 -16.56 -21.86 58.19
N LYS A 374 -16.87 -21.39 56.98
CA LYS A 374 -18.00 -21.91 56.23
C LYS A 374 -17.73 -23.32 55.74
N ASP A 375 -18.81 -24.12 55.68
CA ASP A 375 -18.70 -25.45 55.12
C ASP A 375 -18.44 -25.39 53.63
N GLU A 376 -17.66 -26.35 53.13
CA GLU A 376 -17.18 -26.28 51.75
C GLU A 376 -18.31 -26.48 50.73
N VAL A 377 -19.35 -27.23 51.09
CA VAL A 377 -20.47 -27.41 50.17
C VAL A 377 -21.17 -26.08 49.94
N SER A 378 -21.36 -25.29 50.99
CA SER A 378 -21.96 -23.97 50.85
C SER A 378 -21.07 -23.06 50.01
N LEU A 379 -19.76 -23.16 50.17
CA LEU A 379 -18.86 -22.38 49.34
C LEU A 379 -18.96 -22.77 47.87
N LEU A 380 -19.10 -24.07 47.59
CA LEU A 380 -19.26 -24.52 46.21
C LEU A 380 -20.57 -24.00 45.63
N LYS A 381 -21.65 -24.04 46.41
CA LYS A 381 -22.92 -23.50 45.94
C LYS A 381 -22.82 -22.01 45.69
N GLU A 382 -22.12 -21.28 46.57
CA GLU A 382 -21.95 -19.85 46.37
C GLU A 382 -21.15 -19.55 45.11
N ALA A 383 -20.09 -20.33 44.85
CA ALA A 383 -19.32 -20.15 43.63
C ALA A 383 -20.18 -20.43 42.40
N ALA A 384 -21.01 -21.47 42.45
CA ALA A 384 -21.90 -21.75 41.33
C ALA A 384 -22.87 -20.60 41.11
N THR A 385 -23.40 -20.02 42.20
CA THR A 385 -24.29 -18.88 42.07
C THR A 385 -23.57 -17.68 41.46
N ILE A 386 -22.32 -17.45 41.87
CA ILE A 386 -21.55 -16.33 41.33
C ILE A 386 -21.31 -16.51 39.84
N ILE A 387 -20.98 -17.73 39.42
CA ILE A 387 -20.68 -17.99 38.01
C ILE A 387 -21.91 -17.70 37.14
N THR A 388 -23.08 -18.16 37.57
CA THR A 388 -24.29 -18.01 36.77
C THR A 388 -24.82 -16.59 36.73
N GLY A 389 -24.10 -15.62 37.27
CA GLY A 389 -24.56 -14.25 37.25
C GLY A 389 -25.54 -13.88 38.34
N GLY A 390 -25.78 -14.76 39.29
CA GLY A 390 -26.72 -14.48 40.35
C GLY A 390 -28.18 -14.54 39.96
N THR A 391 -28.50 -15.25 38.88
CA THR A 391 -29.88 -15.35 38.42
C THR A 391 -30.68 -16.19 39.41
N PRO A 392 -31.79 -15.67 39.97
CA PRO A 392 -32.62 -16.39 40.94
C PRO A 392 -33.68 -17.26 40.27
N PHE B 17 35.55 7.05 -47.10
CA PHE B 17 34.39 7.87 -46.80
C PHE B 17 34.03 8.77 -47.97
N VAL B 18 32.80 9.27 -47.98
CA VAL B 18 32.35 10.19 -49.02
C VAL B 18 31.24 11.07 -48.43
N VAL B 19 31.25 12.34 -48.83
CA VAL B 19 30.31 13.33 -48.32
C VAL B 19 29.55 13.94 -49.49
N MET B 20 28.22 13.93 -49.39
CA MET B 20 27.35 14.59 -50.35
C MET B 20 26.66 15.76 -49.66
N ALA B 21 26.72 16.94 -50.28
CA ALA B 21 26.10 18.14 -49.76
C ALA B 21 25.03 18.62 -50.75
N GLY B 22 23.81 18.79 -50.25
CA GLY B 22 22.71 19.24 -51.09
C GLY B 22 22.55 20.74 -51.07
N MET B 23 23.03 21.41 -52.11
CA MET B 23 23.01 22.86 -52.19
C MET B 23 21.86 23.34 -53.05
N ARG B 24 21.41 24.56 -52.77
CA ARG B 24 20.31 25.17 -53.51
C ARG B 24 20.75 25.63 -54.90
N ASP B 30 22.86 22.55 -46.13
CA ASP B 30 21.44 22.29 -45.94
C ASP B 30 21.20 20.81 -45.63
N PHE B 31 21.74 19.94 -46.47
CA PHE B 31 21.63 18.49 -46.30
C PHE B 31 23.01 17.87 -46.45
N ILE B 32 23.41 17.04 -45.50
CA ILE B 32 24.72 16.40 -45.50
C ILE B 32 24.53 14.90 -45.33
N LYS B 33 25.12 14.12 -46.23
CA LYS B 33 25.11 12.67 -46.15
C LYS B 33 26.54 12.17 -46.16
N VAL B 34 26.89 11.33 -45.18
CA VAL B 34 28.24 10.84 -45.01
C VAL B 34 28.22 9.32 -45.03
N TYR B 35 29.05 8.72 -45.89
CA TYR B 35 29.25 7.29 -45.94
C TYR B 35 30.66 6.95 -45.50
N ALA B 36 30.78 5.91 -44.67
CA ALA B 36 32.07 5.52 -44.12
C ALA B 36 32.05 4.03 -43.80
N LEU B 37 33.20 3.53 -43.33
CA LEU B 37 33.31 2.11 -43.02
C LEU B 37 32.57 1.76 -41.73
N ASN B 38 32.68 2.60 -40.71
CA ASN B 38 32.11 2.31 -39.39
C ASN B 38 31.42 3.55 -38.85
N GLU B 39 30.82 3.40 -37.66
CA GLU B 39 30.12 4.51 -37.03
C GLU B 39 31.08 5.62 -36.63
N LYS B 40 32.18 5.26 -35.98
CA LYS B 40 33.13 6.27 -35.50
C LYS B 40 33.74 7.05 -36.66
N LEU B 41 34.08 6.36 -37.74
CA LEU B 41 34.63 7.04 -38.91
C LEU B 41 33.62 8.02 -39.51
N ALA B 42 32.35 7.59 -39.60
CA ALA B 42 31.33 8.48 -40.14
C ALA B 42 31.13 9.71 -39.26
N ILE B 43 31.11 9.50 -37.94
CA ILE B 43 30.94 10.63 -37.02
C ILE B 43 32.11 11.60 -37.14
N GLU B 44 33.33 11.06 -37.20
CA GLU B 44 34.51 11.92 -37.33
C GLU B 44 34.49 12.70 -38.64
N VAL B 45 34.11 12.03 -39.74
CA VAL B 45 34.06 12.70 -41.04
C VAL B 45 33.01 13.81 -41.03
N LEU B 46 31.84 13.53 -40.45
CA LEU B 46 30.79 14.54 -40.37
C LEU B 46 31.24 15.74 -39.54
N GLU B 47 31.88 15.48 -38.40
CA GLU B 47 32.37 16.57 -37.56
C GLU B 47 33.43 17.40 -38.28
N ALA B 48 34.35 16.72 -38.99
CA ALA B 48 35.39 17.43 -39.72
C ALA B 48 34.79 18.28 -40.84
N PHE B 49 33.79 17.74 -41.54
CA PHE B 49 33.14 18.51 -42.59
C PHE B 49 32.40 19.72 -42.03
N LEU B 50 31.72 19.54 -40.90
CA LEU B 50 31.02 20.67 -40.27
C LEU B 50 32.00 21.74 -39.82
N LYS B 51 33.13 21.33 -39.23
CA LYS B 51 34.13 22.31 -38.80
C LYS B 51 34.75 23.02 -40.01
N GLU B 52 35.02 22.28 -41.08
CA GLU B 52 35.60 22.88 -42.28
C GLU B 52 34.63 23.87 -42.92
N ASN B 53 33.34 23.54 -42.93
CA ASN B 53 32.33 24.40 -43.55
C ASN B 53 31.93 25.58 -42.67
N ASN B 54 32.49 25.68 -41.46
CA ASN B 54 32.14 26.72 -40.50
C ASN B 54 30.64 26.72 -40.20
N ILE B 55 30.07 25.52 -40.07
CA ILE B 55 28.67 25.33 -39.74
C ILE B 55 28.59 24.66 -38.37
N HIS B 56 27.89 25.30 -37.44
CA HIS B 56 27.79 24.74 -36.10
C HIS B 56 26.93 23.48 -36.11
N PRO B 57 27.28 22.48 -35.28
CA PRO B 57 26.44 21.27 -35.22
C PRO B 57 25.02 21.54 -34.76
N SER B 58 24.80 22.63 -34.01
CA SER B 58 23.46 22.96 -33.54
C SER B 58 22.52 23.39 -34.67
N ASP B 59 23.04 23.63 -35.86
CA ASP B 59 22.23 24.02 -37.01
C ASP B 59 21.72 22.83 -37.80
N PHE B 60 22.00 21.60 -37.36
CA PHE B 60 21.60 20.40 -38.06
C PHE B 60 20.97 19.41 -37.11
N ILE B 61 20.09 18.57 -37.64
CA ILE B 61 19.47 17.48 -36.89
C ILE B 61 19.79 16.17 -37.62
N VAL B 62 20.33 15.20 -36.88
CA VAL B 62 20.63 13.90 -37.45
C VAL B 62 19.30 13.21 -37.75
N ILE B 63 19.02 13.00 -39.03
CA ILE B 63 17.74 12.40 -39.43
C ILE B 63 17.85 10.88 -39.45
N GLN B 64 18.85 10.35 -40.13
CA GLN B 64 19.02 8.91 -40.28
C GLN B 64 20.47 8.54 -39.98
N ARG B 65 20.66 7.32 -39.45
CA ARG B 65 21.99 6.83 -39.12
C ARG B 65 21.95 5.32 -39.04
N GLY B 66 22.95 4.66 -39.59
CA GLY B 66 23.08 3.23 -39.45
C GLY B 66 23.75 2.61 -40.66
N TYR B 67 23.81 1.28 -40.63
CA TYR B 67 24.43 0.53 -41.72
C TYR B 67 23.46 0.36 -42.89
N GLU B 68 24.01 0.32 -44.09
CA GLU B 68 23.23 0.12 -45.30
C GLU B 68 24.00 -0.72 -46.30
N LYS B 74 29.30 -1.09 -57.30
CA LYS B 74 30.76 -1.09 -57.24
C LYS B 74 31.28 0.09 -56.44
N ALA B 75 30.70 1.26 -56.66
CA ALA B 75 31.15 2.47 -55.99
C ALA B 75 29.95 3.39 -55.78
N ILE B 76 30.09 4.29 -54.80
CA ILE B 76 29.06 5.26 -54.47
C ILE B 76 29.48 6.61 -55.04
N THR B 77 28.81 7.03 -56.10
CA THR B 77 29.10 8.29 -56.77
C THR B 77 27.84 9.15 -56.78
N THR B 78 27.99 10.38 -57.28
CA THR B 78 26.82 11.27 -57.41
C THR B 78 25.82 10.72 -58.43
N ARG B 79 26.29 9.97 -59.42
CA ARG B 79 25.39 9.38 -60.40
C ARG B 79 24.64 8.18 -59.84
N SER B 80 25.23 7.45 -58.89
CA SER B 80 24.59 6.27 -58.33
C SER B 80 23.34 6.63 -57.54
N GLU B 81 23.29 7.83 -56.99
CA GLU B 81 22.14 8.29 -56.19
C GLU B 81 21.14 9.03 -57.07
N GLU B 82 20.61 8.32 -58.07
CA GLU B 82 19.67 8.93 -59.00
C GLU B 82 18.37 9.31 -58.30
N GLU B 83 17.82 8.41 -57.49
CA GLU B 83 16.57 8.71 -56.79
C GLU B 83 16.76 9.87 -55.83
N LEU B 84 17.86 9.88 -55.06
CA LEU B 84 18.11 10.97 -54.14
C LEU B 84 18.27 12.29 -54.88
N SER B 85 18.99 12.28 -56.00
CA SER B 85 19.16 13.51 -56.79
C SER B 85 17.82 14.00 -57.32
N ALA B 86 16.97 13.08 -57.79
CA ALA B 86 15.65 13.48 -58.29
C ALA B 86 14.80 14.08 -57.19
N MET B 87 14.81 13.46 -56.00
CA MET B 87 14.03 13.99 -54.89
C MET B 87 14.54 15.36 -54.46
N LEU B 88 15.87 15.55 -54.46
CA LEU B 88 16.43 16.86 -54.17
C LEU B 88 16.03 17.88 -55.22
N GLY B 89 16.03 17.49 -56.48
CA GLY B 89 15.57 18.39 -57.53
C GLY B 89 14.12 18.79 -57.37
N ARG B 90 13.29 17.85 -56.91
CA ARG B 90 11.92 18.20 -56.57
C ARG B 90 11.86 19.19 -55.42
N LEU B 91 12.87 19.18 -54.56
CA LEU B 91 13.00 20.13 -53.47
C LEU B 91 13.82 21.36 -53.84
N GLY B 92 14.24 21.48 -55.10
CA GLY B 92 15.06 22.61 -55.50
C GLY B 92 16.50 22.51 -55.08
N LEU B 93 17.01 21.30 -54.83
CA LEU B 93 18.38 21.09 -54.39
C LEU B 93 19.12 20.23 -55.39
N ARG B 94 20.43 20.45 -55.49
CA ARG B 94 21.31 19.68 -56.36
C ARG B 94 22.16 18.75 -55.53
N LEU B 95 22.22 17.48 -55.93
CA LEU B 95 23.00 16.48 -55.21
C LEU B 95 24.49 16.77 -55.31
N GLY B 99 33.21 13.37 -54.37
CA GLY B 99 34.09 12.25 -54.08
C GLY B 99 33.49 10.91 -54.46
N VAL B 100 34.36 9.92 -54.68
CA VAL B 100 33.95 8.57 -55.05
C VAL B 100 34.49 7.60 -53.99
N LEU B 101 33.62 6.76 -53.46
CA LEU B 101 33.99 5.76 -52.47
C LEU B 101 33.86 4.38 -53.11
N TYR B 102 34.96 3.63 -53.10
CA TYR B 102 34.98 2.30 -53.70
C TYR B 102 34.53 1.26 -52.67
N THR B 103 33.56 0.43 -53.07
CA THR B 103 32.98 -0.58 -52.21
C THR B 103 33.44 -1.99 -52.61
N ASP B 104 34.63 -2.11 -53.18
CA ASP B 104 35.16 -3.41 -53.58
C ASP B 104 35.60 -4.21 -52.36
N LEU B 109 28.02 -0.46 -45.52
CA LEU B 109 28.75 0.70 -44.99
C LEU B 109 27.87 1.53 -44.08
N TYR B 110 28.49 2.25 -43.15
CA TYR B 110 27.74 3.12 -42.25
C TYR B 110 27.42 4.43 -42.94
N GLN B 111 26.25 4.97 -42.65
CA GLN B 111 25.81 6.22 -43.26
C GLN B 111 25.10 7.08 -42.21
N ILE B 112 25.30 8.39 -42.33
CA ILE B 112 24.67 9.39 -41.49
C ILE B 112 24.11 10.48 -42.39
N THR B 113 22.80 10.71 -42.30
CA THR B 113 22.11 11.70 -43.11
C THR B 113 21.46 12.72 -42.17
N ALA B 114 21.81 14.00 -42.35
CA ALA B 114 21.28 15.08 -41.53
C ALA B 114 20.87 16.25 -42.41
N ILE B 115 19.96 17.06 -41.89
CA ILE B 115 19.45 18.23 -42.60
C ILE B 115 19.49 19.43 -41.67
N SER B 116 19.40 20.61 -42.27
CA SER B 116 19.39 21.84 -41.50
C SER B 116 18.05 22.02 -40.79
N ARG B 117 18.04 22.87 -39.77
CA ARG B 117 16.82 23.12 -39.01
C ARG B 117 15.76 23.76 -39.89
N GLU B 118 16.16 24.73 -40.71
CA GLU B 118 15.20 25.40 -41.60
C GLU B 118 14.63 24.44 -42.63
N LEU B 119 15.43 23.49 -43.12
CA LEU B 119 14.91 22.49 -44.04
C LEU B 119 13.87 21.62 -43.37
N PHE B 120 14.12 21.21 -42.12
CA PHE B 120 13.14 20.41 -41.38
C PHE B 120 11.85 21.19 -41.17
N GLU B 121 11.96 22.46 -40.77
CA GLU B 121 10.77 23.27 -40.55
C GLU B 121 10.01 23.51 -41.85
N SER B 122 10.72 23.65 -42.96
CA SER B 122 10.05 23.76 -44.26
C SER B 122 9.36 22.45 -44.63
N LEU B 123 9.96 21.32 -44.28
CA LEU B 123 9.29 20.04 -44.49
C LEU B 123 8.04 19.91 -43.64
N GLN B 124 8.01 20.55 -42.47
CA GLN B 124 6.85 20.44 -41.59
C GLN B 124 5.63 21.12 -42.20
N LYS B 125 5.77 22.35 -42.70
CA LYS B 125 4.66 23.16 -43.14
C LYS B 125 4.88 23.63 -44.57
N GLU B 126 3.76 23.94 -45.25
CA GLU B 126 3.69 24.42 -46.64
C GLU B 126 4.46 23.52 -47.60
N LYS B 127 4.82 22.32 -47.15
CA LYS B 127 5.44 21.29 -48.00
C LYS B 127 4.90 19.91 -47.63
N ARG B 128 3.67 19.85 -47.16
CA ARG B 128 3.13 18.62 -46.59
C ARG B 128 2.69 17.61 -47.64
N GLU B 129 2.54 18.03 -48.90
CA GLU B 129 2.02 17.14 -49.94
C GLU B 129 2.93 17.09 -51.17
N ILE B 130 4.18 17.53 -51.05
CA ILE B 130 5.08 17.47 -52.20
C ILE B 130 5.38 16.03 -52.59
N PHE B 131 5.61 15.17 -51.60
CA PHE B 131 5.92 13.76 -51.85
C PHE B 131 4.68 12.87 -51.79
N GLU B 132 3.49 13.47 -51.76
CA GLU B 132 2.26 12.69 -51.64
C GLU B 132 1.99 11.81 -52.85
N ASP B 133 2.63 12.09 -53.99
CA ASP B 133 2.31 11.39 -55.23
C ASP B 133 2.73 9.92 -55.23
N VAL B 134 3.54 9.49 -54.25
CA VAL B 134 4.01 8.11 -54.22
C VAL B 134 3.14 7.20 -53.36
N GLN B 135 2.03 7.71 -52.84
CA GLN B 135 1.16 6.93 -51.98
C GLN B 135 0.09 6.21 -52.81
N GLU B 136 -0.01 4.90 -52.62
CA GLU B 136 -1.06 4.12 -53.24
C GLU B 136 -2.31 4.16 -52.36
N LYS B 137 -3.40 3.56 -52.84
CA LYS B 137 -4.66 3.53 -52.13
C LYS B 137 -4.93 2.12 -51.60
N ILE B 138 -5.52 2.05 -50.41
CA ILE B 138 -5.75 0.77 -49.77
C ILE B 138 -6.82 0.00 -50.52
N THR B 139 -6.53 -1.26 -50.85
CA THR B 139 -7.46 -2.14 -51.54
C THR B 139 -7.46 -3.49 -50.85
N PHE B 140 -8.59 -4.20 -50.98
CA PHE B 140 -8.77 -5.51 -50.36
C PHE B 140 -8.74 -6.59 -51.43
N ASN B 141 -7.83 -7.55 -51.29
CA ASN B 141 -7.68 -8.65 -52.23
C ASN B 141 -8.07 -9.94 -51.50
N PHE B 142 -9.34 -10.30 -51.63
CA PHE B 142 -9.85 -11.52 -51.00
C PHE B 142 -9.55 -12.78 -51.80
N SER B 143 -8.73 -12.68 -52.84
CA SER B 143 -8.33 -13.84 -53.61
C SER B 143 -7.09 -14.53 -53.06
N LYS B 144 -6.46 -13.96 -52.03
CA LYS B 144 -5.28 -14.56 -51.43
C LYS B 144 -5.60 -15.47 -50.25
N VAL B 145 -6.88 -15.65 -49.93
CA VAL B 145 -7.30 -16.53 -48.83
C VAL B 145 -8.38 -17.46 -49.34
N ASP B 146 -8.53 -18.59 -48.65
CA ASP B 146 -9.48 -19.64 -49.03
C ASP B 146 -10.50 -19.76 -47.89
N LEU B 147 -11.60 -19.04 -48.02
CA LEU B 147 -12.68 -19.02 -47.05
C LEU B 147 -14.00 -19.25 -47.74
N PRO B 148 -15.01 -19.71 -47.02
CA PRO B 148 -16.34 -19.85 -47.61
C PRO B 148 -16.89 -18.50 -48.05
N GLU B 149 -17.77 -18.53 -49.05
CA GLU B 149 -18.29 -17.30 -49.64
C GLU B 149 -19.10 -16.48 -48.64
N LYS B 150 -19.78 -17.14 -47.70
CA LYS B 150 -20.58 -16.43 -46.71
C LYS B 150 -19.72 -15.51 -45.87
N TYR B 151 -18.58 -16.02 -45.39
CA TYR B 151 -17.73 -15.22 -44.52
C TYR B 151 -17.01 -14.14 -45.31
N VAL B 152 -16.67 -14.41 -46.57
CA VAL B 152 -16.08 -13.36 -47.42
C VAL B 152 -17.08 -12.22 -47.58
N LYS B 153 -18.34 -12.54 -47.87
CA LYS B 153 -19.35 -11.50 -48.00
C LYS B 153 -19.54 -10.75 -46.69
N LYS B 154 -19.54 -11.46 -45.56
CA LYS B 154 -19.74 -10.79 -44.28
C LYS B 154 -18.58 -9.87 -43.93
N LEU B 155 -17.35 -10.28 -44.22
CA LEU B 155 -16.17 -9.49 -43.89
C LEU B 155 -15.81 -8.48 -44.96
N ARG B 156 -16.53 -8.44 -46.09
CA ARG B 156 -16.29 -7.39 -47.07
C ARG B 156 -16.57 -5.99 -46.52
N LEU B 157 -17.34 -5.88 -45.43
CA LEU B 157 -17.67 -4.58 -44.88
C LEU B 157 -16.48 -3.85 -44.27
N LEU B 158 -15.34 -4.53 -44.10
CA LEU B 158 -14.17 -3.89 -43.52
C LEU B 158 -13.53 -2.86 -44.45
N GLU B 159 -13.95 -2.80 -45.71
CA GLU B 159 -13.38 -1.85 -46.66
C GLU B 159 -13.97 -0.45 -46.50
N LEU B 160 -15.07 -0.30 -45.76
CA LEU B 160 -15.63 1.02 -45.51
C LEU B 160 -14.77 1.87 -44.60
N MET B 161 -13.83 1.25 -43.86
CA MET B 161 -12.89 1.96 -42.99
C MET B 161 -13.62 2.74 -41.89
N GLU B 162 -14.47 2.02 -41.15
CA GLU B 162 -15.18 2.58 -40.01
C GLU B 162 -14.95 1.69 -38.81
N ASP B 163 -15.11 2.28 -37.62
CA ASP B 163 -14.91 1.52 -36.38
C ASP B 163 -15.85 0.32 -36.33
N THR B 164 -15.30 -0.84 -36.00
CA THR B 164 -16.03 -2.09 -36.16
C THR B 164 -15.92 -2.93 -34.89
N ILE B 165 -17.02 -3.62 -34.57
CA ILE B 165 -17.06 -4.62 -33.50
C ILE B 165 -17.39 -5.96 -34.12
N ILE B 166 -16.57 -6.97 -33.81
CA ILE B 166 -16.69 -8.29 -34.42
C ILE B 166 -17.00 -9.29 -33.32
N PHE B 167 -18.22 -9.83 -33.36
CA PHE B 167 -18.63 -10.95 -32.52
C PHE B 167 -18.07 -12.21 -33.16
N ASN B 168 -16.91 -12.66 -32.69
CA ASN B 168 -16.16 -13.73 -33.34
C ASN B 168 -16.45 -15.06 -32.66
N MET B 169 -17.61 -15.62 -32.98
CA MET B 169 -17.94 -16.97 -32.51
C MET B 169 -17.36 -18.06 -33.39
N ALA B 170 -16.77 -17.71 -34.53
CA ALA B 170 -16.10 -18.67 -35.40
C ALA B 170 -14.62 -18.79 -35.13
N GLU B 171 -14.08 -17.98 -34.22
CA GLU B 171 -12.69 -18.08 -33.77
C GLU B 171 -11.70 -17.98 -34.94
N LEU B 172 -11.94 -17.02 -35.83
CA LEU B 172 -11.02 -16.74 -36.93
C LEU B 172 -10.05 -15.64 -36.52
N GLU B 173 -8.77 -15.84 -36.85
CA GLU B 173 -7.76 -14.86 -36.49
C GLU B 173 -7.78 -13.71 -37.50
N ILE B 174 -8.01 -12.50 -37.00
CA ILE B 174 -8.20 -11.32 -37.83
C ILE B 174 -6.88 -10.71 -38.28
N PRO B 175 -5.87 -10.53 -37.40
CA PRO B 175 -4.65 -9.85 -37.85
C PRO B 175 -3.96 -10.53 -39.02
N ASN B 176 -3.89 -11.86 -39.04
CA ASN B 176 -3.23 -12.56 -40.14
C ASN B 176 -4.03 -12.42 -41.43
N LEU B 177 -5.35 -12.51 -41.36
CA LEU B 177 -6.18 -12.29 -42.54
C LEU B 177 -5.98 -10.90 -43.12
N LEU B 178 -6.00 -9.88 -42.26
CA LEU B 178 -5.83 -8.51 -42.73
C LEU B 178 -4.42 -8.31 -43.27
N LYS B 179 -3.42 -8.96 -42.67
CA LYS B 179 -2.08 -8.89 -43.23
C LYS B 179 -2.02 -9.52 -44.61
N ALA B 180 -2.77 -10.61 -44.81
CA ALA B 180 -2.75 -11.29 -46.11
C ALA B 180 -3.45 -10.48 -47.19
N ILE B 181 -4.62 -9.91 -46.89
CA ILE B 181 -5.45 -9.36 -47.96
C ILE B 181 -5.18 -7.87 -48.24
N VAL B 182 -4.76 -7.10 -47.24
CA VAL B 182 -4.64 -5.66 -47.41
C VAL B 182 -3.40 -5.34 -48.26
N GLU B 183 -3.59 -4.51 -49.28
CA GLU B 183 -2.51 -4.02 -50.12
C GLU B 183 -2.60 -2.51 -50.23
N GLY B 184 -1.46 -1.85 -50.15
CA GLY B 184 -1.40 -0.41 -50.27
C GLY B 184 -0.11 0.11 -49.66
N THR B 185 0.00 1.44 -49.63
CA THR B 185 1.13 2.12 -49.04
C THR B 185 0.67 3.45 -48.45
N VAL B 186 1.32 3.85 -47.35
CA VAL B 186 1.02 5.11 -46.67
C VAL B 186 2.34 5.74 -46.23
N LEU B 187 2.27 7.01 -45.86
CA LEU B 187 3.42 7.77 -45.40
C LEU B 187 3.25 8.12 -43.92
N ILE B 188 4.32 7.95 -43.15
CA ILE B 188 4.29 8.30 -41.73
C ILE B 188 5.53 9.13 -41.42
N PRO B 189 5.48 9.93 -40.35
CA PRO B 189 6.71 10.57 -39.86
C PRO B 189 7.50 9.59 -39.01
N ARG B 190 8.81 9.50 -39.26
CA ARG B 190 9.63 8.55 -38.50
C ARG B 190 9.71 8.96 -37.03
N PHE B 191 9.79 10.26 -36.76
CA PHE B 191 9.76 10.75 -35.39
C PHE B 191 9.20 12.17 -35.39
N LEU B 192 8.74 12.61 -34.22
CA LEU B 192 8.22 13.95 -34.03
C LEU B 192 9.15 14.73 -33.10
N GLU B 193 9.47 15.95 -33.50
CA GLU B 193 10.33 16.85 -32.74
C GLU B 193 9.44 17.93 -32.15
N LYS B 194 9.03 17.74 -30.89
CA LYS B 194 8.08 18.62 -30.23
C LYS B 194 8.72 19.20 -28.99
N GLU B 195 8.91 20.52 -28.98
CA GLU B 195 9.41 21.24 -27.80
C GLU B 195 10.74 20.65 -27.31
N ASP B 196 11.67 20.47 -28.25
CA ASP B 196 13.01 19.93 -28.03
C ASP B 196 12.99 18.45 -27.66
N LEU B 197 11.81 17.85 -27.51
CA LEU B 197 11.70 16.43 -27.22
C LEU B 197 11.53 15.65 -28.51
N ILE B 198 11.93 14.38 -28.47
CA ILE B 198 11.85 13.48 -29.62
C ILE B 198 10.93 12.33 -29.25
N ILE B 199 9.92 12.09 -30.08
CA ILE B 199 8.97 10.99 -29.88
C ILE B 199 9.06 10.07 -31.09
N ARG B 200 9.41 8.81 -30.85
CA ARG B 200 9.55 7.84 -31.93
C ARG B 200 8.18 7.38 -32.40
N ILE B 201 7.95 7.43 -33.70
CA ILE B 201 6.71 6.96 -34.32
C ILE B 201 6.93 5.69 -35.12
N PHE B 202 7.96 5.68 -35.97
CA PHE B 202 8.24 4.51 -36.79
C PHE B 202 8.83 3.39 -35.95
N ASP B 203 8.25 2.20 -36.08
CA ASP B 203 8.70 1.02 -35.36
C ASP B 203 9.05 -0.07 -36.36
N GLU B 204 10.25 -0.62 -36.24
CA GLU B 204 10.72 -1.59 -37.21
C GLU B 204 10.04 -2.94 -37.04
N GLU B 205 9.60 -3.27 -35.83
CA GLU B 205 9.01 -4.58 -35.58
C GLU B 205 7.58 -4.69 -36.10
N LEU B 206 6.84 -3.59 -36.11
CA LEU B 206 5.43 -3.61 -36.48
C LEU B 206 5.16 -3.05 -37.87
N HIS B 207 6.10 -2.35 -38.48
CA HIS B 207 5.91 -1.71 -39.78
C HIS B 207 6.83 -2.34 -40.81
N GLU B 208 6.29 -2.58 -42.01
CA GLU B 208 7.06 -3.10 -43.12
C GLU B 208 7.65 -1.92 -43.90
N TYR B 209 8.97 -1.81 -43.89
CA TYR B 209 9.63 -0.71 -44.58
C TYR B 209 9.53 -0.87 -46.09
N ARG B 210 9.23 0.23 -46.77
CA ARG B 210 9.20 0.25 -48.23
C ARG B 210 10.08 1.34 -48.81
N GLY B 211 10.18 2.49 -48.15
CA GLY B 211 11.05 3.55 -48.63
C GLY B 211 11.20 4.64 -47.59
N SER B 212 12.21 5.48 -47.80
CA SER B 212 12.47 6.61 -46.92
C SER B 212 12.59 7.88 -47.76
N TYR B 213 11.87 8.93 -47.35
CA TYR B 213 11.90 10.22 -48.02
C TYR B 213 12.16 11.28 -46.94
N PHE B 214 13.44 11.57 -46.72
CA PHE B 214 13.88 12.55 -45.74
C PHE B 214 13.34 12.24 -44.34
N ASP B 215 12.37 13.02 -43.88
CA ASP B 215 11.81 12.86 -42.54
C ASP B 215 10.58 11.98 -42.52
N LYS B 216 10.21 11.37 -43.65
CA LYS B 216 9.06 10.50 -43.72
C LYS B 216 9.47 9.10 -44.17
N VAL B 217 8.63 8.13 -43.82
CA VAL B 217 8.84 6.74 -44.20
C VAL B 217 7.59 6.25 -44.91
N LEU B 218 7.77 5.67 -46.10
CA LEU B 218 6.70 5.06 -46.86
C LEU B 218 6.65 3.58 -46.51
N ILE B 219 5.52 3.13 -45.97
CA ILE B 219 5.35 1.77 -45.46
C ILE B 219 4.04 1.21 -45.98
N LYS B 220 3.76 -0.04 -45.59
CA LYS B 220 2.47 -0.64 -45.81
C LYS B 220 1.46 -0.10 -44.79
N PRO B 221 0.16 -0.23 -45.05
CA PRO B 221 -0.83 0.19 -44.06
C PRO B 221 -0.65 -0.57 -42.76
N PRO B 222 -0.37 0.14 -41.66
CA PRO B 222 -0.06 -0.53 -40.40
C PRO B 222 -1.21 -1.40 -39.92
N ILE B 223 -0.86 -2.57 -39.39
CA ILE B 223 -1.81 -3.48 -38.77
C ILE B 223 -1.22 -3.85 -37.42
N ILE B 224 -1.88 -3.43 -36.34
CA ILE B 224 -1.37 -3.63 -34.99
C ILE B 224 -2.40 -4.41 -34.19
N HIS B 225 -1.93 -5.38 -33.42
CA HIS B 225 -2.77 -6.25 -32.62
C HIS B 225 -2.42 -6.07 -31.15
N TRP B 226 -3.44 -6.11 -30.29
CA TRP B 226 -3.24 -6.00 -28.84
C TRP B 226 -4.15 -6.98 -28.14
N ASP B 227 -3.55 -7.92 -27.41
CA ASP B 227 -4.27 -8.94 -26.66
C ASP B 227 -4.17 -8.64 -25.17
N PHE B 228 -5.30 -8.78 -24.48
CA PHE B 228 -5.35 -8.41 -23.06
C PHE B 228 -4.49 -9.31 -22.20
N TYR B 229 -4.45 -10.61 -22.52
CA TYR B 229 -3.75 -11.58 -21.71
C TYR B 229 -2.27 -11.72 -22.05
N LEU B 230 -1.77 -10.95 -23.02
CA LEU B 230 -0.38 -11.05 -23.42
C LEU B 230 0.37 -9.72 -23.37
N ASP B 231 -0.31 -8.59 -23.40
CA ASP B 231 0.32 -7.28 -23.46
C ASP B 231 -0.06 -6.44 -22.25
N SER B 232 0.62 -5.32 -22.09
CA SER B 232 0.47 -4.44 -20.95
C SER B 232 -0.20 -3.14 -21.35
N LEU B 233 -1.00 -2.59 -20.43
CA LEU B 233 -1.67 -1.32 -20.67
C LEU B 233 -0.70 -0.16 -20.84
N GLU B 234 0.53 -0.28 -20.32
CA GLU B 234 1.49 0.80 -20.43
C GLU B 234 1.88 1.07 -21.89
N ASP B 235 1.54 0.18 -22.81
CA ASP B 235 1.72 0.46 -24.22
C ASP B 235 0.95 1.68 -24.68
N PHE B 236 -0.12 2.05 -23.97
CA PHE B 236 -0.92 3.23 -24.31
C PHE B 236 -0.47 4.47 -23.57
N SER B 237 0.82 4.55 -23.20
CA SER B 237 1.37 5.72 -22.54
C SER B 237 2.70 6.07 -23.18
N PHE B 238 3.15 7.31 -22.97
CA PHE B 238 4.42 7.74 -23.52
C PHE B 238 5.57 7.12 -22.72
N LYS B 239 5.96 5.91 -23.10
CA LYS B 239 7.05 5.22 -22.42
C LYS B 239 8.35 6.01 -22.60
N LYS B 240 9.10 6.14 -21.50
CA LYS B 240 10.34 6.89 -21.52
C LYS B 240 11.51 5.96 -21.80
N VAL B 241 12.25 6.26 -22.86
CA VAL B 241 13.47 5.53 -23.19
C VAL B 241 14.71 6.27 -22.71
N GLU B 242 14.74 7.58 -22.88
CA GLU B 242 15.88 8.39 -22.46
C GLU B 242 15.37 9.81 -22.26
N GLU B 243 16.23 10.64 -21.64
CA GLU B 243 15.90 12.05 -21.52
C GLU B 243 15.66 12.65 -22.90
N SER B 244 14.46 13.20 -23.09
CA SER B 244 13.98 13.80 -24.32
C SER B 244 13.69 12.78 -25.41
N ILE B 245 13.85 11.48 -25.15
CA ILE B 245 13.54 10.43 -26.12
C ILE B 245 12.43 9.56 -25.53
N TYR B 246 11.27 9.57 -26.19
CA TYR B 246 10.08 8.85 -25.77
C TYR B 246 9.57 7.98 -26.91
N ILE B 247 8.68 7.07 -26.58
CA ILE B 247 8.03 6.18 -27.56
C ILE B 247 6.54 6.50 -27.56
N ALA B 248 5.99 6.71 -28.76
CA ALA B 248 4.59 7.09 -28.88
C ALA B 248 3.68 5.93 -28.47
N PRO B 249 2.44 6.23 -28.05
CA PRO B 249 1.50 5.16 -27.71
C PRO B 249 1.09 4.32 -28.91
N LEU B 250 0.27 3.30 -28.69
CA LEU B 250 -0.10 2.39 -29.77
C LEU B 250 -0.93 3.10 -30.84
N PHE B 251 -1.88 3.94 -30.43
CA PHE B 251 -2.76 4.57 -31.41
C PHE B 251 -2.07 5.62 -32.26
N LEU B 252 -0.86 6.04 -31.89
CA LEU B 252 -0.07 6.92 -32.74
C LEU B 252 0.82 6.16 -33.71
N ARG B 253 0.97 4.84 -33.55
CA ARG B 253 1.72 4.01 -34.48
C ARG B 253 0.81 3.27 -35.45
N ALA B 254 -0.48 3.57 -35.44
CA ALA B 254 -1.44 2.96 -36.37
C ALA B 254 -2.06 4.02 -37.27
N THR B 255 -1.33 5.10 -37.54
CA THR B 255 -1.85 6.19 -38.35
C THR B 255 -2.10 5.70 -39.78
N GLY B 256 -3.34 5.76 -40.21
CA GLY B 256 -3.73 5.28 -41.53
C GLY B 256 -3.95 3.80 -41.63
N GLY B 257 -3.84 3.06 -40.53
CA GLY B 257 -3.98 1.62 -40.56
C GLY B 257 -5.06 1.09 -39.66
N PHE B 258 -4.84 -0.10 -39.10
CA PHE B 258 -5.82 -0.77 -38.27
C PHE B 258 -5.24 -1.09 -36.90
N LEU B 259 -6.04 -0.86 -35.86
CA LEU B 259 -5.70 -1.25 -34.49
C LEU B 259 -6.76 -2.24 -34.02
N ILE B 260 -6.33 -3.45 -33.68
CA ILE B 260 -7.23 -4.54 -33.32
C ILE B 260 -7.03 -4.85 -31.84
N LEU B 261 -8.13 -4.95 -31.11
CA LEU B 261 -8.10 -5.20 -29.68
C LEU B 261 -8.87 -6.48 -29.39
N THR B 262 -8.22 -7.42 -28.70
CA THR B 262 -8.83 -8.69 -28.33
C THR B 262 -9.20 -8.64 -26.85
N GLU B 263 -10.51 -8.65 -26.57
CA GLU B 263 -11.05 -8.59 -25.22
C GLU B 263 -10.46 -7.47 -24.38
N PRO B 264 -10.58 -6.21 -24.81
CA PRO B 264 -10.03 -5.10 -24.04
C PRO B 264 -10.99 -4.68 -22.95
N PRO B 265 -10.51 -3.99 -21.92
CA PRO B 265 -11.43 -3.41 -20.92
C PRO B 265 -12.27 -2.31 -21.52
N GLU B 266 -13.46 -2.11 -20.93
CA GLU B 266 -14.39 -1.11 -21.44
C GLU B 266 -13.85 0.31 -21.30
N ASP B 267 -13.09 0.57 -20.23
CA ASP B 267 -12.54 1.91 -20.02
C ASP B 267 -11.58 2.31 -21.13
N LEU B 268 -10.75 1.36 -21.58
CA LEU B 268 -9.83 1.65 -22.68
C LEU B 268 -10.59 1.97 -23.96
N VAL B 269 -11.66 1.23 -24.24
CA VAL B 269 -12.47 1.50 -25.43
C VAL B 269 -13.12 2.87 -25.33
N LYS B 270 -13.64 3.21 -24.14
CA LYS B 270 -14.20 4.54 -23.93
C LYS B 270 -13.18 5.62 -24.22
N THR B 271 -11.97 5.47 -23.66
CA THR B 271 -10.93 6.48 -23.85
C THR B 271 -10.55 6.61 -25.31
N LEU B 272 -10.39 5.50 -26.02
CA LEU B 272 -10.01 5.56 -27.43
C LEU B 272 -11.12 6.19 -28.27
N LEU B 273 -12.38 5.84 -28.01
CA LEU B 273 -13.48 6.43 -28.77
C LEU B 273 -13.56 7.94 -28.52
N LYS B 274 -13.38 8.36 -27.27
CA LYS B 274 -13.42 9.79 -26.98
C LYS B 274 -12.24 10.52 -27.62
N LEU B 275 -11.06 9.90 -27.64
CA LEU B 275 -9.92 10.50 -28.32
C LEU B 275 -10.17 10.65 -29.81
N LYS B 276 -10.76 9.62 -30.43
CA LYS B 276 -11.10 9.72 -31.84
C LYS B 276 -12.14 10.81 -32.08
N LYS B 277 -13.11 10.94 -31.17
CA LYS B 277 -14.12 11.98 -31.31
C LYS B 277 -13.50 13.36 -31.23
N ARG B 278 -12.57 13.58 -30.28
CA ARG B 278 -11.96 14.89 -30.14
C ARG B 278 -11.00 15.18 -31.29
N GLY B 279 -10.21 14.18 -31.69
CA GLY B 279 -9.34 14.31 -32.84
C GLY B 279 -7.89 14.60 -32.55
N GLU B 280 -7.51 14.72 -31.28
CA GLU B 280 -6.12 14.98 -30.93
C GLU B 280 -5.88 14.57 -29.49
N VAL B 281 -4.62 14.37 -29.16
CA VAL B 281 -4.19 14.03 -27.80
C VAL B 281 -3.30 15.14 -27.29
N ARG B 282 -3.63 15.69 -26.12
CA ARG B 282 -2.86 16.74 -25.48
C ARG B 282 -2.30 16.17 -24.17
N THR B 283 -1.02 16.44 -23.92
CA THR B 283 -0.40 15.93 -22.71
C THR B 283 0.74 16.85 -22.29
N ILE B 284 1.26 16.60 -21.09
CA ILE B 284 2.32 17.38 -20.49
C ILE B 284 3.48 16.44 -20.19
N LEU B 285 4.66 16.78 -20.70
CA LEU B 285 5.86 15.98 -20.50
C LEU B 285 7.01 16.90 -20.14
N GLU B 286 7.62 16.68 -18.98
CA GLU B 286 8.78 17.45 -18.52
C GLU B 286 8.50 18.95 -18.54
N GLY B 287 7.29 19.33 -18.14
CA GLY B 287 6.92 20.73 -18.10
C GLY B 287 6.59 21.34 -19.44
N LYS B 288 6.45 20.55 -20.49
CA LYS B 288 6.16 21.05 -21.83
C LYS B 288 4.85 20.45 -22.33
N ARG B 289 3.97 21.29 -22.85
CA ARG B 289 2.67 20.85 -23.34
C ARG B 289 2.76 20.52 -24.82
N ILE B 290 2.30 19.33 -25.19
CA ILE B 290 2.34 18.89 -26.57
C ILE B 290 0.96 18.38 -26.99
N THR B 291 0.66 18.52 -28.28
CA THR B 291 -0.60 18.08 -28.86
C THR B 291 -0.31 17.40 -30.19
N ILE B 292 -0.91 16.23 -30.40
CA ILE B 292 -0.68 15.44 -31.61
C ILE B 292 -2.01 14.94 -32.17
N PRO B 293 -2.29 15.13 -33.45
CA PRO B 293 -3.52 14.58 -34.02
C PRO B 293 -3.45 13.07 -34.19
N ILE B 294 -4.62 12.44 -34.21
CA ILE B 294 -4.73 10.99 -34.36
C ILE B 294 -5.63 10.66 -35.53
N ASN B 295 -5.32 9.56 -36.22
CA ASN B 295 -6.12 9.12 -37.36
C ASN B 295 -5.88 7.63 -37.55
N PHE B 296 -6.86 6.81 -37.13
CA PHE B 296 -6.72 5.36 -37.27
C PHE B 296 -8.12 4.74 -37.27
N THR B 297 -8.15 3.44 -37.53
CA THR B 297 -9.37 2.65 -37.51
C THR B 297 -9.30 1.63 -36.39
N LEU B 298 -10.42 1.40 -35.72
CA LEU B 298 -10.48 0.57 -34.53
C LEU B 298 -11.34 -0.66 -34.79
N ILE B 299 -10.81 -1.83 -34.45
CA ILE B 299 -11.54 -3.09 -34.53
C ILE B 299 -11.50 -3.73 -33.16
N VAL B 300 -12.67 -4.09 -32.65
CA VAL B 300 -12.80 -4.75 -31.35
C VAL B 300 -13.30 -6.17 -31.60
N ASP B 301 -12.42 -7.16 -31.36
CA ASP B 301 -12.75 -8.56 -31.55
C ASP B 301 -13.14 -9.16 -30.20
N THR B 302 -14.35 -9.71 -30.11
CA THR B 302 -14.78 -10.20 -28.81
C THR B 302 -15.77 -11.36 -28.98
N ARG B 303 -15.92 -12.13 -27.91
CA ARG B 303 -16.98 -13.13 -27.79
C ARG B 303 -17.97 -12.77 -26.70
N HIS B 304 -17.79 -11.65 -26.00
CA HIS B 304 -18.71 -11.18 -24.97
C HIS B 304 -19.07 -9.74 -25.28
N PRO B 305 -19.92 -9.51 -26.29
CA PRO B 305 -20.25 -8.12 -26.68
C PRO B 305 -20.99 -7.35 -25.60
N GLU B 306 -21.62 -8.03 -24.65
CA GLU B 306 -22.43 -7.33 -23.64
C GLU B 306 -21.60 -6.38 -22.79
N ARG B 307 -20.28 -6.58 -22.72
CA ARG B 307 -19.44 -5.66 -21.98
C ARG B 307 -19.46 -4.26 -22.59
N TYR B 308 -19.69 -4.16 -23.90
CA TYR B 308 -19.65 -2.90 -24.61
C TYR B 308 -21.04 -2.47 -25.08
N ALA B 309 -22.05 -2.72 -24.25
CA ALA B 309 -23.42 -2.37 -24.63
C ALA B 309 -23.67 -0.88 -24.61
N GLY B 310 -22.97 -0.15 -23.75
CA GLY B 310 -23.16 1.29 -23.64
C GLY B 310 -22.45 2.12 -24.69
N LEU B 311 -21.63 1.51 -25.53
CA LEU B 311 -20.89 2.22 -26.56
C LEU B 311 -21.52 1.97 -27.93
N LYS B 312 -21.21 2.86 -28.87
CA LYS B 312 -21.80 2.82 -30.20
C LYS B 312 -20.71 2.63 -31.24
N PHE B 313 -20.85 1.59 -32.05
CA PHE B 313 -19.96 1.32 -33.17
C PHE B 313 -20.76 1.36 -34.47
N PRO B 314 -20.30 2.08 -35.49
CA PRO B 314 -21.05 2.11 -36.75
C PRO B 314 -21.26 0.76 -37.39
N ILE B 315 -20.30 -0.16 -37.29
CA ILE B 315 -20.37 -1.43 -37.97
C ILE B 315 -20.22 -2.57 -36.98
N ARG B 316 -21.12 -3.55 -37.09
CA ARG B 316 -21.08 -4.76 -36.27
C ARG B 316 -21.12 -5.97 -37.19
N ILE B 317 -20.14 -6.86 -37.04
CA ILE B 317 -20.04 -8.07 -37.85
C ILE B 317 -20.14 -9.27 -36.93
N ASN B 318 -21.09 -10.16 -37.21
CA ASN B 318 -21.29 -11.39 -36.45
C ASN B 318 -20.80 -12.57 -37.26
N LEU B 319 -19.90 -13.37 -36.68
CA LEU B 319 -19.42 -14.58 -37.34
C LEU B 319 -20.02 -15.79 -36.64
N PRO B 320 -20.95 -16.50 -37.27
CA PRO B 320 -21.62 -17.62 -36.59
C PRO B 320 -20.75 -18.86 -36.58
N PRO B 321 -21.04 -19.83 -35.71
CA PRO B 321 -20.34 -21.11 -35.77
C PRO B 321 -20.62 -21.82 -37.09
N LEU B 322 -19.65 -22.62 -37.53
CA LEU B 322 -19.78 -23.33 -38.79
C LEU B 322 -20.97 -24.29 -38.75
N ASP B 323 -21.69 -24.35 -39.86
CA ASP B 323 -22.77 -25.31 -40.02
C ASP B 323 -22.22 -26.63 -40.54
N ASP B 324 -23.09 -27.63 -40.67
CA ASP B 324 -22.65 -28.97 -41.01
C ASP B 324 -21.99 -29.00 -42.38
N GLU B 325 -22.62 -28.38 -43.37
CA GLU B 325 -22.06 -28.36 -44.72
C GLU B 325 -20.74 -27.61 -44.76
N THR B 326 -20.68 -26.44 -44.13
CA THR B 326 -19.45 -25.67 -44.10
C THR B 326 -18.37 -26.41 -43.32
N PHE B 327 -18.74 -27.06 -42.22
CA PHE B 327 -17.77 -27.84 -41.46
C PHE B 327 -17.18 -28.97 -42.30
N LEU B 328 -18.03 -29.68 -43.04
CA LEU B 328 -17.55 -30.74 -43.92
C LEU B 328 -16.64 -30.19 -45.01
N LYS B 329 -17.01 -29.05 -45.60
CA LYS B 329 -16.19 -28.46 -46.65
C LYS B 329 -14.82 -28.04 -46.12
N VAL B 330 -14.78 -27.44 -44.93
CA VAL B 330 -13.51 -27.02 -44.35
C VAL B 330 -12.65 -28.23 -43.99
N LEU B 331 -13.27 -29.28 -43.45
CA LEU B 331 -12.54 -30.50 -43.15
C LEU B 331 -11.95 -31.11 -44.43
N GLU B 332 -12.74 -31.14 -45.50
CA GLU B 332 -12.23 -31.67 -46.77
C GLU B 332 -11.08 -30.81 -47.30
N THR B 333 -11.19 -29.50 -47.15
CA THR B 333 -10.14 -28.60 -47.62
C THR B 333 -8.84 -28.82 -46.84
N ASN B 334 -8.95 -29.01 -45.52
CA ASN B 334 -7.74 -29.08 -44.69
C ASN B 334 -7.12 -30.48 -44.70
N LEU B 335 -7.90 -31.50 -44.37
CA LEU B 335 -7.35 -32.85 -44.22
C LEU B 335 -6.85 -33.41 -45.55
N GLY B 336 -7.53 -33.08 -46.65
CA GLY B 336 -7.22 -33.67 -47.94
C GLY B 336 -8.00 -34.91 -48.28
N ILE B 337 -8.95 -35.31 -47.44
CA ILE B 337 -9.81 -36.45 -47.71
C ILE B 337 -11.24 -35.97 -47.81
N THR B 338 -12.18 -36.88 -48.06
CA THR B 338 -13.60 -36.57 -48.15
C THR B 338 -14.31 -37.27 -46.99
N PRO B 339 -14.44 -36.60 -45.84
CA PRO B 339 -15.08 -37.23 -44.68
C PRO B 339 -16.54 -37.54 -44.97
N PRO B 340 -17.07 -38.62 -44.40
CA PRO B 340 -18.49 -38.93 -44.57
C PRO B 340 -19.35 -38.12 -43.60
N THR B 341 -20.66 -38.34 -43.71
CA THR B 341 -21.61 -37.52 -42.95
C THR B 341 -21.65 -37.88 -41.47
N GLU B 342 -21.25 -39.11 -41.12
CA GLU B 342 -21.43 -39.57 -39.75
C GLU B 342 -20.71 -38.68 -38.74
N ILE B 343 -19.47 -38.29 -39.05
CA ILE B 343 -18.69 -37.47 -38.13
C ILE B 343 -19.31 -36.11 -37.89
N VAL B 344 -20.41 -35.78 -38.58
CA VAL B 344 -21.17 -34.58 -38.25
C VAL B 344 -21.70 -34.66 -36.83
N ARG B 345 -22.22 -35.82 -36.45
CA ARG B 345 -22.79 -36.02 -35.12
C ARG B 345 -21.87 -36.80 -34.19
N ILE B 346 -20.57 -36.67 -34.35
CA ILE B 346 -19.59 -37.32 -33.49
C ILE B 346 -18.78 -36.28 -32.71
N PHE B 347 -18.27 -35.26 -33.39
CA PHE B 347 -17.47 -34.24 -32.73
C PHE B 347 -18.34 -33.40 -31.79
N PRO B 348 -17.75 -32.88 -30.71
CA PRO B 348 -18.52 -32.03 -29.81
C PRO B 348 -18.91 -30.73 -30.49
N PRO B 349 -20.02 -30.10 -30.08
CA PRO B 349 -20.48 -28.90 -30.78
C PRO B 349 -19.49 -27.75 -30.79
N ASP B 350 -18.72 -27.57 -29.72
CA ASP B 350 -17.85 -26.41 -29.61
C ASP B 350 -16.63 -26.48 -30.52
N TYR B 351 -16.32 -27.64 -31.09
CA TYR B 351 -15.16 -27.79 -31.96
C TYR B 351 -15.44 -27.39 -33.40
N LYS B 352 -16.66 -26.97 -33.71
CA LYS B 352 -17.03 -26.60 -35.08
C LYS B 352 -16.66 -25.15 -35.38
N THR B 353 -15.37 -24.85 -35.22
CA THR B 353 -14.80 -23.56 -35.56
C THR B 353 -13.54 -23.80 -36.38
N PHE B 354 -12.81 -22.73 -36.69
CA PHE B 354 -11.57 -22.87 -37.44
C PHE B 354 -10.45 -23.43 -36.58
N LEU B 355 -10.34 -22.95 -35.33
CA LEU B 355 -9.34 -23.46 -34.41
C LEU B 355 -9.59 -24.95 -34.10
N GLY B 356 -10.85 -25.31 -33.93
CA GLY B 356 -11.17 -26.72 -33.74
C GLY B 356 -10.77 -27.57 -34.91
N VAL B 357 -10.98 -27.07 -36.13
CA VAL B 357 -10.57 -27.80 -37.33
C VAL B 357 -9.06 -27.95 -37.37
N GLU B 358 -8.32 -26.91 -36.98
CA GLU B 358 -6.87 -27.02 -36.95
C GLU B 358 -6.41 -28.07 -35.94
N LEU B 359 -7.02 -28.08 -34.75
CA LEU B 359 -6.66 -29.09 -33.76
C LEU B 359 -6.98 -30.49 -34.25
N ILE B 360 -8.14 -30.66 -34.89
CA ILE B 360 -8.51 -31.95 -35.46
C ILE B 360 -7.49 -32.38 -36.51
N LYS B 361 -7.05 -31.44 -37.35
CA LYS B 361 -6.06 -31.75 -38.38
C LYS B 361 -4.75 -32.21 -37.75
N ASN B 362 -4.28 -31.51 -36.72
CA ASN B 362 -3.02 -31.89 -36.10
C ASN B 362 -3.11 -33.28 -35.45
N LEU B 363 -4.20 -33.53 -34.73
CA LEU B 363 -4.37 -34.84 -34.10
C LEU B 363 -4.48 -35.95 -35.13
N PHE B 364 -5.22 -35.70 -36.22
CA PHE B 364 -5.36 -36.68 -37.28
C PHE B 364 -4.02 -36.97 -37.95
N GLU B 365 -3.21 -35.93 -38.17
CA GLU B 365 -1.89 -36.14 -38.75
C GLU B 365 -1.01 -36.98 -37.85
N LYS B 366 -1.02 -36.71 -36.55
CA LYS B 366 -0.19 -37.50 -35.64
C LYS B 366 -0.67 -38.95 -35.57
N LEU B 367 -1.99 -39.16 -35.54
CA LEU B 367 -2.51 -40.52 -35.55
C LEU B 367 -2.13 -41.25 -36.83
N LYS B 368 -2.19 -40.56 -37.97
CA LYS B 368 -1.75 -41.15 -39.22
C LYS B 368 -0.27 -41.52 -39.16
N LEU B 369 0.53 -40.66 -38.53
CA LEU B 369 1.97 -40.95 -38.39
C LEU B 369 2.19 -42.20 -37.54
N THR B 370 1.44 -42.37 -36.46
CA THR B 370 1.69 -43.49 -35.56
C THR B 370 1.09 -44.79 -36.08
N GLU B 371 -0.24 -44.85 -36.23
CA GLU B 371 -0.93 -46.07 -36.63
C GLU B 371 -0.92 -46.18 -38.15
N LYS B 372 0.23 -46.59 -38.68
CA LYS B 372 0.38 -46.75 -40.11
C LYS B 372 -0.43 -47.94 -40.62
N GLY B 373 -1.02 -47.80 -41.80
CA GLY B 373 -1.78 -48.84 -42.43
C GLY B 373 -3.28 -48.75 -42.25
N LYS B 374 -3.75 -48.00 -41.25
CA LYS B 374 -5.18 -47.86 -41.02
C LYS B 374 -5.80 -46.94 -42.06
N ASP B 375 -7.10 -47.14 -42.28
CA ASP B 375 -7.83 -46.28 -43.22
C ASP B 375 -8.07 -44.91 -42.61
N GLU B 376 -8.39 -43.95 -43.49
CA GLU B 376 -8.50 -42.56 -43.05
C GLU B 376 -9.75 -42.32 -42.22
N VAL B 377 -10.87 -42.93 -42.58
CA VAL B 377 -12.11 -42.71 -41.84
C VAL B 377 -11.99 -43.26 -40.42
N SER B 378 -11.34 -44.43 -40.28
CA SER B 378 -11.13 -44.99 -38.94
C SER B 378 -10.23 -44.08 -38.10
N LEU B 379 -9.20 -43.51 -38.72
CA LEU B 379 -8.33 -42.58 -38.01
C LEU B 379 -9.09 -41.33 -37.59
N LEU B 380 -9.98 -40.83 -38.45
CA LEU B 380 -10.80 -39.68 -38.10
C LEU B 380 -11.72 -40.00 -36.93
N LYS B 381 -12.33 -41.18 -36.93
CA LYS B 381 -13.17 -41.59 -35.82
C LYS B 381 -12.37 -41.73 -34.53
N GLU B 382 -11.15 -42.28 -34.62
CA GLU B 382 -10.29 -42.38 -33.45
C GLU B 382 -9.93 -41.02 -32.91
N ALA B 383 -9.61 -40.07 -33.79
CA ALA B 383 -9.28 -38.71 -33.35
C ALA B 383 -10.48 -38.06 -32.68
N ALA B 384 -11.68 -38.25 -33.25
CA ALA B 384 -12.88 -37.69 -32.64
C ALA B 384 -13.13 -38.29 -31.26
N THR B 385 -12.90 -39.60 -31.12
CA THR B 385 -13.07 -40.24 -29.82
C THR B 385 -12.05 -39.72 -28.81
N ILE B 386 -10.81 -39.51 -29.25
CA ILE B 386 -9.78 -38.99 -28.36
C ILE B 386 -10.09 -37.58 -27.92
N ILE B 387 -10.58 -36.73 -28.84
CA ILE B 387 -10.83 -35.33 -28.52
C ILE B 387 -11.87 -35.21 -27.41
N THR B 388 -12.95 -35.97 -27.51
CA THR B 388 -13.98 -35.97 -26.48
C THR B 388 -13.51 -36.82 -25.30
N GLY B 389 -14.43 -37.14 -24.40
CA GLY B 389 -14.09 -38.02 -23.29
C GLY B 389 -13.62 -39.38 -23.78
N GLY B 390 -12.93 -40.09 -22.88
CA GLY B 390 -12.36 -41.37 -23.25
C GLY B 390 -13.38 -42.39 -23.71
N THR B 391 -14.63 -42.23 -23.27
CA THR B 391 -15.71 -43.09 -23.72
C THR B 391 -17.01 -42.30 -23.85
N PHE C 17 49.19 -26.68 -13.52
CA PHE C 17 48.12 -26.34 -14.46
C PHE C 17 48.41 -26.88 -15.85
N VAL C 18 47.37 -27.29 -16.56
CA VAL C 18 47.51 -27.83 -17.91
C VAL C 18 46.46 -27.17 -18.81
N VAL C 19 46.90 -26.68 -19.97
CA VAL C 19 46.02 -25.97 -20.89
C VAL C 19 45.96 -26.75 -22.21
N MET C 20 44.75 -26.92 -22.73
CA MET C 20 44.53 -27.50 -24.04
C MET C 20 44.00 -26.41 -24.96
N ALA C 21 44.63 -26.27 -26.13
CA ALA C 21 44.28 -25.24 -27.10
C ALA C 21 43.87 -25.91 -28.39
N GLY C 22 42.61 -25.74 -28.77
CA GLY C 22 42.10 -26.22 -30.04
C GLY C 22 42.11 -25.12 -31.07
N MET C 23 42.95 -25.28 -32.09
CA MET C 23 43.14 -24.30 -33.14
C MET C 23 42.76 -24.90 -34.48
N ARG C 24 42.56 -24.02 -35.46
CA ARG C 24 42.18 -24.43 -36.81
C ARG C 24 43.44 -24.80 -37.59
N LYS C 25 43.28 -25.14 -38.87
CA LYS C 25 44.43 -25.52 -39.69
C LYS C 25 45.38 -24.36 -39.96
N ASP C 26 44.89 -23.12 -39.85
CA ASP C 26 45.72 -21.95 -40.08
C ASP C 26 46.39 -21.44 -38.81
N GLY C 27 46.23 -22.13 -37.68
CA GLY C 27 46.84 -21.74 -36.43
C GLY C 27 46.00 -20.86 -35.54
N THR C 28 44.83 -20.42 -36.01
CA THR C 28 43.97 -19.57 -35.18
C THR C 28 43.32 -20.39 -34.08
N ILE C 29 43.66 -20.08 -32.83
CA ILE C 29 43.13 -20.80 -31.69
C ILE C 29 41.71 -20.34 -31.41
N ASP C 30 40.79 -21.30 -31.29
CA ASP C 30 39.40 -20.99 -31.03
C ASP C 30 38.83 -21.63 -29.78
N PHE C 31 39.48 -22.67 -29.24
CA PHE C 31 38.99 -23.38 -28.06
C PHE C 31 40.07 -23.39 -26.99
N ILE C 32 39.70 -23.06 -25.76
CA ILE C 32 40.64 -23.04 -24.64
C ILE C 32 40.04 -23.86 -23.51
N LYS C 33 40.85 -24.75 -22.93
CA LYS C 33 40.41 -25.61 -21.82
C LYS C 33 41.54 -25.62 -20.78
N VAL C 34 41.34 -24.91 -19.68
CA VAL C 34 42.39 -24.75 -18.67
C VAL C 34 42.03 -25.57 -17.43
N TYR C 35 43.04 -26.26 -16.89
CA TYR C 35 42.94 -27.02 -15.65
C TYR C 35 43.92 -26.46 -14.64
N ALA C 36 43.45 -26.23 -13.42
CA ALA C 36 44.30 -25.65 -12.37
C ALA C 36 43.77 -26.09 -11.02
N LEU C 37 44.61 -25.90 -10.00
CA LEU C 37 44.26 -26.36 -8.65
C LEU C 37 43.12 -25.54 -8.07
N ASN C 38 43.11 -24.23 -8.29
CA ASN C 38 42.10 -23.36 -7.72
C ASN C 38 41.66 -22.35 -8.77
N GLU C 39 40.69 -21.50 -8.38
CA GLU C 39 40.14 -20.51 -9.31
C GLU C 39 41.15 -19.42 -9.63
N LYS C 40 41.90 -18.94 -8.64
CA LYS C 40 42.83 -17.85 -8.86
C LYS C 40 43.94 -18.26 -9.83
N LEU C 41 44.51 -19.45 -9.63
CA LEU C 41 45.50 -19.96 -10.56
C LEU C 41 44.90 -20.15 -11.94
N ALA C 42 43.65 -20.62 -12.01
CA ALA C 42 42.99 -20.83 -13.30
C ALA C 42 42.85 -19.52 -14.07
N ILE C 43 42.38 -18.47 -13.40
CA ILE C 43 42.17 -17.20 -14.10
C ILE C 43 43.51 -16.57 -14.46
N GLU C 44 44.52 -16.70 -13.59
CA GLU C 44 45.84 -16.18 -13.93
C GLU C 44 46.42 -16.89 -15.15
N VAL C 45 46.27 -18.21 -15.22
CA VAL C 45 46.78 -18.96 -16.35
C VAL C 45 46.00 -18.62 -17.61
N LEU C 46 44.68 -18.44 -17.51
CA LEU C 46 43.89 -18.07 -18.66
C LEU C 46 44.31 -16.71 -19.21
N GLU C 47 44.52 -15.74 -18.32
CA GLU C 47 44.97 -14.42 -18.78
C GLU C 47 46.37 -14.47 -19.37
N ALA C 48 47.26 -15.28 -18.78
CA ALA C 48 48.60 -15.43 -19.35
C ALA C 48 48.53 -16.05 -20.73
N PHE C 49 47.67 -17.05 -20.92
CA PHE C 49 47.50 -17.67 -22.23
C PHE C 49 46.95 -16.68 -23.24
N LEU C 50 45.96 -15.87 -22.82
CA LEU C 50 45.37 -14.89 -23.73
C LEU C 50 46.38 -13.83 -24.14
N LYS C 51 47.18 -13.34 -23.19
CA LYS C 51 48.18 -12.33 -23.51
C LYS C 51 49.31 -12.91 -24.35
N GLU C 52 49.72 -14.15 -24.07
CA GLU C 52 50.86 -14.75 -24.75
C GLU C 52 50.58 -14.95 -26.24
N ASN C 53 49.32 -15.17 -26.61
CA ASN C 53 48.94 -15.35 -28.01
C ASN C 53 48.35 -14.10 -28.64
N ASN C 54 48.43 -12.96 -27.95
CA ASN C 54 47.88 -11.69 -28.44
C ASN C 54 46.40 -11.83 -28.79
N ILE C 55 45.65 -12.50 -27.92
CA ILE C 55 44.22 -12.72 -28.11
C ILE C 55 43.46 -11.81 -27.15
N HIS C 56 42.56 -11.00 -27.69
CA HIS C 56 41.75 -10.13 -26.85
C HIS C 56 40.75 -10.97 -26.06
N PRO C 57 40.73 -10.85 -24.72
CA PRO C 57 39.77 -11.66 -23.95
C PRO C 57 38.32 -11.39 -24.27
N SER C 58 38.00 -10.23 -24.85
CA SER C 58 36.62 -9.93 -25.23
C SER C 58 36.10 -10.86 -26.31
N ASP C 59 36.98 -11.54 -27.04
CA ASP C 59 36.58 -12.44 -28.11
C ASP C 59 36.22 -13.83 -27.64
N PHE C 60 36.42 -14.13 -26.35
CA PHE C 60 36.14 -15.45 -25.80
C PHE C 60 35.13 -15.32 -24.66
N ILE C 61 34.08 -16.13 -24.70
CA ILE C 61 33.04 -16.16 -23.69
C ILE C 61 33.11 -17.49 -22.95
N VAL C 62 33.18 -17.43 -21.63
CA VAL C 62 33.24 -18.66 -20.82
C VAL C 62 31.90 -19.36 -20.86
N ILE C 63 31.91 -20.65 -21.21
CA ILE C 63 30.69 -21.43 -21.30
C ILE C 63 30.55 -22.43 -20.15
N GLN C 64 31.63 -22.77 -19.46
CA GLN C 64 31.56 -23.76 -18.39
C GLN C 64 32.79 -23.62 -17.50
N ARG C 65 32.61 -23.89 -16.22
CA ARG C 65 33.71 -23.89 -15.26
C ARG C 65 33.26 -24.57 -13.98
N GLY C 66 34.22 -25.14 -13.27
CA GLY C 66 33.93 -25.67 -11.95
C GLY C 66 34.82 -26.85 -11.61
N TYR C 67 34.38 -27.61 -10.62
CA TYR C 67 35.10 -28.77 -10.11
C TYR C 67 34.64 -30.05 -10.80
N GLU C 68 35.37 -31.12 -10.55
CA GLU C 68 34.97 -32.47 -10.96
C GLU C 68 35.78 -33.51 -10.19
N LYS C 73 42.52 -40.61 -13.24
CA LYS C 73 43.52 -40.23 -14.23
C LYS C 73 44.88 -39.98 -13.59
N LYS C 74 45.86 -40.82 -13.92
CA LYS C 74 47.22 -40.57 -13.45
C LYS C 74 47.76 -39.26 -14.02
N ALA C 75 47.51 -39.00 -15.31
CA ALA C 75 47.93 -37.78 -15.95
C ALA C 75 46.86 -37.34 -16.95
N ILE C 76 46.80 -36.04 -17.21
CA ILE C 76 45.84 -35.46 -18.12
C ILE C 76 46.62 -34.95 -19.33
N THR C 77 46.67 -35.75 -20.38
CA THR C 77 47.34 -35.41 -21.63
C THR C 77 46.32 -35.51 -22.77
N THR C 78 46.81 -35.40 -24.01
CA THR C 78 45.94 -35.58 -25.16
C THR C 78 45.35 -36.98 -25.20
N ARG C 79 46.16 -37.98 -24.86
CA ARG C 79 45.67 -39.36 -24.85
C ARG C 79 44.65 -39.60 -23.75
N SER C 80 44.65 -38.78 -22.69
CA SER C 80 43.63 -38.90 -21.67
C SER C 80 42.31 -38.29 -22.12
N GLU C 81 42.36 -37.20 -22.89
CA GLU C 81 41.16 -36.53 -23.37
C GLU C 81 40.83 -36.99 -24.79
N GLU C 82 40.39 -38.24 -24.87
CA GLU C 82 40.04 -38.81 -26.17
C GLU C 82 38.73 -38.25 -26.70
N GLU C 83 37.72 -38.14 -25.83
CA GLU C 83 36.41 -37.66 -26.26
C GLU C 83 36.48 -36.21 -26.70
N LEU C 84 37.21 -35.38 -25.97
CA LEU C 84 37.39 -33.99 -26.38
C LEU C 84 38.09 -33.89 -27.72
N SER C 85 39.12 -34.73 -27.93
CA SER C 85 39.81 -34.73 -29.21
C SER C 85 38.88 -35.14 -30.36
N ALA C 86 38.05 -36.15 -30.13
CA ALA C 86 37.12 -36.58 -31.17
C ALA C 86 36.10 -35.49 -31.48
N MET C 87 35.57 -34.84 -30.44
CA MET C 87 34.59 -33.77 -30.66
C MET C 87 35.21 -32.59 -31.39
N LEU C 88 36.45 -32.23 -31.05
CA LEU C 88 37.14 -31.18 -31.77
C LEU C 88 37.39 -31.58 -33.21
N GLY C 89 37.74 -32.84 -33.45
CA GLY C 89 37.88 -33.32 -34.82
C GLY C 89 36.60 -33.22 -35.61
N ARG C 90 35.47 -33.47 -34.96
CA ARG C 90 34.17 -33.24 -35.61
C ARG C 90 34.01 -31.76 -35.96
N LEU C 91 34.59 -30.87 -35.17
CA LEU C 91 34.57 -29.44 -35.44
C LEU C 91 35.78 -28.98 -36.26
N GLY C 92 36.64 -29.90 -36.69
CA GLY C 92 37.81 -29.53 -37.44
C GLY C 92 38.87 -28.81 -36.65
N LEU C 93 39.12 -29.22 -35.42
CA LEU C 93 40.14 -28.62 -34.57
C LEU C 93 41.08 -29.70 -34.04
N ARG C 94 42.32 -29.31 -33.77
CA ARG C 94 43.33 -30.23 -33.25
C ARG C 94 43.53 -29.99 -31.75
N LEU C 95 43.65 -31.09 -31.00
CA LEU C 95 43.85 -31.04 -29.57
C LEU C 95 45.33 -31.24 -29.25
N VAL C 96 45.89 -30.31 -28.47
CA VAL C 96 47.27 -30.38 -28.04
C VAL C 96 47.32 -30.19 -26.53
N SER C 97 48.42 -30.64 -25.93
CA SER C 97 48.65 -30.52 -24.50
C SER C 97 49.95 -29.75 -24.26
N ASN C 98 49.85 -28.64 -23.53
CA ASN C 98 51.04 -27.85 -23.21
C ASN C 98 51.91 -28.52 -22.18
N GLY C 99 51.32 -29.27 -21.24
CA GLY C 99 52.09 -29.93 -20.22
C GLY C 99 51.37 -31.13 -19.67
N VAL C 100 51.96 -31.72 -18.64
CA VAL C 100 51.44 -32.94 -18.01
C VAL C 100 51.39 -32.73 -16.51
N LEU C 101 50.29 -33.15 -15.89
CA LEU C 101 50.14 -33.11 -14.45
C LEU C 101 50.19 -34.53 -13.89
N TYR C 102 50.70 -34.65 -12.67
CA TYR C 102 50.83 -35.94 -11.99
C TYR C 102 49.90 -35.96 -10.79
N THR C 103 49.06 -36.98 -10.71
CA THR C 103 48.11 -37.11 -9.61
C THR C 103 48.36 -38.40 -8.83
N LEU C 109 39.83 -30.19 -8.14
CA LEU C 109 40.45 -29.68 -9.36
C LEU C 109 39.48 -28.77 -10.11
N TYR C 110 39.97 -27.59 -10.48
CA TYR C 110 39.16 -26.57 -11.14
C TYR C 110 39.46 -26.55 -12.63
N GLN C 111 38.41 -26.40 -13.44
CA GLN C 111 38.57 -26.30 -14.89
C GLN C 111 37.69 -25.19 -15.44
N ILE C 112 38.16 -24.59 -16.53
CA ILE C 112 37.44 -23.53 -17.23
C ILE C 112 37.49 -23.80 -18.72
N THR C 113 36.37 -23.56 -19.41
CA THR C 113 36.24 -23.77 -20.85
C THR C 113 35.84 -22.45 -21.51
N ALA C 114 36.46 -22.14 -22.64
CA ALA C 114 36.12 -20.93 -23.39
C ALA C 114 36.22 -21.21 -24.89
N ILE C 115 35.36 -20.55 -25.65
CA ILE C 115 35.39 -20.62 -27.10
C ILE C 115 35.35 -19.20 -27.66
N SER C 116 35.87 -19.03 -28.88
CA SER C 116 35.89 -17.72 -29.49
C SER C 116 34.48 -17.28 -29.88
N ARG C 117 34.31 -15.96 -30.03
CA ARG C 117 32.99 -15.40 -30.30
C ARG C 117 32.46 -15.87 -31.66
N GLU C 118 33.28 -15.77 -32.71
CA GLU C 118 32.82 -16.13 -34.04
C GLU C 118 32.53 -17.63 -34.13
N LEU C 119 33.28 -18.45 -33.40
CA LEU C 119 32.96 -19.87 -33.32
C LEU C 119 31.60 -20.08 -32.67
N PHE C 120 31.29 -19.29 -31.64
CA PHE C 120 29.99 -19.36 -30.99
C PHE C 120 28.88 -18.98 -31.97
N GLU C 121 29.09 -17.93 -32.76
CA GLU C 121 28.10 -17.55 -33.76
C GLU C 121 27.91 -18.64 -34.80
N SER C 122 29.01 -19.24 -35.26
CA SER C 122 28.92 -20.33 -36.24
C SER C 122 28.17 -21.53 -35.66
N LEU C 123 28.40 -21.83 -34.38
CA LEU C 123 27.65 -22.89 -33.72
C LEU C 123 26.17 -22.54 -33.66
N GLN C 124 25.85 -21.28 -33.40
CA GLN C 124 24.45 -20.87 -33.34
C GLN C 124 23.77 -21.02 -34.69
N LYS C 125 24.44 -20.61 -35.76
CA LYS C 125 23.80 -20.54 -37.08
C LYS C 125 24.33 -21.57 -38.07
N GLU C 126 25.64 -21.57 -38.32
CA GLU C 126 26.20 -22.46 -39.35
C GLU C 126 26.17 -23.91 -38.91
N LYS C 127 26.90 -24.24 -37.84
CA LYS C 127 26.99 -25.61 -37.35
C LYS C 127 25.97 -25.83 -36.23
N ARG C 128 24.71 -25.95 -36.64
CA ARG C 128 23.61 -26.10 -35.70
C ARG C 128 23.27 -27.55 -35.39
N GLU C 129 23.02 -28.36 -36.42
CA GLU C 129 22.60 -29.75 -36.25
C GLU C 129 23.76 -30.73 -36.41
N ILE C 130 24.96 -30.35 -36.00
CA ILE C 130 26.11 -31.24 -36.15
C ILE C 130 25.97 -32.46 -35.24
N PHE C 131 25.52 -32.25 -34.00
CA PHE C 131 25.43 -33.31 -33.01
C PHE C 131 24.01 -33.86 -32.86
N GLU C 132 23.19 -33.73 -33.92
CA GLU C 132 21.82 -34.22 -33.87
C GLU C 132 21.77 -35.74 -33.74
N ASP C 133 22.78 -36.44 -34.24
CA ASP C 133 22.77 -37.90 -34.23
C ASP C 133 22.77 -38.48 -32.83
N VAL C 134 23.12 -37.69 -31.82
CA VAL C 134 23.18 -38.21 -30.45
C VAL C 134 21.78 -38.25 -29.81
N GLN C 135 20.87 -37.38 -30.24
CA GLN C 135 19.55 -37.31 -29.64
C GLN C 135 18.78 -38.60 -29.88
N GLU C 136 18.41 -39.28 -28.80
CA GLU C 136 17.61 -40.49 -28.88
C GLU C 136 16.14 -40.12 -29.11
N LYS C 137 15.27 -41.13 -29.10
CA LYS C 137 13.85 -40.94 -29.35
C LYS C 137 13.07 -41.19 -28.07
N ILE C 138 12.13 -40.30 -27.77
CA ILE C 138 11.35 -40.42 -26.54
C ILE C 138 10.42 -41.63 -26.66
N THR C 139 10.42 -42.47 -25.62
CA THR C 139 9.63 -43.68 -25.60
C THR C 139 9.02 -43.87 -24.21
N PHE C 140 7.88 -44.52 -24.17
CA PHE C 140 7.17 -44.81 -22.93
C PHE C 140 7.28 -46.30 -22.63
N ASN C 141 7.83 -46.63 -21.47
CA ASN C 141 8.02 -48.02 -21.04
C ASN C 141 7.16 -48.24 -19.80
N PHE C 142 6.02 -48.88 -19.97
CA PHE C 142 5.08 -49.12 -18.89
C PHE C 142 5.39 -50.38 -18.10
N SER C 143 6.49 -51.06 -18.40
CA SER C 143 6.90 -52.23 -17.62
C SER C 143 7.70 -51.86 -16.38
N LYS C 144 8.03 -50.59 -16.20
CA LYS C 144 8.77 -50.14 -15.02
C LYS C 144 7.86 -49.67 -13.89
N VAL C 145 6.55 -49.79 -14.04
CA VAL C 145 5.61 -49.43 -12.98
C VAL C 145 4.61 -50.57 -12.79
N ASP C 146 4.07 -50.66 -11.58
CA ASP C 146 3.08 -51.67 -11.23
C ASP C 146 1.72 -50.97 -11.16
N LEU C 147 1.00 -50.98 -12.27
CA LEU C 147 -0.31 -50.36 -12.38
C LEU C 147 -1.28 -51.32 -13.04
N PRO C 148 -2.58 -51.19 -12.77
CA PRO C 148 -3.56 -52.02 -13.45
C PRO C 148 -3.59 -51.74 -14.95
N GLU C 149 -4.02 -52.74 -15.71
CA GLU C 149 -3.99 -52.62 -17.16
C GLU C 149 -5.01 -51.59 -17.66
N LYS C 150 -6.17 -51.49 -16.99
CA LYS C 150 -7.20 -50.56 -17.44
C LYS C 150 -6.78 -49.11 -17.25
N TYR C 151 -5.79 -48.84 -16.41
CA TYR C 151 -5.24 -47.50 -16.29
C TYR C 151 -4.05 -47.27 -17.21
N VAL C 152 -3.28 -48.32 -17.48
CA VAL C 152 -2.20 -48.21 -18.46
C VAL C 152 -2.77 -47.91 -19.84
N LYS C 153 -3.89 -48.54 -20.19
CA LYS C 153 -4.52 -48.27 -21.47
C LYS C 153 -4.93 -46.81 -21.58
N LYS C 154 -5.50 -46.25 -20.51
CA LYS C 154 -5.89 -44.84 -20.55
C LYS C 154 -4.67 -43.92 -20.61
N LEU C 155 -3.62 -44.26 -19.87
CA LEU C 155 -2.44 -43.39 -19.81
C LEU C 155 -1.53 -43.52 -21.02
N ARG C 156 -1.74 -44.52 -21.88
CA ARG C 156 -0.91 -44.64 -23.07
C ARG C 156 -1.13 -43.50 -24.06
N LEU C 157 -2.21 -42.74 -23.92
CA LEU C 157 -2.48 -41.64 -24.85
C LEU C 157 -1.47 -40.52 -24.75
N LEU C 158 -0.64 -40.49 -23.71
CA LEU C 158 0.39 -39.48 -23.57
C LEU C 158 1.50 -39.61 -24.60
N GLU C 159 1.56 -40.72 -25.33
CA GLU C 159 2.61 -40.92 -26.33
C GLU C 159 2.49 -39.97 -27.51
N LEU C 160 1.31 -39.38 -27.73
CA LEU C 160 1.10 -38.51 -28.88
C LEU C 160 1.81 -37.17 -28.73
N MET C 161 2.23 -36.80 -27.52
CA MET C 161 2.92 -35.54 -27.25
C MET C 161 2.05 -34.35 -27.65
N GLU C 162 0.87 -34.29 -27.05
CA GLU C 162 -0.08 -33.20 -27.24
C GLU C 162 -0.48 -32.62 -25.90
N ASP C 163 -1.16 -31.47 -25.93
CA ASP C 163 -1.63 -30.86 -24.70
C ASP C 163 -2.75 -31.69 -24.11
N THR C 164 -2.68 -31.93 -22.80
CA THR C 164 -3.58 -32.88 -22.15
C THR C 164 -4.18 -32.29 -20.90
N ILE C 165 -5.44 -32.64 -20.63
CA ILE C 165 -6.11 -32.30 -19.38
C ILE C 165 -6.51 -33.61 -18.69
N ILE C 166 -6.06 -33.78 -17.45
CA ILE C 166 -6.25 -35.03 -16.71
C ILE C 166 -7.18 -34.76 -15.54
N PHE C 167 -8.38 -35.34 -15.60
CA PHE C 167 -9.33 -35.35 -14.50
C PHE C 167 -8.88 -36.44 -13.53
N ASN C 168 -8.15 -36.04 -12.49
CA ASN C 168 -7.44 -36.98 -11.61
C ASN C 168 -8.27 -37.23 -10.36
N MET C 169 -9.30 -38.05 -10.50
CA MET C 169 -10.08 -38.49 -9.36
C MET C 169 -9.44 -39.65 -8.60
N ALA C 170 -8.41 -40.28 -9.17
CA ALA C 170 -7.70 -41.35 -8.51
C ALA C 170 -6.47 -40.88 -7.74
N GLU C 171 -6.15 -39.58 -7.82
CA GLU C 171 -5.07 -38.97 -7.05
C GLU C 171 -3.73 -39.66 -7.32
N LEU C 172 -3.49 -39.99 -8.58
CA LEU C 172 -2.21 -40.55 -8.99
C LEU C 172 -1.16 -39.46 -9.11
N GLU C 173 0.09 -39.82 -8.85
CA GLU C 173 1.21 -38.89 -8.92
C GLU C 173 1.76 -38.89 -10.34
N ILE C 174 1.33 -37.92 -11.15
CA ILE C 174 1.77 -37.87 -12.55
C ILE C 174 3.26 -37.62 -12.69
N PRO C 175 3.88 -36.65 -11.99
CA PRO C 175 5.33 -36.44 -12.18
C PRO C 175 6.17 -37.67 -11.87
N ASN C 176 5.82 -38.43 -10.84
CA ASN C 176 6.58 -39.64 -10.52
C ASN C 176 6.43 -40.67 -11.64
N LEU C 177 5.21 -40.83 -12.17
CA LEU C 177 5.01 -41.77 -13.27
C LEU C 177 5.83 -41.37 -14.49
N LEU C 178 5.83 -40.07 -14.83
CA LEU C 178 6.58 -39.62 -15.99
C LEU C 178 8.09 -39.75 -15.77
N LYS C 179 8.55 -39.54 -14.53
CA LYS C 179 9.96 -39.80 -14.22
C LYS C 179 10.29 -41.27 -14.40
N ALA C 180 9.37 -42.15 -14.01
CA ALA C 180 9.65 -43.59 -14.05
C ALA C 180 9.66 -44.12 -15.48
N ILE C 181 8.68 -43.74 -16.29
CA ILE C 181 8.46 -44.44 -17.56
C ILE C 181 9.10 -43.78 -18.78
N VAL C 182 9.39 -42.48 -18.72
CA VAL C 182 9.89 -41.77 -19.90
C VAL C 182 11.35 -42.10 -20.12
N GLU C 183 11.70 -42.43 -21.37
CA GLU C 183 13.07 -42.73 -21.76
C GLU C 183 13.44 -41.87 -22.97
N GLY C 184 14.72 -41.51 -23.05
CA GLY C 184 15.21 -40.76 -24.19
C GLY C 184 16.14 -39.64 -23.82
N THR C 185 16.59 -38.86 -24.80
CA THR C 185 17.48 -37.73 -24.57
C THR C 185 17.17 -36.62 -25.56
N VAL C 186 17.51 -35.40 -25.17
CA VAL C 186 17.34 -34.21 -26.00
C VAL C 186 18.51 -33.27 -25.74
N LEU C 187 18.66 -32.28 -26.62
CA LEU C 187 19.71 -31.28 -26.52
C LEU C 187 19.08 -29.90 -26.33
N ILE C 188 19.55 -29.16 -25.34
CA ILE C 188 19.04 -27.81 -25.09
C ILE C 188 20.21 -26.83 -24.95
N PRO C 189 20.04 -25.56 -25.31
CA PRO C 189 21.11 -24.58 -25.08
C PRO C 189 21.31 -24.34 -23.60
N ARG C 190 22.57 -24.28 -23.17
CA ARG C 190 22.87 -24.03 -21.75
C ARG C 190 22.40 -22.64 -21.34
N PHE C 191 22.69 -21.63 -22.17
CA PHE C 191 22.28 -20.27 -21.87
C PHE C 191 22.22 -19.49 -23.17
N LEU C 192 21.55 -18.34 -23.12
CA LEU C 192 21.42 -17.45 -24.27
C LEU C 192 22.13 -16.14 -23.98
N GLU C 193 23.03 -15.75 -24.88
CA GLU C 193 23.73 -14.47 -24.81
C GLU C 193 23.11 -13.55 -25.84
N LYS C 194 22.28 -12.62 -25.37
CA LYS C 194 21.60 -11.65 -26.22
C LYS C 194 22.08 -10.25 -25.82
N GLU C 195 22.89 -9.64 -26.67
CA GLU C 195 23.48 -8.31 -26.45
C GLU C 195 23.91 -8.10 -24.99
N ASP C 196 24.87 -8.94 -24.58
CA ASP C 196 25.52 -8.90 -23.28
C ASP C 196 24.59 -9.26 -22.13
N LEU C 197 23.41 -9.81 -22.42
CA LEU C 197 22.49 -10.33 -21.40
C LEU C 197 22.55 -11.84 -21.42
N ILE C 198 22.73 -12.44 -20.25
CA ILE C 198 22.82 -13.89 -20.13
C ILE C 198 21.51 -14.37 -19.51
N ILE C 199 20.72 -15.10 -20.29
CA ILE C 199 19.49 -15.73 -19.83
C ILE C 199 19.77 -17.21 -19.67
N ARG C 200 19.65 -17.72 -18.44
CA ARG C 200 20.03 -19.09 -18.14
C ARG C 200 18.85 -20.02 -18.39
N ILE C 201 19.05 -21.01 -19.26
CA ILE C 201 18.04 -22.01 -19.56
C ILE C 201 18.28 -23.29 -18.78
N PHE C 202 19.52 -23.76 -18.74
CA PHE C 202 19.86 -24.99 -18.05
C PHE C 202 20.05 -24.73 -16.56
N ASP C 203 19.39 -25.55 -15.74
CA ASP C 203 19.54 -25.49 -14.29
C ASP C 203 19.84 -26.89 -13.77
N GLU C 204 20.67 -26.96 -12.73
CA GLU C 204 21.15 -28.23 -12.21
C GLU C 204 20.15 -28.91 -11.28
N GLU C 205 19.05 -28.25 -10.93
CA GLU C 205 18.08 -28.80 -9.99
C GLU C 205 16.97 -29.57 -10.65
N LEU C 206 16.45 -29.09 -11.78
CA LEU C 206 15.32 -29.72 -12.45
C LEU C 206 15.71 -30.61 -13.62
N HIS C 207 16.91 -30.45 -14.17
CA HIS C 207 17.36 -31.20 -15.33
C HIS C 207 18.31 -32.30 -14.92
N GLU C 208 18.15 -33.48 -15.54
CA GLU C 208 19.01 -34.62 -15.27
C GLU C 208 20.14 -34.64 -16.28
N TYR C 209 21.36 -34.35 -15.80
CA TYR C 209 22.50 -34.20 -16.69
C TYR C 209 22.91 -35.53 -17.30
N ARG C 210 23.22 -35.50 -18.60
CA ARG C 210 23.77 -36.65 -19.32
C ARG C 210 25.07 -36.33 -20.03
N GLY C 211 25.20 -35.14 -20.59
CA GLY C 211 26.45 -34.74 -21.22
C GLY C 211 26.40 -33.29 -21.62
N SER C 212 27.57 -32.76 -21.97
CA SER C 212 27.69 -31.38 -22.42
C SER C 212 28.48 -31.34 -23.72
N TYR C 213 27.89 -30.78 -24.77
CA TYR C 213 28.56 -30.58 -26.04
C TYR C 213 28.73 -29.07 -26.22
N PHE C 214 29.81 -28.54 -25.64
CA PHE C 214 30.16 -27.12 -25.73
C PHE C 214 28.98 -26.22 -25.37
N ASP C 215 28.35 -25.64 -26.39
CA ASP C 215 27.26 -24.70 -26.16
C ASP C 215 25.98 -25.37 -25.68
N LYS C 216 25.76 -26.63 -26.03
CA LYS C 216 24.51 -27.30 -25.70
C LYS C 216 24.74 -28.37 -24.65
N VAL C 217 23.64 -28.83 -24.07
CA VAL C 217 23.66 -29.86 -23.03
C VAL C 217 22.68 -30.95 -23.43
N LEU C 218 23.13 -32.20 -23.39
CA LEU C 218 22.29 -33.36 -23.61
C LEU C 218 21.76 -33.84 -22.28
N ILE C 219 20.43 -33.84 -22.13
CA ILE C 219 19.76 -34.24 -20.89
C ILE C 219 18.57 -35.12 -21.24
N LYS C 220 18.01 -35.74 -20.22
CA LYS C 220 16.77 -36.47 -20.39
C LYS C 220 15.61 -35.48 -20.62
N PRO C 221 14.54 -35.92 -21.26
CA PRO C 221 13.41 -35.01 -21.52
C PRO C 221 12.92 -34.36 -20.24
N PRO C 222 12.88 -33.03 -20.20
CA PRO C 222 12.52 -32.35 -18.96
C PRO C 222 11.10 -32.68 -18.52
N ILE C 223 10.93 -32.84 -17.21
CA ILE C 223 9.63 -32.95 -16.57
C ILE C 223 9.60 -31.87 -15.49
N ILE C 224 8.76 -30.86 -15.68
CA ILE C 224 8.64 -29.75 -14.74
C ILE C 224 7.28 -29.81 -14.09
N HIS C 225 7.23 -29.58 -12.78
CA HIS C 225 6.00 -29.62 -12.02
C HIS C 225 5.79 -28.27 -11.34
N TRP C 226 4.57 -27.76 -11.40
CA TRP C 226 4.21 -26.51 -10.75
C TRP C 226 2.92 -26.69 -9.98
N ASP C 227 3.00 -26.54 -8.66
CA ASP C 227 1.86 -26.66 -7.77
C ASP C 227 1.45 -25.27 -7.30
N PHE C 228 0.14 -25.01 -7.34
CA PHE C 228 -0.37 -23.68 -7.03
C PHE C 228 -0.06 -23.27 -5.60
N TYR C 229 -0.21 -24.21 -4.66
CA TYR C 229 -0.03 -23.89 -3.24
C TYR C 229 1.43 -23.86 -2.82
N LEU C 230 2.31 -24.55 -3.54
CA LEU C 230 3.70 -24.67 -3.14
C LEU C 230 4.65 -23.76 -3.89
N ASP C 231 4.20 -23.12 -4.97
CA ASP C 231 5.07 -22.34 -5.84
C ASP C 231 4.47 -20.96 -6.07
N SER C 232 5.27 -20.09 -6.69
CA SER C 232 4.90 -18.70 -6.91
C SER C 232 4.77 -18.41 -8.39
N LEU C 233 3.89 -17.46 -8.72
CA LEU C 233 3.71 -17.04 -10.11
C LEU C 233 4.93 -16.33 -10.65
N GLU C 234 5.81 -15.82 -9.78
CA GLU C 234 7.01 -15.13 -10.23
C GLU C 234 7.90 -16.02 -11.08
N ASP C 235 7.76 -17.35 -10.95
CA ASP C 235 8.52 -18.28 -11.79
C ASP C 235 8.22 -18.09 -13.27
N PHE C 236 7.07 -17.52 -13.62
CA PHE C 236 6.72 -17.31 -15.02
C PHE C 236 7.13 -15.93 -15.53
N SER C 237 8.21 -15.36 -14.98
CA SER C 237 8.72 -14.08 -15.42
C SER C 237 10.25 -14.13 -15.40
N PHE C 238 10.86 -13.23 -16.16
CA PHE C 238 12.31 -13.15 -16.21
C PHE C 238 12.81 -12.61 -14.88
N LYS C 239 13.25 -13.50 -13.99
CA LYS C 239 13.66 -13.09 -12.65
C LYS C 239 15.12 -12.64 -12.67
N LYS C 240 15.38 -11.51 -12.04
CA LYS C 240 16.73 -10.93 -12.01
C LYS C 240 17.53 -11.57 -10.88
N VAL C 241 18.75 -12.01 -11.20
CA VAL C 241 19.68 -12.54 -10.21
C VAL C 241 20.83 -11.56 -9.98
N GLU C 242 21.59 -11.23 -11.02
CA GLU C 242 22.66 -10.26 -10.92
C GLU C 242 22.58 -9.29 -12.09
N GLU C 243 23.45 -8.29 -12.11
CA GLU C 243 23.46 -7.33 -13.21
C GLU C 243 23.76 -8.05 -14.51
N SER C 244 22.85 -7.90 -15.48
CA SER C 244 22.95 -8.57 -16.78
C SER C 244 22.92 -10.09 -16.64
N ILE C 245 22.17 -10.60 -15.65
CA ILE C 245 21.93 -12.04 -15.54
C ILE C 245 20.46 -12.24 -15.22
N TYR C 246 19.80 -13.13 -15.98
CA TYR C 246 18.39 -13.42 -15.80
C TYR C 246 18.15 -14.93 -15.87
N ILE C 247 17.05 -15.35 -15.25
CA ILE C 247 16.60 -16.74 -15.29
C ILE C 247 15.33 -16.80 -16.13
N ALA C 248 15.30 -17.71 -17.10
CA ALA C 248 14.17 -17.79 -18.01
C ALA C 248 12.93 -18.31 -17.29
N PRO C 249 11.74 -17.98 -17.79
CA PRO C 249 10.51 -18.53 -17.20
C PRO C 249 10.45 -20.04 -17.33
N LEU C 250 9.45 -20.62 -16.65
CA LEU C 250 9.35 -22.08 -16.59
C LEU C 250 9.12 -22.69 -17.96
N PHE C 251 8.26 -22.08 -18.79
CA PHE C 251 7.94 -22.67 -20.08
C PHE C 251 9.12 -22.66 -21.05
N LEU C 252 10.17 -21.88 -20.76
CA LEU C 252 11.38 -21.95 -21.56
C LEU C 252 12.33 -23.04 -21.05
N ARG C 253 12.28 -23.37 -19.77
CA ARG C 253 13.11 -24.42 -19.20
C ARG C 253 12.50 -25.81 -19.41
N ALA C 254 11.29 -25.89 -19.96
CA ALA C 254 10.65 -27.15 -20.29
C ALA C 254 10.68 -27.46 -21.78
N THR C 255 11.62 -26.86 -22.51
CA THR C 255 11.71 -27.06 -23.95
C THR C 255 12.02 -28.51 -24.27
N GLY C 256 11.19 -29.12 -25.11
CA GLY C 256 11.39 -30.51 -25.48
C GLY C 256 10.87 -31.52 -24.47
N GLY C 257 10.13 -31.08 -23.46
CA GLY C 257 9.65 -31.99 -22.44
C GLY C 257 8.21 -31.73 -22.03
N PHE C 258 7.92 -31.93 -20.75
CA PHE C 258 6.57 -31.80 -20.21
C PHE C 258 6.53 -30.73 -19.12
N LEU C 259 5.48 -29.92 -19.14
CA LEU C 259 5.19 -28.98 -18.07
C LEU C 259 3.83 -29.35 -17.48
N ILE C 260 3.82 -29.69 -16.19
CA ILE C 260 2.63 -30.19 -15.52
C ILE C 260 2.20 -29.13 -14.51
N LEU C 261 0.93 -28.76 -14.55
CA LEU C 261 0.37 -27.74 -13.67
C LEU C 261 -0.72 -28.37 -12.81
N THR C 262 -0.60 -28.23 -11.49
CA THR C 262 -1.56 -28.79 -10.55
C THR C 262 -2.47 -27.67 -10.05
N GLU C 263 -3.73 -27.71 -10.48
CA GLU C 263 -4.74 -26.72 -10.10
C GLU C 263 -4.29 -25.28 -10.35
N PRO C 264 -3.99 -24.91 -11.59
CA PRO C 264 -3.54 -23.55 -11.87
C PRO C 264 -4.71 -22.62 -12.11
N PRO C 265 -4.52 -21.31 -12.01
CA PRO C 265 -5.58 -20.37 -12.37
C PRO C 265 -5.86 -20.42 -13.87
N GLU C 266 -7.11 -20.09 -14.22
CA GLU C 266 -7.52 -20.13 -15.62
C GLU C 266 -6.79 -19.09 -16.47
N ASP C 267 -6.47 -17.94 -15.88
CA ASP C 267 -5.76 -16.90 -16.64
C ASP C 267 -4.40 -17.38 -17.09
N LEU C 268 -3.69 -18.10 -16.22
CA LEU C 268 -2.38 -18.64 -16.59
C LEU C 268 -2.50 -19.63 -17.74
N VAL C 269 -3.52 -20.48 -17.71
CA VAL C 269 -3.73 -21.44 -18.79
C VAL C 269 -4.03 -20.72 -20.09
N LYS C 270 -4.87 -19.69 -20.04
CA LYS C 270 -5.16 -18.91 -21.24
C LYS C 270 -3.89 -18.29 -21.80
N THR C 271 -3.07 -17.68 -20.93
CA THR C 271 -1.84 -17.04 -21.38
C THR C 271 -0.88 -18.05 -22.00
N LEU C 272 -0.74 -19.22 -21.38
CA LEU C 272 0.18 -20.23 -21.91
C LEU C 272 -0.32 -20.76 -23.25
N LEU C 273 -1.63 -21.00 -23.38
CA LEU C 273 -2.17 -21.46 -24.65
C LEU C 273 -1.97 -20.42 -25.75
N LYS C 274 -2.20 -19.14 -25.44
CA LYS C 274 -2.00 -18.09 -26.44
C LYS C 274 -0.53 -17.97 -26.83
N LEU C 275 0.38 -18.09 -25.86
CA LEU C 275 1.81 -18.04 -26.17
C LEU C 275 2.22 -19.21 -27.04
N LYS C 276 1.68 -20.41 -26.77
CA LYS C 276 1.98 -21.56 -27.63
C LYS C 276 1.42 -21.35 -29.03
N LYS C 277 0.23 -20.76 -29.14
CA LYS C 277 -0.35 -20.50 -30.45
C LYS C 277 0.50 -19.50 -31.23
N ARG C 278 0.96 -18.44 -30.56
CA ARG C 278 1.81 -17.45 -31.24
C ARG C 278 3.13 -18.07 -31.69
N GLY C 279 3.73 -18.90 -30.86
CA GLY C 279 4.96 -19.58 -31.20
C GLY C 279 6.22 -18.91 -30.68
N GLU C 280 6.12 -17.76 -30.04
CA GLU C 280 7.29 -17.07 -29.53
C GLU C 280 6.86 -16.10 -28.43
N VAL C 281 7.84 -15.69 -27.63
CA VAL C 281 7.64 -14.71 -26.56
C VAL C 281 8.56 -13.52 -26.83
N ARG C 282 7.97 -12.32 -26.82
CA ARG C 282 8.71 -11.08 -27.02
C ARG C 282 8.65 -10.27 -25.73
N THR C 283 9.82 -9.86 -25.24
CA THR C 283 9.91 -9.16 -23.96
C THR C 283 10.89 -8.00 -24.08
N ILE C 284 10.77 -7.08 -23.13
CA ILE C 284 11.65 -5.91 -23.04
C ILE C 284 12.34 -5.94 -21.69
N LEU C 285 13.66 -5.78 -21.70
CA LEU C 285 14.47 -5.84 -20.47
C LEU C 285 15.58 -4.82 -20.60
N GLU C 286 15.58 -3.83 -19.70
CA GLU C 286 16.63 -2.81 -19.66
C GLU C 286 16.76 -2.07 -20.99
N GLY C 287 15.63 -1.87 -21.67
CA GLY C 287 15.62 -1.20 -22.95
C GLY C 287 16.00 -2.06 -24.13
N LYS C 288 16.25 -3.35 -23.92
CA LYS C 288 16.62 -4.26 -24.99
C LYS C 288 15.48 -5.24 -25.26
N ARG C 289 15.19 -5.48 -26.52
CA ARG C 289 14.07 -6.32 -26.92
C ARG C 289 14.57 -7.71 -27.27
N ILE C 290 13.92 -8.74 -26.71
CA ILE C 290 14.34 -10.12 -26.85
C ILE C 290 13.16 -10.95 -27.35
N THR C 291 13.42 -11.83 -28.31
CA THR C 291 12.42 -12.72 -28.87
C THR C 291 12.93 -14.15 -28.77
N ILE C 292 12.14 -15.02 -28.15
CA ILE C 292 12.55 -16.41 -27.91
C ILE C 292 11.45 -17.37 -28.38
N PRO C 293 11.79 -18.42 -29.12
CA PRO C 293 10.76 -19.38 -29.53
C PRO C 293 10.29 -20.26 -28.37
N ILE C 294 9.11 -20.84 -28.55
CA ILE C 294 8.46 -21.66 -27.54
C ILE C 294 8.16 -23.03 -28.13
N ASN C 295 8.54 -24.09 -27.39
CA ASN C 295 8.27 -25.46 -27.84
C ASN C 295 8.25 -26.36 -26.61
N PHE C 296 7.06 -26.74 -26.16
CA PHE C 296 6.92 -27.64 -25.02
C PHE C 296 5.53 -28.28 -25.07
N THR C 297 5.30 -29.22 -24.15
CA THR C 297 4.03 -29.91 -24.03
C THR C 297 3.41 -29.57 -22.67
N LEU C 298 2.09 -29.39 -22.66
CA LEU C 298 1.36 -28.92 -21.48
C LEU C 298 0.44 -30.01 -20.95
N ILE C 299 0.49 -30.21 -19.64
CA ILE C 299 -0.42 -31.13 -18.95
C ILE C 299 -1.05 -30.38 -17.80
N VAL C 300 -2.38 -30.43 -17.72
CA VAL C 300 -3.14 -29.79 -16.64
C VAL C 300 -3.75 -30.90 -15.80
N ASP C 301 -3.18 -31.13 -14.61
CA ASP C 301 -3.66 -32.16 -13.70
C ASP C 301 -4.63 -31.52 -12.73
N THR C 302 -5.93 -31.78 -12.90
CA THR C 302 -6.93 -31.08 -12.12
C THR C 302 -7.99 -32.04 -11.62
N ARG C 303 -8.67 -31.61 -10.55
CA ARG C 303 -9.82 -32.32 -10.01
C ARG C 303 -11.09 -31.49 -10.13
N HIS C 304 -11.01 -30.28 -10.67
CA HIS C 304 -12.16 -29.41 -10.91
C HIS C 304 -12.12 -28.98 -12.39
N PRO C 305 -12.54 -29.85 -13.30
CA PRO C 305 -12.42 -29.53 -14.73
C PRO C 305 -13.30 -28.39 -15.19
N GLU C 306 -14.43 -28.15 -14.53
CA GLU C 306 -15.36 -27.12 -14.99
C GLU C 306 -14.74 -25.73 -15.01
N ARG C 307 -13.66 -25.52 -14.25
CA ARG C 307 -12.98 -24.24 -14.23
C ARG C 307 -12.35 -23.91 -15.58
N TYR C 308 -12.14 -24.90 -16.44
CA TYR C 308 -11.51 -24.71 -17.74
C TYR C 308 -12.45 -25.12 -18.87
N ALA C 309 -13.73 -24.74 -18.73
CA ALA C 309 -14.73 -25.16 -19.71
C ALA C 309 -14.58 -24.43 -21.04
N GLY C 310 -14.15 -23.18 -21.01
CA GLY C 310 -14.07 -22.40 -22.25
C GLY C 310 -12.83 -22.66 -23.09
N LEU C 311 -11.89 -23.44 -22.59
CA LEU C 311 -10.64 -23.72 -23.29
C LEU C 311 -10.69 -25.11 -23.90
N LYS C 312 -9.95 -25.30 -24.99
CA LYS C 312 -9.96 -26.54 -25.74
C LYS C 312 -8.61 -27.23 -25.63
N PHE C 313 -8.63 -28.49 -25.19
CA PHE C 313 -7.45 -29.34 -25.15
C PHE C 313 -7.66 -30.53 -26.07
N PRO C 314 -6.70 -30.85 -26.94
CA PRO C 314 -6.89 -31.99 -27.85
C PRO C 314 -7.10 -33.31 -27.14
N ILE C 315 -6.48 -33.53 -25.99
CA ILE C 315 -6.53 -34.80 -25.28
C ILE C 315 -7.09 -34.59 -23.89
N ARG C 316 -8.13 -35.36 -23.55
CA ARG C 316 -8.70 -35.39 -22.21
C ARG C 316 -8.61 -36.81 -21.68
N ILE C 317 -8.02 -36.97 -20.50
CA ILE C 317 -7.87 -38.25 -19.84
C ILE C 317 -8.62 -38.18 -18.53
N ASN C 318 -9.40 -39.22 -18.23
CA ASN C 318 -10.16 -39.31 -16.99
C ASN C 318 -9.64 -40.49 -16.19
N LEU C 319 -9.44 -40.29 -14.88
CA LEU C 319 -9.03 -41.38 -13.99
C LEU C 319 -10.14 -41.62 -12.97
N PRO C 320 -10.94 -42.66 -13.11
CA PRO C 320 -12.09 -42.84 -12.22
C PRO C 320 -11.67 -43.34 -10.86
N PRO C 321 -12.54 -43.23 -9.85
CA PRO C 321 -12.23 -43.83 -8.54
C PRO C 321 -12.16 -45.34 -8.64
N LEU C 322 -11.32 -45.93 -7.79
CA LEU C 322 -11.13 -47.37 -7.80
C LEU C 322 -12.43 -48.08 -7.42
N ASP C 323 -12.75 -49.14 -8.16
CA ASP C 323 -13.88 -49.99 -7.82
C ASP C 323 -13.44 -51.05 -6.82
N ASP C 324 -14.38 -51.89 -6.40
CA ASP C 324 -14.09 -52.87 -5.35
C ASP C 324 -13.00 -53.85 -5.78
N GLU C 325 -13.11 -54.38 -7.00
CA GLU C 325 -12.14 -55.35 -7.47
C GLU C 325 -10.74 -54.73 -7.57
N THR C 326 -10.64 -53.55 -8.18
CA THR C 326 -9.35 -52.90 -8.31
C THR C 326 -8.81 -52.48 -6.95
N PHE C 327 -9.67 -52.04 -6.04
CA PHE C 327 -9.24 -51.69 -4.69
C PHE C 327 -8.63 -52.90 -3.99
N LEU C 328 -9.30 -54.05 -4.08
CA LEU C 328 -8.77 -55.26 -3.48
C LEU C 328 -7.45 -55.69 -4.12
N LYS C 329 -7.36 -55.57 -5.46
CA LYS C 329 -6.13 -55.96 -6.13
C LYS C 329 -4.96 -55.07 -5.71
N VAL C 330 -5.20 -53.75 -5.62
CA VAL C 330 -4.14 -52.84 -5.22
C VAL C 330 -3.74 -53.07 -3.76
N LEU C 331 -4.71 -53.31 -2.89
CA LEU C 331 -4.39 -53.63 -1.50
C LEU C 331 -3.56 -54.90 -1.41
N GLU C 332 -3.93 -55.93 -2.19
CA GLU C 332 -3.16 -57.17 -2.19
C GLU C 332 -1.74 -56.94 -2.71
N THR C 333 -1.61 -56.09 -3.72
CA THR C 333 -0.29 -55.80 -4.27
C THR C 333 0.59 -55.08 -3.26
N ASN C 334 0.03 -54.11 -2.53
CA ASN C 334 0.84 -53.28 -1.65
C ASN C 334 1.11 -53.95 -0.31
N LEU C 335 0.05 -54.42 0.37
CA LEU C 335 0.21 -54.96 1.72
C LEU C 335 0.96 -56.28 1.72
N GLY C 336 0.87 -57.04 0.63
CA GLY C 336 1.48 -58.35 0.59
C GLY C 336 0.63 -59.48 1.14
N ILE C 337 -0.61 -59.19 1.51
CA ILE C 337 -1.52 -60.21 2.01
C ILE C 337 -2.74 -60.26 1.09
N THR C 338 -3.66 -61.18 1.37
CA THR C 338 -4.88 -61.29 0.58
C THR C 338 -6.07 -60.87 1.43
N PRO C 339 -6.54 -59.62 1.32
CA PRO C 339 -7.68 -59.19 2.13
C PRO C 339 -8.94 -59.90 1.70
N PRO C 340 -9.91 -60.05 2.60
CA PRO C 340 -11.20 -60.63 2.23
C PRO C 340 -12.10 -59.57 1.59
N THR C 341 -13.31 -59.98 1.23
CA THR C 341 -14.22 -59.08 0.54
C THR C 341 -14.87 -58.08 1.48
N GLU C 342 -15.18 -58.50 2.72
CA GLU C 342 -15.98 -57.67 3.61
C GLU C 342 -15.30 -56.34 3.92
N ILE C 343 -13.96 -56.32 3.98
CA ILE C 343 -13.25 -55.09 4.30
C ILE C 343 -13.43 -54.03 3.23
N VAL C 344 -14.09 -54.36 2.12
CA VAL C 344 -14.44 -53.33 1.15
C VAL C 344 -15.45 -52.36 1.74
N ARG C 345 -16.37 -52.86 2.55
CA ARG C 345 -17.49 -52.07 3.04
C ARG C 345 -17.22 -51.35 4.35
N ILE C 346 -16.00 -51.46 4.90
CA ILE C 346 -15.68 -50.81 6.16
C ILE C 346 -14.89 -49.51 5.97
N PHE C 347 -14.15 -49.38 4.87
CA PHE C 347 -13.43 -48.14 4.63
C PHE C 347 -14.37 -47.07 4.06
N PRO C 348 -14.10 -45.80 4.34
CA PRO C 348 -14.93 -44.74 3.78
C PRO C 348 -14.72 -44.62 2.28
N PRO C 349 -15.71 -44.10 1.55
CA PRO C 349 -15.55 -43.97 0.09
C PRO C 349 -14.40 -43.07 -0.33
N ASP C 350 -14.00 -42.12 0.52
CA ASP C 350 -12.93 -41.20 0.14
C ASP C 350 -11.58 -41.90 0.02
N TYR C 351 -11.37 -42.98 0.76
CA TYR C 351 -10.08 -43.64 0.85
C TYR C 351 -9.83 -44.66 -0.24
N LYS C 352 -10.75 -44.81 -1.20
CA LYS C 352 -10.60 -45.80 -2.26
C LYS C 352 -9.85 -45.23 -3.46
N THR C 353 -8.66 -44.68 -3.20
CA THR C 353 -7.78 -44.18 -4.24
C THR C 353 -6.37 -44.66 -3.94
N PHE C 354 -5.39 -44.15 -4.70
CA PHE C 354 -4.01 -44.59 -4.51
C PHE C 354 -3.41 -44.00 -3.25
N LEU C 355 -3.64 -42.71 -2.99
CA LEU C 355 -3.11 -42.07 -1.79
C LEU C 355 -3.71 -42.69 -0.54
N GLY C 356 -5.01 -42.98 -0.56
CA GLY C 356 -5.61 -43.69 0.55
C GLY C 356 -4.99 -45.06 0.77
N VAL C 357 -4.65 -45.75 -0.32
CA VAL C 357 -4.00 -47.05 -0.20
C VAL C 357 -2.63 -46.91 0.44
N GLU C 358 -1.87 -45.87 0.06
CA GLU C 358 -0.57 -45.65 0.68
C GLU C 358 -0.71 -45.35 2.17
N LEU C 359 -1.68 -44.51 2.55
CA LEU C 359 -1.89 -44.22 3.96
C LEU C 359 -2.28 -45.48 4.74
N ILE C 360 -3.16 -46.30 4.15
CA ILE C 360 -3.54 -47.55 4.78
C ILE C 360 -2.34 -48.45 4.96
N LYS C 361 -1.46 -48.51 3.95
CA LYS C 361 -0.26 -49.33 4.05
C LYS C 361 0.64 -48.86 5.19
N ASN C 362 0.85 -47.54 5.30
CA ASN C 362 1.71 -47.03 6.36
C ASN C 362 1.12 -47.32 7.73
N LEU C 363 -0.19 -47.09 7.90
CA LEU C 363 -0.82 -47.35 9.19
C LEU C 363 -0.77 -48.84 9.54
N PHE C 364 -1.01 -49.71 8.56
CA PHE C 364 -0.96 -51.15 8.79
C PHE C 364 0.45 -51.58 9.18
N GLU C 365 1.47 -51.04 8.52
CA GLU C 365 2.84 -51.37 8.88
C GLU C 365 3.16 -50.94 10.31
N LYS C 366 2.73 -49.74 10.68
CA LYS C 366 2.96 -49.28 12.06
C LYS C 366 2.26 -50.18 13.07
N LEU C 367 1.01 -50.53 12.79
CA LEU C 367 0.26 -51.39 13.71
C LEU C 367 0.91 -52.76 13.85
N LYS C 368 1.37 -53.33 12.74
CA LYS C 368 2.03 -54.62 12.79
C LYS C 368 3.35 -54.54 13.55
N LEU C 369 4.09 -53.44 13.38
CA LEU C 369 5.35 -53.28 14.09
C LEU C 369 5.13 -53.16 15.59
N THR C 370 4.15 -52.36 16.01
CA THR C 370 3.96 -52.15 17.45
C THR C 370 3.27 -53.35 18.12
N GLU C 371 2.26 -53.92 17.48
CA GLU C 371 1.49 -55.02 18.04
C GLU C 371 1.96 -56.32 17.40
N LYS C 372 2.81 -57.06 18.13
CA LYS C 372 3.35 -58.31 17.65
C LYS C 372 2.58 -59.49 18.23
N GLY C 373 2.26 -60.47 17.37
CA GLY C 373 1.64 -61.72 17.77
C GLY C 373 0.28 -61.97 17.15
N LYS C 374 -0.44 -60.91 16.78
CA LYS C 374 -1.78 -61.05 16.26
C LYS C 374 -1.78 -61.13 14.74
N ASP C 375 -2.86 -61.69 14.19
CA ASP C 375 -2.95 -61.93 12.76
C ASP C 375 -3.15 -60.61 12.00
N GLU C 376 -2.92 -60.67 10.69
CA GLU C 376 -2.91 -59.47 9.86
C GLU C 376 -4.31 -58.97 9.54
N VAL C 377 -5.29 -59.86 9.42
CA VAL C 377 -6.65 -59.42 9.08
C VAL C 377 -7.24 -58.59 10.22
N SER C 378 -7.02 -59.02 11.46
CA SER C 378 -7.46 -58.21 12.59
C SER C 378 -6.75 -56.87 12.64
N LEU C 379 -5.47 -56.83 12.26
CA LEU C 379 -4.76 -55.56 12.17
C LEU C 379 -5.37 -54.66 11.12
N LEU C 380 -5.77 -55.23 9.98
CA LEU C 380 -6.43 -54.44 8.94
C LEU C 380 -7.76 -53.87 9.45
N LYS C 381 -8.52 -54.69 10.16
CA LYS C 381 -9.79 -54.21 10.74
C LYS C 381 -9.54 -53.10 11.75
N GLU C 382 -8.51 -53.26 12.60
CA GLU C 382 -8.18 -52.22 13.57
C GLU C 382 -7.74 -50.94 12.88
N ALA C 383 -6.96 -51.05 11.81
CA ALA C 383 -6.55 -49.87 11.05
C ALA C 383 -7.75 -49.16 10.44
N ALA C 384 -8.69 -49.93 9.90
CA ALA C 384 -9.91 -49.32 9.37
C ALA C 384 -10.70 -48.61 10.45
N THR C 385 -10.77 -49.21 11.64
CA THR C 385 -11.46 -48.57 12.76
C THR C 385 -10.76 -47.28 13.16
N ILE C 386 -9.42 -47.29 13.18
CA ILE C 386 -8.67 -46.09 13.53
C ILE C 386 -8.90 -44.99 12.51
N ILE C 387 -8.89 -45.34 11.22
CA ILE C 387 -9.02 -44.34 10.17
C ILE C 387 -10.37 -43.62 10.26
N THR C 388 -11.45 -44.38 10.46
CA THR C 388 -12.77 -43.76 10.55
C THR C 388 -12.98 -42.98 11.84
N GLY C 389 -11.96 -42.85 12.68
CA GLY C 389 -12.09 -42.07 13.89
C GLY C 389 -12.75 -42.79 15.05
N GLY C 390 -12.86 -44.12 14.98
CA GLY C 390 -13.55 -44.85 16.01
C GLY C 390 -15.03 -44.56 16.08
N THR C 391 -15.65 -44.23 14.94
CA THR C 391 -17.07 -43.88 14.86
C THR C 391 -17.41 -42.73 15.81
N PHE D 17 16.50 47.61 -34.56
CA PHE D 17 15.98 47.76 -33.21
C PHE D 17 15.50 49.18 -32.96
N VAL D 18 14.31 49.30 -32.35
CA VAL D 18 13.73 50.60 -32.00
C VAL D 18 13.23 50.52 -30.57
N VAL D 19 13.50 51.56 -29.78
CA VAL D 19 13.13 51.61 -28.37
C VAL D 19 12.23 52.82 -28.15
N MET D 20 11.08 52.58 -27.53
CA MET D 20 10.17 53.65 -27.11
C MET D 20 10.04 53.66 -25.60
N PHE D 31 7.65 52.81 -18.66
CA PHE D 31 7.24 51.94 -19.76
C PHE D 31 8.31 51.88 -20.85
N ILE D 32 8.74 50.66 -21.19
CA ILE D 32 9.76 50.43 -22.21
C ILE D 32 9.22 49.43 -23.21
N LYS D 33 9.29 49.78 -24.50
CA LYS D 33 8.88 48.92 -25.59
C LYS D 33 10.04 48.79 -26.56
N VAL D 34 10.37 47.56 -26.94
CA VAL D 34 11.51 47.28 -27.81
C VAL D 34 11.04 46.45 -29.00
N TYR D 35 11.34 46.92 -30.21
CA TYR D 35 11.11 46.19 -31.44
C TYR D 35 12.46 45.74 -32.00
N ALA D 36 12.56 44.46 -32.34
CA ALA D 36 13.79 43.93 -32.88
C ALA D 36 13.50 42.72 -33.75
N LEU D 37 14.49 42.35 -34.57
CA LEU D 37 14.33 41.20 -35.45
C LEU D 37 14.42 39.88 -34.70
N ASN D 38 15.24 39.81 -33.65
CA ASN D 38 15.43 38.58 -32.91
C ASN D 38 15.48 38.89 -31.42
N GLU D 39 15.36 37.83 -30.61
CA GLU D 39 15.34 37.99 -29.16
C GLU D 39 16.67 38.53 -28.64
N LYS D 40 17.79 38.02 -29.16
CA LYS D 40 19.10 38.41 -28.64
C LYS D 40 19.35 39.90 -28.86
N LEU D 41 19.03 40.40 -30.06
CA LEU D 41 19.21 41.82 -30.33
C LEU D 41 18.33 42.67 -29.42
N ALA D 42 17.08 42.25 -29.22
CA ALA D 42 16.18 43.00 -28.34
C ALA D 42 16.72 43.05 -26.93
N ILE D 43 17.21 41.92 -26.41
CA ILE D 43 17.72 41.88 -25.04
C ILE D 43 18.96 42.76 -24.92
N GLU D 44 19.87 42.67 -25.89
CA GLU D 44 21.09 43.48 -25.83
C GLU D 44 20.77 44.97 -25.88
N VAL D 45 19.85 45.37 -26.77
CA VAL D 45 19.50 46.78 -26.88
C VAL D 45 18.78 47.26 -25.63
N LEU D 46 17.93 46.41 -25.05
CA LEU D 46 17.26 46.78 -23.80
C LEU D 46 18.26 46.98 -22.67
N GLU D 47 19.24 46.09 -22.57
CA GLU D 47 20.28 46.24 -21.55
C GLU D 47 21.09 47.52 -21.78
N ALA D 48 21.44 47.80 -23.04
CA ALA D 48 22.19 49.01 -23.34
C ALA D 48 21.41 50.26 -23.00
N PHE D 49 20.11 50.27 -23.31
CA PHE D 49 19.27 51.43 -23.00
C PHE D 49 19.12 51.61 -21.50
N LEU D 50 18.95 50.51 -20.76
CA LEU D 50 18.85 50.61 -19.31
C LEU D 50 20.14 51.14 -18.70
N LYS D 51 21.28 50.67 -19.20
CA LYS D 51 22.56 51.15 -18.69
C LYS D 51 22.77 52.62 -19.04
N GLU D 52 22.37 53.02 -20.25
CA GLU D 52 22.63 54.39 -20.70
C GLU D 52 21.87 55.42 -19.86
N ASN D 53 20.62 55.12 -19.49
CA ASN D 53 19.80 56.03 -18.72
C ASN D 53 20.00 55.90 -17.22
N ASN D 54 20.81 54.94 -16.78
CA ASN D 54 21.06 54.71 -15.35
C ASN D 54 19.77 54.49 -14.57
N PRO D 57 17.68 48.06 -13.80
CA PRO D 57 16.99 46.88 -14.36
C PRO D 57 16.08 46.21 -13.34
N SER D 58 16.48 46.26 -12.06
CA SER D 58 15.69 45.64 -11.00
C SER D 58 14.38 46.39 -10.72
N ASP D 59 14.24 47.61 -11.21
CA ASP D 59 13.04 48.41 -10.98
C ASP D 59 11.94 48.14 -12.01
N PHE D 60 12.19 47.25 -12.97
CA PHE D 60 11.23 46.97 -14.04
C PHE D 60 10.94 45.48 -14.11
N ILE D 61 9.74 45.16 -14.59
CA ILE D 61 9.29 43.78 -14.77
C ILE D 61 8.95 43.58 -16.24
N VAL D 62 9.52 42.55 -16.84
CA VAL D 62 9.20 42.21 -18.24
C VAL D 62 7.81 41.58 -18.26
N ILE D 63 6.82 42.31 -18.75
CA ILE D 63 5.45 41.83 -18.74
C ILE D 63 5.04 41.13 -20.04
N GLN D 64 5.77 41.34 -21.13
CA GLN D 64 5.44 40.65 -22.37
C GLN D 64 6.67 40.56 -23.25
N ARG D 65 6.75 39.47 -24.01
CA ARG D 65 7.87 39.27 -24.92
C ARG D 65 7.52 38.19 -25.93
N GLY D 66 8.01 38.35 -27.16
CA GLY D 66 7.89 37.32 -28.16
C GLY D 66 7.49 37.89 -29.50
N TYR D 67 7.09 37.01 -30.40
CA TYR D 67 6.65 37.41 -31.73
C TYR D 67 5.21 37.91 -31.70
N THR D 77 5.81 52.55 -36.94
CA THR D 77 5.91 53.99 -36.68
C THR D 77 4.96 54.41 -35.57
N THR D 78 5.15 55.63 -35.07
CA THR D 78 4.28 56.15 -34.03
C THR D 78 2.84 56.29 -34.52
N ARG D 79 2.66 56.77 -35.75
CA ARG D 79 1.32 56.93 -36.30
C ARG D 79 0.64 55.58 -36.51
N SER D 80 1.42 54.55 -36.88
CA SER D 80 0.84 53.22 -37.05
C SER D 80 0.32 52.66 -35.74
N GLU D 81 0.98 52.99 -34.62
CA GLU D 81 0.55 52.51 -33.31
C GLU D 81 -0.39 53.52 -32.64
N GLU D 82 -1.51 53.76 -33.30
CA GLU D 82 -2.52 54.66 -32.74
C GLU D 82 -3.09 54.12 -31.44
N GLU D 83 -3.37 52.81 -31.40
CA GLU D 83 -3.89 52.22 -30.17
C GLU D 83 -2.88 52.33 -29.03
N LEU D 84 -1.61 52.05 -29.31
CA LEU D 84 -0.58 52.17 -28.29
C LEU D 84 -0.41 53.61 -27.84
N SER D 85 -0.47 54.56 -28.78
CA SER D 85 -0.36 55.97 -28.42
C SER D 85 -1.52 56.40 -27.53
N ALA D 86 -2.74 55.97 -27.86
CA ALA D 86 -3.90 56.31 -27.03
C ALA D 86 -3.77 55.69 -25.65
N MET D 87 -3.34 54.43 -25.58
CA MET D 87 -3.18 53.77 -24.29
C MET D 87 -2.15 54.47 -23.42
N LEU D 88 -1.02 54.87 -24.02
CA LEU D 88 -0.01 55.62 -23.28
C LEU D 88 -0.52 56.99 -22.87
N GLY D 89 -1.34 57.62 -23.70
CA GLY D 89 -1.93 58.90 -23.32
C GLY D 89 -2.87 58.78 -22.14
N ARG D 90 -3.63 57.68 -22.07
CA ARG D 90 -4.50 57.45 -20.93
C ARG D 90 -3.72 57.25 -19.64
N LEU D 91 -2.44 56.89 -19.74
CA LEU D 91 -1.57 56.75 -18.58
C LEU D 91 -0.75 58.00 -18.30
N GLY D 92 -0.98 59.09 -19.04
CA GLY D 92 -0.24 60.32 -18.85
C GLY D 92 1.13 60.36 -19.50
N LEU D 93 1.42 59.46 -20.41
CA LEU D 93 2.70 59.40 -21.09
C LEU D 93 2.52 59.65 -22.58
N ARG D 94 3.65 59.75 -23.29
CA ARG D 94 3.67 59.99 -24.72
C ARG D 94 4.36 58.85 -25.44
N LEU D 95 3.95 58.62 -26.68
CA LEU D 95 4.56 57.59 -27.52
C LEU D 95 5.42 58.23 -28.60
N LEU D 109 7.82 40.23 -36.38
CA LEU D 109 8.80 40.96 -35.58
C LEU D 109 8.80 40.48 -34.13
N TYR D 110 9.82 40.89 -33.39
CA TYR D 110 9.98 40.52 -31.99
C TYR D 110 9.76 41.75 -31.12
N GLN D 111 8.86 41.62 -30.13
CA GLN D 111 8.50 42.72 -29.25
C GLN D 111 8.84 42.35 -27.81
N ILE D 112 9.27 43.36 -27.05
CA ILE D 112 9.48 43.26 -25.61
C ILE D 112 8.78 44.44 -24.95
N THR D 113 7.99 44.18 -23.91
CA THR D 113 7.21 45.18 -23.23
C THR D 113 7.43 45.04 -21.73
N ALA D 114 7.96 46.08 -21.09
CA ALA D 114 8.24 46.06 -19.67
C ALA D 114 7.77 47.36 -19.02
N ILE D 115 7.37 47.25 -17.75
CA ILE D 115 6.96 48.40 -16.95
C ILE D 115 7.62 48.30 -15.57
N SER D 116 7.47 49.36 -14.79
CA SER D 116 8.03 49.42 -13.45
C SER D 116 7.05 48.84 -12.43
N ARG D 117 7.61 48.47 -11.26
CA ARG D 117 6.78 47.90 -10.20
C ARG D 117 5.78 48.93 -9.66
N GLU D 118 6.20 50.19 -9.54
CA GLU D 118 5.28 51.23 -9.10
C GLU D 118 4.16 51.41 -10.12
N LEU D 119 4.48 51.37 -11.41
CA LEU D 119 3.45 51.40 -12.44
C LEU D 119 2.55 50.17 -12.35
N PHE D 120 3.14 49.02 -12.01
CA PHE D 120 2.33 47.81 -11.79
C PHE D 120 1.31 48.03 -10.68
N GLU D 121 1.76 48.60 -9.55
CA GLU D 121 0.84 48.87 -8.45
C GLU D 121 -0.21 49.90 -8.86
N SER D 122 0.17 50.90 -9.64
CA SER D 122 -0.79 51.88 -10.11
C SER D 122 -1.86 51.23 -10.98
N LEU D 123 -1.44 50.30 -11.85
CA LEU D 123 -2.41 49.56 -12.66
C LEU D 123 -3.33 48.72 -11.77
N GLN D 124 -2.78 48.10 -10.73
CA GLN D 124 -3.59 47.26 -9.85
C GLN D 124 -4.63 48.08 -9.10
N LYS D 125 -4.25 49.26 -8.61
CA LYS D 125 -5.10 50.01 -7.70
C LYS D 125 -5.71 51.26 -8.33
N GLU D 126 -4.91 52.08 -9.03
CA GLU D 126 -5.43 53.31 -9.60
C GLU D 126 -6.27 53.04 -10.85
N LYS D 127 -5.86 52.08 -11.68
CA LYS D 127 -6.46 51.84 -12.98
C LYS D 127 -7.19 50.50 -13.05
N ARG D 128 -7.88 50.13 -11.97
CA ARG D 128 -8.57 48.86 -11.93
C ARG D 128 -9.96 48.90 -12.56
N GLU D 129 -10.47 50.07 -12.94
CA GLU D 129 -11.77 50.18 -13.56
C GLU D 129 -11.80 51.14 -14.74
N ILE D 130 -10.64 51.57 -15.24
CA ILE D 130 -10.63 52.52 -16.34
C ILE D 130 -11.09 51.86 -17.64
N PHE D 131 -10.90 50.54 -17.78
CA PHE D 131 -11.15 49.84 -19.02
C PHE D 131 -12.48 49.07 -19.00
N GLU D 132 -13.42 49.47 -18.16
CA GLU D 132 -14.74 48.86 -18.19
C GLU D 132 -15.56 49.29 -19.40
N ASP D 133 -15.09 50.28 -20.15
CA ASP D 133 -15.78 50.77 -21.34
C ASP D 133 -15.27 50.12 -22.62
N VAL D 134 -14.28 49.24 -22.54
CA VAL D 134 -13.71 48.62 -23.73
C VAL D 134 -14.20 47.19 -23.93
N GLN D 135 -14.83 46.58 -22.93
CA GLN D 135 -15.26 45.19 -23.00
C GLN D 135 -16.78 45.13 -23.17
N GLU D 136 -17.23 44.35 -24.15
CA GLU D 136 -18.65 44.19 -24.41
C GLU D 136 -19.27 43.23 -23.39
N LYS D 137 -20.59 43.33 -23.23
CA LYS D 137 -21.32 42.47 -22.32
C LYS D 137 -21.57 41.11 -22.96
N ILE D 138 -21.63 40.08 -22.12
CA ILE D 138 -21.89 38.73 -22.61
C ILE D 138 -23.34 38.64 -23.08
N THR D 139 -23.52 38.14 -24.30
CA THR D 139 -24.84 38.00 -24.91
C THR D 139 -24.99 36.60 -25.49
N PHE D 140 -26.24 36.14 -25.53
CA PHE D 140 -26.58 34.84 -26.10
C PHE D 140 -27.35 35.03 -27.40
N ASN D 141 -26.97 34.29 -28.43
CA ASN D 141 -27.59 34.39 -29.75
C ASN D 141 -27.84 32.96 -30.25
N PHE D 142 -29.05 32.45 -30.04
CA PHE D 142 -29.40 31.09 -30.40
C PHE D 142 -29.78 30.94 -31.87
N SER D 143 -29.46 31.92 -32.71
CA SER D 143 -29.74 31.86 -34.13
C SER D 143 -28.57 31.31 -34.94
N LYS D 144 -27.42 31.07 -34.31
CA LYS D 144 -26.27 30.53 -35.01
C LYS D 144 -26.26 29.01 -35.09
N VAL D 145 -27.24 28.34 -34.48
CA VAL D 145 -27.33 26.88 -34.51
C VAL D 145 -28.76 26.49 -34.87
N ASP D 146 -28.91 25.27 -35.37
CA ASP D 146 -30.20 24.73 -35.79
C ASP D 146 -30.54 23.59 -34.83
N LEU D 147 -31.47 23.84 -33.93
CA LEU D 147 -31.91 22.86 -32.94
C LEU D 147 -33.43 22.92 -32.84
N PRO D 148 -34.06 21.84 -32.41
CA PRO D 148 -35.51 21.86 -32.19
C PRO D 148 -35.89 22.88 -31.12
N GLU D 149 -37.13 23.38 -31.23
CA GLU D 149 -37.56 24.47 -30.35
C GLU D 149 -37.62 24.05 -28.90
N LYS D 150 -38.13 22.85 -28.62
CA LYS D 150 -38.28 22.40 -27.24
C LYS D 150 -36.94 22.18 -26.56
N TYR D 151 -35.85 22.13 -27.31
CA TYR D 151 -34.52 22.04 -26.72
C TYR D 151 -33.87 23.40 -26.53
N VAL D 152 -34.10 24.34 -27.45
CA VAL D 152 -33.60 25.70 -27.27
C VAL D 152 -34.31 26.39 -26.10
N LYS D 153 -35.60 26.12 -25.94
CA LYS D 153 -36.33 26.68 -24.80
C LYS D 153 -35.78 26.16 -23.47
N LYS D 154 -35.42 24.88 -23.41
CA LYS D 154 -34.83 24.33 -22.19
C LYS D 154 -33.42 24.87 -21.97
N LEU D 155 -32.62 24.99 -23.03
CA LEU D 155 -31.25 25.44 -22.91
C LEU D 155 -31.11 26.93 -22.70
N ARG D 156 -32.18 27.70 -22.90
CA ARG D 156 -32.10 29.13 -22.68
C ARG D 156 -31.86 29.49 -21.21
N LEU D 157 -32.03 28.55 -20.28
CA LEU D 157 -31.80 28.83 -18.87
C LEU D 157 -30.34 29.05 -18.54
N LEU D 158 -29.41 28.71 -19.43
CA LEU D 158 -27.99 28.95 -19.17
C LEU D 158 -27.64 30.42 -19.18
N GLU D 159 -28.55 31.29 -19.64
CA GLU D 159 -28.27 32.72 -19.68
C GLU D 159 -28.29 33.35 -18.29
N LEU D 160 -28.85 32.65 -17.29
CA LEU D 160 -28.91 33.20 -15.94
C LEU D 160 -27.56 33.22 -15.25
N MET D 161 -26.57 32.49 -15.77
CA MET D 161 -25.22 32.44 -15.22
C MET D 161 -25.23 31.94 -13.78
N GLU D 162 -25.68 30.69 -13.62
CA GLU D 162 -25.69 30.02 -12.33
C GLU D 162 -25.15 28.61 -12.49
N ASP D 163 -24.69 28.04 -11.38
CA ASP D 163 -24.22 26.66 -11.38
C ASP D 163 -25.34 25.73 -11.84
N THR D 164 -25.03 24.86 -12.79
CA THR D 164 -26.06 24.06 -13.45
C THR D 164 -25.63 22.60 -13.54
N ILE D 165 -26.61 21.70 -13.45
CA ILE D 165 -26.39 20.28 -13.66
C ILE D 165 -27.29 19.85 -14.82
N ILE D 166 -26.69 19.21 -15.83
CA ILE D 166 -27.39 18.83 -17.04
C ILE D 166 -27.43 17.31 -17.12
N PHE D 167 -28.63 16.75 -16.97
CA PHE D 167 -28.89 15.34 -17.22
C PHE D 167 -29.03 15.17 -18.73
N ASN D 168 -27.94 14.78 -19.39
CA ASN D 168 -27.84 14.81 -20.84
C ASN D 168 -28.09 13.41 -21.38
N MET D 169 -29.36 13.10 -21.63
CA MET D 169 -29.72 11.87 -22.32
C MET D 169 -29.75 12.02 -23.83
N ALA D 170 -29.60 13.23 -24.35
CA ALA D 170 -29.60 13.48 -25.78
C ALA D 170 -28.20 13.52 -26.38
N GLU D 171 -27.16 13.35 -25.56
CA GLU D 171 -25.77 13.30 -26.04
C GLU D 171 -25.39 14.58 -26.77
N LEU D 172 -25.95 15.70 -26.35
CA LEU D 172 -25.65 16.97 -26.99
C LEU D 172 -24.27 17.47 -26.61
N GLU D 173 -23.59 18.10 -27.57
CA GLU D 173 -22.24 18.61 -27.36
C GLU D 173 -22.33 20.02 -26.77
N ILE D 174 -22.26 20.09 -25.44
CA ILE D 174 -22.41 21.39 -24.76
C ILE D 174 -21.30 22.36 -25.12
N PRO D 175 -20.00 21.99 -25.06
CA PRO D 175 -18.96 22.99 -25.37
C PRO D 175 -19.07 23.58 -26.78
N ASN D 176 -19.41 22.76 -27.77
CA ASN D 176 -19.54 23.28 -29.13
C ASN D 176 -20.71 24.24 -29.24
N LEU D 177 -21.84 23.91 -28.61
CA LEU D 177 -22.99 24.80 -28.63
C LEU D 177 -22.66 26.12 -27.96
N LEU D 178 -21.98 26.08 -26.81
CA LEU D 178 -21.63 27.32 -26.11
C LEU D 178 -20.64 28.15 -26.91
N LYS D 179 -19.66 27.51 -27.54
CA LYS D 179 -18.72 28.25 -28.38
C LYS D 179 -19.44 28.87 -29.58
N ALA D 180 -20.50 28.21 -30.07
CA ALA D 180 -21.22 28.74 -31.22
C ALA D 180 -22.10 29.93 -30.85
N ILE D 181 -22.78 29.86 -29.70
CA ILE D 181 -23.85 30.81 -29.41
C ILE D 181 -23.43 31.96 -28.49
N VAL D 182 -22.25 31.91 -27.90
CA VAL D 182 -21.84 32.91 -26.90
C VAL D 182 -21.00 33.99 -27.57
N GLU D 183 -21.36 35.25 -27.35
CA GLU D 183 -20.60 36.39 -27.82
C GLU D 183 -20.40 37.38 -26.68
N GLY D 184 -19.26 38.06 -26.73
CA GLY D 184 -18.92 39.04 -25.71
C GLY D 184 -17.41 39.11 -25.56
N THR D 185 -16.98 39.92 -24.60
CA THR D 185 -15.57 40.09 -24.30
C THR D 185 -15.38 40.31 -22.80
N VAL D 186 -14.23 39.88 -22.29
CA VAL D 186 -13.86 40.06 -20.90
C VAL D 186 -12.39 40.43 -20.82
N LEU D 187 -11.99 40.99 -19.68
CA LEU D 187 -10.61 41.34 -19.39
C LEU D 187 -10.11 40.44 -18.26
N ILE D 188 -8.99 39.77 -18.49
CA ILE D 188 -8.39 38.93 -17.45
C ILE D 188 -6.92 39.28 -17.33
N PRO D 189 -6.35 39.26 -16.13
CA PRO D 189 -4.91 39.53 -16.00
C PRO D 189 -4.08 38.46 -16.70
N ARG D 190 -3.00 38.91 -17.34
CA ARG D 190 -2.11 37.96 -18.01
C ARG D 190 -1.44 37.03 -17.01
N PHE D 191 -1.00 37.57 -15.87
CA PHE D 191 -0.42 36.76 -14.82
C PHE D 191 -0.63 37.48 -13.49
N LEU D 192 -0.52 36.71 -12.41
CA LEU D 192 -0.70 37.22 -11.06
C LEU D 192 0.63 37.19 -10.31
N GLU D 193 0.93 38.29 -9.62
CA GLU D 193 2.12 38.40 -8.79
C GLU D 193 1.70 38.36 -7.33
N LYS D 194 2.23 37.39 -6.59
CA LYS D 194 1.93 37.21 -5.17
C LYS D 194 3.22 36.87 -4.46
N GLU D 195 3.76 37.83 -3.71
CA GLU D 195 4.92 37.63 -2.83
C GLU D 195 6.08 36.99 -3.60
N ASP D 196 6.50 37.68 -4.65
CA ASP D 196 7.60 37.26 -5.53
C ASP D 196 7.31 35.92 -6.21
N LEU D 197 6.04 35.57 -6.37
CA LEU D 197 5.63 34.36 -7.09
C LEU D 197 4.77 34.75 -8.27
N ILE D 198 5.02 34.11 -9.41
CA ILE D 198 4.31 34.40 -10.66
C ILE D 198 3.39 33.22 -10.95
N ILE D 199 2.12 33.53 -11.24
CA ILE D 199 1.12 32.52 -11.57
C ILE D 199 0.57 32.86 -12.94
N ARG D 200 0.59 31.88 -13.86
CA ARG D 200 0.10 32.08 -15.21
C ARG D 200 -1.42 31.96 -15.22
N ILE D 201 -2.09 32.99 -15.72
CA ILE D 201 -3.54 32.98 -15.84
C ILE D 201 -3.98 32.82 -17.30
N PHE D 202 -3.33 33.54 -18.21
CA PHE D 202 -3.66 33.49 -19.62
C PHE D 202 -2.79 32.44 -20.32
N ASP D 203 -3.45 31.51 -21.01
CA ASP D 203 -2.77 30.52 -21.82
C ASP D 203 -3.27 30.62 -23.26
N GLU D 204 -2.36 30.44 -24.21
CA GLU D 204 -2.70 30.68 -25.62
C GLU D 204 -3.62 29.61 -26.18
N GLU D 205 -3.50 28.37 -25.70
CA GLU D 205 -4.27 27.28 -26.30
C GLU D 205 -5.76 27.40 -26.00
N LEU D 206 -6.11 27.66 -24.75
CA LEU D 206 -7.51 27.64 -24.33
C LEU D 206 -8.19 28.99 -24.39
N HIS D 207 -7.46 30.06 -24.72
CA HIS D 207 -8.02 31.41 -24.75
C HIS D 207 -7.94 31.97 -26.16
N GLU D 208 -8.98 32.70 -26.56
CA GLU D 208 -9.04 33.34 -27.86
C GLU D 208 -8.65 34.81 -27.70
N TYR D 209 -7.47 35.16 -28.20
CA TYR D 209 -6.95 36.51 -28.04
C TYR D 209 -7.78 37.52 -28.82
N ARG D 210 -8.01 38.69 -28.22
CA ARG D 210 -8.68 39.78 -28.91
C ARG D 210 -7.88 41.07 -28.77
N GLY D 211 -7.19 41.24 -27.65
CA GLY D 211 -6.36 42.42 -27.46
C GLY D 211 -5.52 42.29 -26.20
N SER D 212 -4.46 43.09 -26.16
CA SER D 212 -3.55 43.11 -25.01
C SER D 212 -3.40 44.54 -24.53
N TYR D 213 -3.85 44.81 -23.31
CA TYR D 213 -3.76 46.13 -22.69
C TYR D 213 -2.81 46.01 -21.50
N PHE D 214 -1.53 46.27 -21.74
CA PHE D 214 -0.49 46.21 -20.72
C PHE D 214 -0.46 44.87 -20.00
N ASP D 215 -0.88 44.87 -18.73
CA ASP D 215 -0.85 43.68 -17.90
C ASP D 215 -2.11 42.83 -18.02
N LYS D 216 -3.12 43.29 -18.75
CA LYS D 216 -4.36 42.56 -18.91
C LYS D 216 -4.55 42.17 -20.38
N VAL D 217 -5.40 41.16 -20.59
CA VAL D 217 -5.71 40.67 -21.92
C VAL D 217 -7.23 40.66 -22.06
N LEU D 218 -7.72 41.27 -23.14
CA LEU D 218 -9.12 41.22 -23.51
C LEU D 218 -9.33 40.03 -24.43
N ILE D 219 -10.18 39.10 -24.02
CA ILE D 219 -10.42 37.85 -24.73
C ILE D 219 -11.91 37.57 -24.79
N LYS D 220 -12.26 36.53 -25.53
CA LYS D 220 -13.62 36.02 -25.53
C LYS D 220 -13.93 35.39 -24.17
N PRO D 221 -15.20 35.31 -23.79
CA PRO D 221 -15.56 34.66 -22.53
C PRO D 221 -15.05 33.23 -22.50
N PRO D 222 -14.20 32.90 -21.53
CA PRO D 222 -13.57 31.57 -21.53
C PRO D 222 -14.59 30.45 -21.43
N ILE D 223 -14.32 29.37 -22.14
CA ILE D 223 -15.12 28.15 -22.09
C ILE D 223 -14.12 27.00 -21.94
N ILE D 224 -14.01 26.45 -20.74
CA ILE D 224 -13.07 25.38 -20.43
C ILE D 224 -13.86 24.09 -20.28
N HIS D 225 -13.32 23.01 -20.84
CA HIS D 225 -13.93 21.69 -20.77
C HIS D 225 -12.97 20.70 -20.13
N TRP D 226 -13.49 19.84 -19.26
CA TRP D 226 -12.66 18.85 -18.58
C TRP D 226 -13.40 17.52 -18.56
N ASP D 227 -12.80 16.51 -19.17
CA ASP D 227 -13.37 15.17 -19.25
C ASP D 227 -12.61 14.23 -18.33
N PHE D 228 -13.36 13.39 -17.61
CA PHE D 228 -12.76 12.52 -16.61
C PHE D 228 -11.81 11.50 -17.24
N TYR D 229 -12.20 10.90 -18.36
CA TYR D 229 -11.41 9.84 -18.95
C TYR D 229 -10.25 10.35 -19.79
N LEU D 230 -10.21 11.64 -20.11
CA LEU D 230 -9.22 12.19 -21.03
C LEU D 230 -8.20 13.09 -20.37
N ASP D 231 -8.44 13.57 -19.16
CA ASP D 231 -7.57 14.54 -18.51
C ASP D 231 -7.25 14.08 -17.09
N SER D 232 -6.19 14.68 -16.53
CA SER D 232 -5.72 14.36 -15.20
C SER D 232 -6.19 15.39 -14.19
N LEU D 233 -6.10 15.03 -12.91
CA LEU D 233 -6.54 15.90 -11.83
C LEU D 233 -5.51 16.99 -11.49
N GLU D 234 -4.27 16.85 -11.98
CA GLU D 234 -3.26 17.87 -11.71
C GLU D 234 -3.61 19.21 -12.37
N ASP D 235 -4.59 19.22 -13.28
CA ASP D 235 -5.12 20.47 -13.81
C ASP D 235 -5.76 21.34 -12.73
N PHE D 236 -6.13 20.75 -11.58
CA PHE D 236 -6.74 21.49 -10.49
C PHE D 236 -5.78 21.76 -9.34
N SER D 237 -4.48 21.73 -9.60
CA SER D 237 -3.46 22.03 -8.61
C SER D 237 -2.50 23.07 -9.17
N PHE D 238 -1.82 23.76 -8.27
CA PHE D 238 -0.83 24.78 -8.64
C PHE D 238 0.42 24.07 -9.15
N LYS D 239 0.32 23.57 -10.39
CA LYS D 239 1.42 22.84 -10.99
C LYS D 239 2.61 23.76 -11.22
N LYS D 240 3.81 23.24 -11.02
CA LYS D 240 5.05 23.99 -11.12
C LYS D 240 5.83 23.55 -12.34
N VAL D 241 6.24 24.50 -13.16
CA VAL D 241 7.05 24.24 -14.35
C VAL D 241 8.49 24.68 -14.12
N GLU D 242 8.69 25.89 -13.63
CA GLU D 242 10.03 26.41 -13.36
C GLU D 242 9.95 27.30 -12.13
N GLU D 243 11.12 27.50 -11.51
CA GLU D 243 11.19 28.22 -10.24
C GLU D 243 10.50 29.57 -10.34
N SER D 244 9.62 29.84 -9.37
CA SER D 244 8.89 31.09 -9.20
C SER D 244 7.85 31.33 -10.30
N ILE D 245 7.59 30.36 -11.17
CA ILE D 245 6.49 30.46 -12.12
C ILE D 245 5.65 29.19 -12.05
N TYR D 246 4.36 29.36 -11.76
CA TYR D 246 3.43 28.26 -11.61
C TYR D 246 2.30 28.42 -12.61
N ILE D 247 1.56 27.33 -12.83
CA ILE D 247 0.40 27.32 -13.72
C ILE D 247 -0.84 27.22 -12.85
N ALA D 248 -1.75 28.19 -13.01
CA ALA D 248 -2.94 28.25 -12.19
C ALA D 248 -3.86 27.06 -12.50
N PRO D 249 -4.69 26.64 -11.53
CA PRO D 249 -5.66 25.58 -11.80
C PRO D 249 -6.72 26.00 -12.80
N LEU D 250 -7.62 25.08 -13.16
CA LEU D 250 -8.59 25.35 -14.21
C LEU D 250 -9.54 26.48 -13.83
N PHE D 251 -10.00 26.51 -12.57
CA PHE D 251 -11.00 27.50 -12.19
C PHE D 251 -10.44 28.92 -12.11
N LEU D 252 -9.12 29.09 -12.19
CA LEU D 252 -8.53 30.42 -12.28
C LEU D 252 -8.37 30.88 -13.73
N ARG D 253 -8.26 29.95 -14.67
CA ARG D 253 -8.22 30.30 -16.09
C ARG D 253 -9.61 30.41 -16.70
N ALA D 254 -10.66 30.08 -15.95
CA ALA D 254 -12.03 30.24 -16.38
C ALA D 254 -12.71 31.45 -15.75
N THR D 255 -11.94 32.51 -15.50
CA THR D 255 -12.48 33.69 -14.83
C THR D 255 -13.44 34.42 -15.75
N GLY D 256 -14.68 34.61 -15.27
CA GLY D 256 -15.69 35.29 -16.05
C GLY D 256 -16.38 34.46 -17.09
N GLY D 257 -16.04 33.17 -17.20
CA GLY D 257 -16.60 32.33 -18.23
C GLY D 257 -17.27 31.08 -17.71
N PHE D 258 -17.10 29.97 -18.41
CA PHE D 258 -17.76 28.72 -18.08
C PHE D 258 -16.73 27.61 -17.88
N LEU D 259 -16.95 26.76 -16.88
CA LEU D 259 -16.16 25.56 -16.67
C LEU D 259 -17.11 24.37 -16.70
N ILE D 260 -16.93 23.49 -17.69
CA ILE D 260 -17.79 22.36 -17.93
C ILE D 260 -17.04 21.09 -17.53
N LEU D 261 -17.67 20.27 -16.70
CA LEU D 261 -17.10 19.00 -16.28
C LEU D 261 -17.93 17.86 -16.83
N THR D 262 -17.27 16.80 -17.30
CA THR D 262 -17.93 15.63 -17.85
C THR D 262 -17.67 14.45 -16.94
N GLU D 263 -18.72 13.99 -16.26
CA GLU D 263 -18.65 12.88 -15.32
C GLU D 263 -17.52 13.03 -14.29
N PRO D 264 -17.52 14.11 -13.51
CA PRO D 264 -16.42 14.32 -12.56
C PRO D 264 -16.65 13.53 -11.29
N PRO D 265 -15.60 13.25 -10.52
CA PRO D 265 -15.78 12.62 -9.22
C PRO D 265 -16.47 13.55 -8.23
N GLU D 266 -17.09 12.95 -7.22
CA GLU D 266 -17.87 13.72 -6.25
C GLU D 266 -16.97 14.64 -5.42
N ASP D 267 -15.76 14.19 -5.09
CA ASP D 267 -14.87 15.00 -4.26
C ASP D 267 -14.48 16.29 -4.95
N LEU D 268 -14.22 16.22 -6.26
CA LEU D 268 -13.88 17.43 -7.00
C LEU D 268 -15.03 18.43 -7.00
N VAL D 269 -16.26 17.95 -7.18
CA VAL D 269 -17.42 18.83 -7.16
C VAL D 269 -17.58 19.44 -5.78
N LYS D 270 -17.38 18.65 -4.72
CA LYS D 270 -17.46 19.18 -3.37
C LYS D 270 -16.43 20.30 -3.15
N THR D 271 -15.20 20.06 -3.60
CA THR D 271 -14.16 21.08 -3.45
C THR D 271 -14.51 22.35 -4.21
N LEU D 272 -15.01 22.21 -5.44
CA LEU D 272 -15.36 23.38 -6.24
C LEU D 272 -16.50 24.16 -5.61
N LEU D 273 -17.53 23.46 -5.13
CA LEU D 273 -18.65 24.14 -4.48
C LEU D 273 -18.22 24.83 -3.20
N LYS D 274 -17.36 24.19 -2.41
CA LYS D 274 -16.84 24.82 -1.20
C LYS D 274 -16.04 26.07 -1.52
N LEU D 275 -15.19 26.00 -2.55
CA LEU D 275 -14.42 27.18 -2.96
C LEU D 275 -15.33 28.30 -3.43
N LYS D 276 -16.37 27.97 -4.21
CA LYS D 276 -17.30 29.00 -4.68
C LYS D 276 -18.04 29.65 -3.52
N LYS D 277 -18.47 28.85 -2.53
CA LYS D 277 -19.11 29.42 -1.35
C LYS D 277 -18.14 30.30 -0.57
N ARG D 278 -16.89 29.87 -0.45
CA ARG D 278 -15.90 30.68 0.26
C ARG D 278 -15.64 32.00 -0.45
N GLY D 279 -15.59 31.97 -1.78
CA GLY D 279 -15.31 33.16 -2.56
C GLY D 279 -13.85 33.41 -2.86
N GLU D 280 -12.95 32.56 -2.38
CA GLU D 280 -11.52 32.71 -2.62
C GLU D 280 -10.84 31.38 -2.38
N VAL D 281 -9.59 31.29 -2.83
CA VAL D 281 -8.75 30.12 -2.65
C VAL D 281 -7.52 30.53 -1.86
N ARG D 282 -7.22 29.77 -0.81
CA ARG D 282 -6.06 29.99 0.03
C ARG D 282 -5.12 28.80 -0.09
N THR D 283 -3.83 29.07 -0.24
CA THR D 283 -2.85 28.01 -0.45
C THR D 283 -1.52 28.40 0.13
N ILE D 284 -0.63 27.41 0.27
CA ILE D 284 0.72 27.60 0.76
C ILE D 284 1.68 27.13 -0.32
N LEU D 285 2.64 27.99 -0.67
CA LEU D 285 3.59 27.70 -1.73
C LEU D 285 4.97 28.18 -1.29
N GLU D 286 5.91 27.23 -1.14
CA GLU D 286 7.28 27.53 -0.76
C GLU D 286 7.35 28.36 0.53
N GLY D 287 6.46 28.04 1.47
CA GLY D 287 6.41 28.74 2.74
C GLY D 287 5.68 30.07 2.73
N LYS D 288 5.06 30.44 1.61
CA LYS D 288 4.35 31.70 1.48
C LYS D 288 2.86 31.45 1.37
N ARG D 289 2.06 32.21 2.13
CA ARG D 289 0.61 32.11 2.06
C ARG D 289 0.09 32.97 0.92
N ILE D 290 -0.81 32.42 0.11
CA ILE D 290 -1.36 33.11 -1.05
C ILE D 290 -2.87 32.98 -1.03
N THR D 291 -3.56 34.11 -1.21
CA THR D 291 -5.02 34.15 -1.28
C THR D 291 -5.43 34.81 -2.58
N ILE D 292 -6.33 34.17 -3.31
CA ILE D 292 -6.77 34.68 -4.62
C ILE D 292 -8.27 34.56 -4.76
N PRO D 293 -8.98 35.62 -5.14
CA PRO D 293 -10.43 35.51 -5.36
C PRO D 293 -10.73 34.72 -6.63
N ILE D 294 -11.91 34.09 -6.64
CA ILE D 294 -12.34 33.28 -7.77
C ILE D 294 -13.74 33.69 -8.17
N ASN D 295 -14.03 33.61 -9.47
CA ASN D 295 -15.34 33.98 -10.00
C ASN D 295 -15.52 33.25 -11.33
N PHE D 296 -16.41 32.25 -11.35
CA PHE D 296 -16.65 31.48 -12.57
C PHE D 296 -18.01 30.81 -12.45
N THR D 297 -18.48 30.29 -13.58
CA THR D 297 -19.72 29.54 -13.65
C THR D 297 -19.39 28.06 -13.85
N LEU D 298 -20.15 27.19 -13.18
CA LEU D 298 -19.88 25.76 -13.16
C LEU D 298 -21.04 25.00 -13.81
N ILE D 299 -20.71 24.13 -14.76
CA ILE D 299 -21.68 23.26 -15.41
C ILE D 299 -21.20 21.83 -15.26
N VAL D 300 -22.07 20.96 -14.79
CA VAL D 300 -21.78 19.54 -14.64
C VAL D 300 -22.67 18.77 -15.59
N ASP D 301 -22.08 18.16 -16.61
CA ASP D 301 -22.80 17.40 -17.62
C ASP D 301 -22.66 15.92 -17.28
N THR D 302 -23.80 15.23 -17.12
CA THR D 302 -23.73 13.84 -16.72
C THR D 302 -24.94 13.07 -17.23
N ARG D 303 -24.79 11.75 -17.30
CA ARG D 303 -25.90 10.84 -17.54
C ARG D 303 -26.22 10.00 -16.30
N HIS D 304 -25.50 10.20 -15.21
CA HIS D 304 -25.74 9.51 -13.94
C HIS D 304 -25.84 10.55 -12.85
N PRO D 305 -27.03 11.14 -12.66
CA PRO D 305 -27.17 12.21 -11.65
C PRO D 305 -27.22 11.72 -10.22
N GLU D 306 -27.49 10.43 -9.99
CA GLU D 306 -27.62 9.94 -8.62
C GLU D 306 -26.30 10.00 -7.86
N ARG D 307 -25.18 10.15 -8.56
CA ARG D 307 -23.90 10.32 -7.89
C ARG D 307 -23.76 11.67 -7.20
N TYR D 308 -24.62 12.64 -7.53
CA TYR D 308 -24.55 13.97 -6.96
C TYR D 308 -25.86 14.34 -6.26
N ALA D 309 -26.41 13.41 -5.48
CA ALA D 309 -27.68 13.64 -4.82
C ALA D 309 -27.55 14.65 -3.69
N GLY D 310 -26.53 14.51 -2.86
CA GLY D 310 -26.41 15.39 -1.70
C GLY D 310 -26.13 16.84 -2.06
N LEU D 311 -25.29 17.06 -3.07
CA LEU D 311 -24.90 18.40 -3.45
C LEU D 311 -26.09 19.20 -3.97
N LYS D 312 -25.97 20.52 -3.92
CA LYS D 312 -27.05 21.42 -4.29
C LYS D 312 -26.63 22.30 -5.47
N PHE D 313 -27.45 22.32 -6.50
CA PHE D 313 -27.28 23.18 -7.65
C PHE D 313 -28.56 23.99 -7.87
N PRO D 314 -28.44 25.28 -8.16
CA PRO D 314 -29.65 26.07 -8.41
C PRO D 314 -30.50 25.57 -9.57
N ILE D 315 -29.87 25.07 -10.64
CA ILE D 315 -30.57 24.74 -11.87
C ILE D 315 -30.26 23.32 -12.28
N ARG D 316 -31.31 22.54 -12.55
CA ARG D 316 -31.20 21.20 -13.10
C ARG D 316 -31.95 21.17 -14.43
N ILE D 317 -31.26 20.78 -15.50
CA ILE D 317 -31.84 20.74 -16.84
C ILE D 317 -31.78 19.29 -17.33
N ASN D 318 -32.93 18.75 -17.71
CA ASN D 318 -33.04 17.39 -18.22
C ASN D 318 -33.28 17.44 -19.72
N LEU D 319 -32.44 16.73 -20.48
CA LEU D 319 -32.59 16.65 -21.92
C LEU D 319 -33.05 15.26 -22.31
N PRO D 320 -34.31 15.08 -22.70
CA PRO D 320 -34.81 13.73 -23.00
C PRO D 320 -34.34 13.26 -24.36
N PRO D 321 -34.34 11.95 -24.60
CA PRO D 321 -33.99 11.44 -25.93
C PRO D 321 -35.03 11.85 -26.97
N LEU D 322 -34.58 11.91 -28.22
CA LEU D 322 -35.45 12.33 -29.31
C LEU D 322 -36.60 11.33 -29.50
N ASP D 323 -37.78 11.85 -29.79
CA ASP D 323 -38.92 11.02 -30.12
C ASP D 323 -39.01 10.88 -31.65
N ASP D 324 -40.07 10.24 -32.13
CA ASP D 324 -40.16 9.90 -33.55
C ASP D 324 -40.15 11.15 -34.43
N GLU D 325 -41.00 12.12 -34.09
CA GLU D 325 -41.09 13.33 -34.91
C GLU D 325 -39.78 14.10 -34.92
N THR D 326 -39.19 14.31 -33.73
CA THR D 326 -37.94 15.05 -33.66
C THR D 326 -36.80 14.28 -34.34
N PHE D 327 -36.78 12.95 -34.18
CA PHE D 327 -35.75 12.15 -34.85
C PHE D 327 -35.87 12.28 -36.37
N LEU D 328 -37.09 12.20 -36.90
CA LEU D 328 -37.28 12.39 -38.34
C LEU D 328 -36.87 13.78 -38.78
N LYS D 329 -37.21 14.79 -38.00
CA LYS D 329 -36.86 16.17 -38.36
C LYS D 329 -35.36 16.37 -38.39
N VAL D 330 -34.66 15.83 -37.40
CA VAL D 330 -33.20 15.96 -37.35
C VAL D 330 -32.55 15.18 -38.49
N LEU D 331 -33.07 13.99 -38.80
CA LEU D 331 -32.55 13.23 -39.92
C LEU D 331 -32.72 13.99 -41.23
N GLU D 332 -33.90 14.58 -41.43
CA GLU D 332 -34.14 15.36 -42.65
C GLU D 332 -33.23 16.58 -42.71
N THR D 333 -33.00 17.22 -41.56
CA THR D 333 -32.14 18.40 -41.52
C THR D 333 -30.69 18.05 -41.87
N ASN D 334 -30.19 16.94 -41.33
CA ASN D 334 -28.77 16.62 -41.49
C ASN D 334 -28.47 15.92 -42.81
N LEU D 335 -29.26 14.89 -43.15
CA LEU D 335 -28.98 14.12 -44.35
C LEU D 335 -29.18 14.92 -45.62
N GLY D 336 -30.16 15.83 -45.64
CA GLY D 336 -30.50 16.57 -46.83
C GLY D 336 -31.57 15.93 -47.68
N ILE D 337 -32.16 14.82 -47.23
CA ILE D 337 -33.24 14.16 -47.95
C ILE D 337 -34.42 13.99 -46.99
N THR D 338 -35.57 13.65 -47.55
CA THR D 338 -36.76 13.41 -46.76
C THR D 338 -36.94 11.92 -46.55
N PRO D 339 -36.79 11.41 -45.33
CA PRO D 339 -36.96 9.97 -45.10
C PRO D 339 -38.39 9.63 -44.79
N PRO D 340 -38.81 8.37 -45.02
CA PRO D 340 -40.18 7.97 -44.68
C PRO D 340 -40.35 7.68 -43.21
N THR D 341 -41.52 7.18 -42.81
CA THR D 341 -41.78 6.89 -41.41
C THR D 341 -41.33 5.49 -40.99
N GLU D 342 -41.29 4.54 -41.92
CA GLU D 342 -40.95 3.17 -41.55
C GLU D 342 -39.56 3.06 -40.96
N ILE D 343 -38.61 3.87 -41.45
CA ILE D 343 -37.25 3.84 -40.93
C ILE D 343 -37.18 4.21 -39.45
N VAL D 344 -38.29 4.68 -38.87
CA VAL D 344 -38.32 4.94 -37.43
C VAL D 344 -38.18 3.63 -36.66
N ARG D 345 -38.78 2.55 -37.17
CA ARG D 345 -38.77 1.28 -36.48
C ARG D 345 -37.56 0.41 -36.79
N ILE D 346 -36.65 0.88 -37.65
CA ILE D 346 -35.49 0.09 -38.03
C ILE D 346 -34.31 0.32 -37.10
N PHE D 347 -34.01 1.58 -36.81
CA PHE D 347 -32.83 1.89 -36.01
C PHE D 347 -33.04 1.47 -34.55
N PRO D 348 -31.96 1.06 -33.87
CA PRO D 348 -32.10 0.68 -32.47
C PRO D 348 -32.44 1.88 -31.60
N PRO D 349 -33.10 1.66 -30.45
CA PRO D 349 -33.53 2.81 -29.63
C PRO D 349 -32.39 3.68 -29.14
N ASP D 350 -31.22 3.11 -28.87
CA ASP D 350 -30.13 3.91 -28.31
C ASP D 350 -29.52 4.86 -29.33
N TYR D 351 -29.78 4.66 -30.62
CA TYR D 351 -29.23 5.52 -31.66
C TYR D 351 -30.06 6.77 -31.89
N LYS D 352 -31.18 6.94 -31.18
CA LYS D 352 -32.06 8.09 -31.39
C LYS D 352 -31.59 9.27 -30.53
N THR D 353 -30.34 9.67 -30.76
CA THR D 353 -29.73 10.84 -30.14
C THR D 353 -29.01 11.64 -31.22
N PHE D 354 -28.32 12.70 -30.81
CA PHE D 354 -27.59 13.53 -31.77
C PHE D 354 -26.33 12.83 -32.27
N LEU D 355 -25.61 12.16 -31.36
CA LEU D 355 -24.42 11.41 -31.77
C LEU D 355 -24.78 10.27 -32.71
N GLY D 356 -25.89 9.58 -32.44
CA GLY D 356 -26.36 8.57 -33.36
C GLY D 356 -26.69 9.13 -34.72
N VAL D 357 -27.30 10.33 -34.75
CA VAL D 357 -27.61 10.97 -36.03
C VAL D 357 -26.33 11.29 -36.80
N GLU D 358 -25.30 11.77 -36.09
CA GLU D 358 -24.04 12.06 -36.77
C GLU D 358 -23.41 10.78 -37.32
N LEU D 359 -23.45 9.69 -36.55
CA LEU D 359 -22.91 8.42 -37.05
C LEU D 359 -23.68 7.93 -38.27
N ILE D 360 -25.01 8.05 -38.24
CA ILE D 360 -25.82 7.66 -39.38
C ILE D 360 -25.49 8.50 -40.60
N LYS D 361 -25.28 9.81 -40.40
CA LYS D 361 -24.91 10.67 -41.52
C LYS D 361 -23.57 10.27 -42.11
N ASN D 362 -22.58 9.97 -41.26
CA ASN D 362 -21.28 9.57 -41.77
C ASN D 362 -21.37 8.26 -42.55
N LEU D 363 -22.10 7.27 -42.02
CA LEU D 363 -22.26 6.01 -42.73
C LEU D 363 -23.00 6.20 -44.05
N PHE D 364 -24.03 7.06 -44.06
CA PHE D 364 -24.77 7.34 -45.28
C PHE D 364 -23.87 7.99 -46.32
N GLU D 365 -23.04 8.93 -45.91
CA GLU D 365 -22.12 9.57 -46.86
C GLU D 365 -21.12 8.56 -47.41
N LYS D 366 -20.60 7.67 -46.56
CA LYS D 366 -19.67 6.65 -47.04
C LYS D 366 -20.33 5.73 -48.05
N LEU D 367 -21.55 5.27 -47.74
CA LEU D 367 -22.26 4.37 -48.66
C LEU D 367 -22.58 5.07 -49.98
N LYS D 368 -23.00 6.33 -49.91
CA LYS D 368 -23.28 7.08 -51.13
C LYS D 368 -22.02 7.27 -51.96
N LEU D 369 -20.88 7.45 -51.30
CA LEU D 369 -19.62 7.53 -52.03
C LEU D 369 -19.31 6.20 -52.72
N THR D 370 -19.56 5.08 -52.04
CA THR D 370 -19.19 3.79 -52.60
C THR D 370 -20.19 3.31 -53.65
N GLU D 371 -21.44 3.07 -53.24
CA GLU D 371 -22.46 2.51 -54.12
C GLU D 371 -23.14 3.64 -54.88
N LYS D 372 -22.62 3.94 -56.06
CA LYS D 372 -23.13 5.05 -56.85
C LYS D 372 -24.32 4.64 -57.70
N GLY D 373 -25.27 5.56 -57.87
CA GLY D 373 -26.41 5.36 -58.73
C GLY D 373 -27.67 4.92 -58.03
N LYS D 374 -27.56 4.43 -56.79
CA LYS D 374 -28.72 3.90 -56.08
C LYS D 374 -29.54 5.02 -55.47
N ASP D 375 -30.82 4.73 -55.22
CA ASP D 375 -31.72 5.70 -54.60
C ASP D 375 -31.37 5.89 -53.13
N GLU D 376 -31.74 7.06 -52.61
CA GLU D 376 -31.33 7.43 -51.26
C GLU D 376 -32.05 6.61 -50.19
N VAL D 377 -33.31 6.24 -50.43
CA VAL D 377 -34.03 5.43 -49.46
C VAL D 377 -33.38 4.06 -49.31
N SER D 378 -32.93 3.47 -50.42
CA SER D 378 -32.23 2.20 -50.36
C SER D 378 -30.93 2.32 -49.59
N LEU D 379 -30.20 3.42 -49.80
CA LEU D 379 -28.96 3.63 -49.05
C LEU D 379 -29.24 3.79 -47.56
N LEU D 380 -30.31 4.50 -47.21
CA LEU D 380 -30.66 4.66 -45.80
C LEU D 380 -31.02 3.32 -45.17
N LYS D 381 -31.80 2.49 -45.89
CA LYS D 381 -32.13 1.17 -45.36
C LYS D 381 -30.90 0.29 -45.23
N GLU D 382 -29.98 0.36 -46.19
CA GLU D 382 -28.75 -0.41 -46.12
C GLU D 382 -27.90 0.03 -44.93
N ALA D 383 -27.80 1.35 -44.71
CA ALA D 383 -27.04 1.84 -43.57
C ALA D 383 -27.67 1.39 -42.25
N ALA D 384 -29.00 1.42 -42.17
CA ALA D 384 -29.67 0.94 -40.97
C ALA D 384 -29.41 -0.55 -40.75
N THR D 385 -29.42 -1.33 -41.83
CA THR D 385 -29.12 -2.76 -41.71
C THR D 385 -27.68 -2.98 -41.24
N ILE D 386 -26.74 -2.19 -41.75
CA ILE D 386 -25.35 -2.31 -41.33
C ILE D 386 -25.21 -1.96 -39.85
N ILE D 387 -25.95 -0.94 -39.39
CA ILE D 387 -25.86 -0.51 -38.00
C ILE D 387 -26.26 -1.64 -37.06
N THR D 388 -27.35 -2.33 -37.38
CA THR D 388 -27.86 -3.40 -36.51
C THR D 388 -27.16 -4.73 -36.74
N GLY D 389 -26.22 -4.80 -37.67
CA GLY D 389 -25.49 -6.04 -37.92
C GLY D 389 -26.31 -7.17 -38.47
N GLY D 390 -27.19 -6.90 -39.44
CA GLY D 390 -27.95 -7.93 -40.09
C GLY D 390 -29.14 -8.45 -39.32
N THR D 391 -29.43 -7.89 -38.15
CA THR D 391 -30.57 -8.31 -37.33
C THR D 391 -30.53 -9.80 -37.02
N ASP E 16 28.32 24.32 42.66
CA ASP E 16 27.69 24.34 41.34
C ASP E 16 27.17 22.95 40.96
N PHE E 17 27.75 21.91 41.56
CA PHE E 17 27.33 20.55 41.30
C PHE E 17 27.76 19.68 42.47
N VAL E 18 27.23 18.46 42.51
CA VAL E 18 27.60 17.49 43.54
C VAL E 18 27.42 16.08 42.98
N VAL E 19 28.25 15.16 43.45
CA VAL E 19 28.21 13.77 43.02
C VAL E 19 28.18 12.88 44.25
N MET E 20 27.34 11.85 44.21
CA MET E 20 27.25 10.86 45.28
C MET E 20 27.46 9.49 44.66
N ALA E 21 28.41 8.74 45.22
CA ALA E 21 28.81 7.45 44.66
C ALA E 21 28.64 6.35 45.70
N GLY E 22 28.00 5.26 45.30
CA GLY E 22 27.86 4.09 46.14
C GLY E 22 28.72 2.95 45.63
N MET E 23 29.64 2.48 46.47
CA MET E 23 30.59 1.44 46.11
C MET E 23 30.49 0.28 47.09
N ARG E 24 31.27 -0.76 46.81
CA ARG E 24 31.32 -1.93 47.67
C ARG E 24 32.40 -1.73 48.74
N LYS E 25 32.73 -2.80 49.48
CA LYS E 25 33.76 -2.71 50.49
C LYS E 25 35.15 -2.65 49.88
N ASP E 26 35.33 -3.18 48.67
CA ASP E 26 36.62 -3.21 48.00
C ASP E 26 36.87 -1.96 47.15
N GLY E 27 35.98 -0.98 47.20
CA GLY E 27 36.15 0.24 46.44
C GLY E 27 35.55 0.23 45.05
N THR E 28 34.91 -0.87 44.64
CA THR E 28 34.31 -0.94 43.31
C THR E 28 33.03 -0.10 43.28
N ILE E 29 33.05 0.98 42.50
CA ILE E 29 31.91 1.89 42.42
C ILE E 29 30.86 1.27 41.52
N ASP E 30 29.61 1.24 42.02
CA ASP E 30 28.51 0.66 41.27
C ASP E 30 27.30 1.58 41.10
N PHE E 31 27.17 2.65 41.88
CA PHE E 31 26.02 3.54 41.80
C PHE E 31 26.52 4.98 41.73
N ILE E 32 25.97 5.77 40.82
CA ILE E 32 26.35 7.16 40.65
C ILE E 32 25.09 8.02 40.57
N LYS E 33 25.07 9.12 41.31
CA LYS E 33 24.00 10.11 41.19
C LYS E 33 24.60 11.49 41.22
N VAL E 34 24.34 12.29 40.19
CA VAL E 34 24.91 13.62 40.06
C VAL E 34 23.79 14.65 40.06
N TYR E 35 23.99 15.73 40.82
CA TYR E 35 23.10 16.87 40.84
C TYR E 35 23.85 18.07 40.26
N ALA E 36 23.16 18.82 39.39
CA ALA E 36 23.75 19.97 38.72
C ALA E 36 22.65 20.97 38.40
N LEU E 37 23.07 22.11 37.83
CA LEU E 37 22.12 23.18 37.55
C LEU E 37 21.22 22.84 36.36
N ASN E 38 21.80 22.28 35.30
CA ASN E 38 21.04 21.94 34.10
C ASN E 38 21.54 20.61 33.56
N GLU E 39 21.11 20.27 32.35
CA GLU E 39 21.46 18.99 31.75
C GLU E 39 22.91 18.97 31.29
N LYS E 40 23.37 20.06 30.68
CA LYS E 40 24.72 20.10 30.13
C LYS E 40 25.76 19.96 31.24
N LEU E 41 25.57 20.68 32.35
CA LEU E 41 26.49 20.56 33.47
C LEU E 41 26.48 19.14 34.03
N ALA E 42 25.29 18.54 34.12
CA ALA E 42 25.19 17.18 34.66
C ALA E 42 25.94 16.19 33.80
N ILE E 43 25.76 16.26 32.48
CA ILE E 43 26.43 15.29 31.61
C ILE E 43 27.94 15.53 31.58
N GLU E 44 28.36 16.80 31.63
CA GLU E 44 29.79 17.10 31.67
C GLU E 44 30.43 16.55 32.94
N VAL E 45 29.76 16.73 34.08
CA VAL E 45 30.30 16.21 35.35
C VAL E 45 30.32 14.70 35.32
N LEU E 46 29.28 14.07 34.77
CA LEU E 46 29.22 12.61 34.70
C LEU E 46 30.38 12.07 33.87
N GLU E 47 30.62 12.65 32.69
CA GLU E 47 31.70 12.15 31.85
C GLU E 47 33.06 12.45 32.45
N ALA E 48 33.20 13.59 33.14
CA ALA E 48 34.46 13.88 33.83
C ALA E 48 34.74 12.85 34.92
N PHE E 49 33.72 12.48 35.68
CA PHE E 49 33.88 11.43 36.68
C PHE E 49 34.26 10.11 36.02
N LEU E 50 33.55 9.73 34.96
CA LEU E 50 33.82 8.46 34.30
C LEU E 50 35.24 8.42 33.74
N LYS E 51 35.76 9.55 33.28
CA LYS E 51 37.12 9.59 32.77
C LYS E 51 38.14 9.57 33.90
N GLU E 52 37.84 10.23 35.02
CA GLU E 52 38.82 10.37 36.09
C GLU E 52 39.00 9.11 36.93
N ASN E 53 38.07 8.15 36.85
CA ASN E 53 38.15 6.92 37.61
C ASN E 53 38.30 5.70 36.71
N ASN E 54 38.76 5.92 35.48
CA ASN E 54 39.02 4.87 34.48
C ASN E 54 37.90 3.84 34.43
N ILE E 55 36.69 4.32 34.12
CA ILE E 55 35.52 3.47 33.98
C ILE E 55 34.99 3.63 32.56
N HIS E 56 34.77 2.49 31.89
CA HIS E 56 34.21 2.52 30.54
C HIS E 56 32.75 2.96 30.62
N PRO E 57 32.34 3.96 29.84
CA PRO E 57 30.93 4.41 29.90
C PRO E 57 29.94 3.31 29.55
N SER E 58 30.32 2.33 28.72
CA SER E 58 29.42 1.25 28.38
C SER E 58 29.12 0.34 29.56
N ASP E 59 29.98 0.35 30.59
CA ASP E 59 29.72 -0.47 31.77
C ASP E 59 28.57 0.07 32.60
N PHE E 60 28.17 1.32 32.40
CA PHE E 60 27.08 1.93 33.14
C PHE E 60 25.89 2.18 32.22
N ILE E 61 24.70 1.89 32.71
CA ILE E 61 23.45 2.12 31.99
C ILE E 61 22.70 3.24 32.71
N VAL E 62 22.25 4.23 31.95
CA VAL E 62 21.55 5.37 32.56
C VAL E 62 20.17 4.91 33.00
N ILE E 63 19.87 5.11 34.28
CA ILE E 63 18.61 4.68 34.87
C ILE E 63 17.59 5.82 34.89
N GLN E 64 17.99 6.98 35.41
CA GLN E 64 17.04 8.07 35.61
C GLN E 64 17.71 9.40 35.29
N ARG E 65 16.91 10.38 34.88
CA ARG E 65 17.41 11.72 34.64
C ARG E 65 16.24 12.69 34.60
N GLY E 66 16.47 13.90 35.08
CA GLY E 66 15.48 14.95 34.95
C GLY E 66 15.57 15.94 36.09
N TYR E 67 14.62 16.87 36.10
CA TYR E 67 14.58 17.91 37.12
C TYR E 67 13.92 17.38 38.40
N GLU E 68 14.41 17.85 39.54
CA GLU E 68 13.90 17.44 40.84
C GLU E 68 13.73 18.67 41.73
N ASP E 69 12.66 18.68 42.51
CA ASP E 69 12.41 19.78 43.43
C ASP E 69 13.40 19.75 44.58
N VAL E 70 14.03 20.89 44.85
CA VAL E 70 14.99 21.02 45.95
C VAL E 70 14.63 22.24 46.80
N LYS E 71 13.37 22.69 46.69
CA LYS E 71 12.97 23.91 47.38
C LYS E 71 12.91 23.74 48.89
N ASP E 72 12.64 22.52 49.36
CA ASP E 72 12.50 22.26 50.79
C ASP E 72 13.78 21.77 51.45
N LYS E 73 14.89 21.71 50.71
CA LYS E 73 16.16 21.22 51.25
C LYS E 73 17.19 22.35 51.17
N LYS E 74 17.88 22.59 52.29
CA LYS E 74 18.85 23.69 52.33
C LYS E 74 20.11 23.35 51.53
N ALA E 75 20.64 22.15 51.69
CA ALA E 75 21.88 21.78 51.03
C ALA E 75 21.91 20.28 50.79
N ILE E 76 22.81 19.86 49.92
CA ILE E 76 22.95 18.47 49.51
C ILE E 76 24.21 17.92 50.18
N THR E 77 24.03 17.16 51.25
CA THR E 77 25.13 16.51 51.95
C THR E 77 24.87 15.01 52.03
N THR E 78 25.65 14.30 52.84
CA THR E 78 25.43 12.88 53.07
C THR E 78 24.39 12.61 54.14
N ARG E 79 23.86 13.65 54.78
CA ARG E 79 22.85 13.49 55.82
C ARG E 79 21.43 13.68 55.31
N SER E 80 21.24 14.45 54.24
CA SER E 80 19.90 14.75 53.77
C SER E 80 19.22 13.51 53.18
N GLU E 81 19.97 12.69 52.44
CA GLU E 81 19.38 11.56 51.73
C GLU E 81 19.52 10.27 52.53
N GLU E 82 18.94 10.30 53.74
CA GLU E 82 18.98 9.12 54.60
C GLU E 82 18.27 7.93 53.97
N GLU E 83 17.17 8.18 53.25
CA GLU E 83 16.46 7.10 52.58
C GLU E 83 17.33 6.45 51.51
N LEU E 84 18.08 7.26 50.75
CA LEU E 84 18.99 6.71 49.75
C LEU E 84 20.08 5.87 50.40
N SER E 85 20.63 6.35 51.52
CA SER E 85 21.64 5.57 52.23
C SER E 85 21.07 4.25 52.74
N ALA E 86 19.83 4.27 53.23
CA ALA E 86 19.18 3.04 53.68
C ALA E 86 18.98 2.07 52.52
N MET E 87 18.54 2.58 51.37
CA MET E 87 18.37 1.73 50.19
C MET E 87 19.69 1.11 49.78
N LEU E 88 20.76 1.89 49.77
CA LEU E 88 22.07 1.36 49.42
C LEU E 88 22.53 0.33 50.45
N GLY E 89 22.25 0.57 51.72
CA GLY E 89 22.63 -0.38 52.75
C GLY E 89 21.90 -1.70 52.62
N ARG E 90 20.62 -1.66 52.23
CA ARG E 90 19.88 -2.89 51.98
C ARG E 90 20.49 -3.70 50.84
N LEU E 91 21.20 -3.05 49.93
CA LEU E 91 21.95 -3.73 48.89
C LEU E 91 23.40 -4.00 49.29
N GLY E 92 23.84 -3.48 50.42
CA GLY E 92 25.20 -3.71 50.88
C GLY E 92 26.26 -2.85 50.22
N LEU E 93 25.98 -1.56 50.04
CA LEU E 93 26.92 -0.62 49.44
C LEU E 93 27.08 0.60 50.33
N ARG E 94 28.32 1.07 50.46
CA ARG E 94 28.61 2.28 51.21
C ARG E 94 28.56 3.50 50.29
N LEU E 95 27.98 4.58 50.79
CA LEU E 95 27.75 5.80 50.02
C LEU E 95 28.70 6.89 50.49
N VAL E 96 29.35 7.55 49.53
CA VAL E 96 30.25 8.67 49.80
C VAL E 96 29.88 9.81 48.85
N SER E 97 30.41 11.00 49.14
CA SER E 97 30.15 12.18 48.34
C SER E 97 31.46 12.89 48.05
N ASN E 98 31.47 13.66 46.96
CA ASN E 98 32.64 14.43 46.55
C ASN E 98 32.61 15.88 47.02
N GLY E 99 31.59 16.29 47.77
CA GLY E 99 31.52 17.65 48.25
C GLY E 99 30.13 17.97 48.77
N VAL E 100 29.89 19.28 48.91
CA VAL E 100 28.62 19.80 49.42
C VAL E 100 28.10 20.82 48.42
N LEU E 101 26.81 20.73 48.11
CA LEU E 101 26.15 21.63 47.17
C LEU E 101 25.16 22.49 47.93
N TYR E 102 25.28 23.81 47.77
CA TYR E 102 24.38 24.75 48.42
C TYR E 102 23.24 25.10 47.48
N THR E 103 22.00 24.90 47.95
CA THR E 103 20.80 25.10 47.15
C THR E 103 20.07 26.39 47.53
N ASP E 104 20.81 27.45 47.85
CA ASP E 104 20.17 28.71 48.21
C ASP E 104 19.63 29.39 46.95
N GLY E 105 18.32 29.65 46.96
CA GLY E 105 17.69 30.33 45.84
C GLY E 105 17.41 29.46 44.63
N ILE E 106 17.52 28.14 44.75
CA ILE E 106 17.28 27.22 43.64
C ILE E 106 16.12 26.31 44.02
N ASP E 107 15.15 26.19 43.12
CA ASP E 107 13.98 25.36 43.34
C ASP E 107 14.04 24.02 42.62
N LYS E 108 14.57 23.99 41.41
CA LYS E 108 14.68 22.77 40.62
C LYS E 108 16.14 22.51 40.26
N LEU E 109 16.57 21.26 40.39
CA LEU E 109 17.94 20.87 40.11
C LEU E 109 17.94 19.63 39.24
N TYR E 110 18.81 19.60 38.23
CA TYR E 110 18.88 18.46 37.33
C TYR E 110 19.66 17.33 38.00
N GLN E 111 19.14 16.11 37.89
CA GLN E 111 19.76 14.94 38.50
C GLN E 111 19.84 13.81 37.50
N ILE E 112 20.93 13.05 37.56
CA ILE E 112 21.16 11.88 36.72
C ILE E 112 21.60 10.74 37.61
N THR E 113 20.96 9.58 37.46
CA THR E 113 21.23 8.40 38.27
C THR E 113 21.54 7.23 37.36
N ALA E 114 22.70 6.59 37.58
CA ALA E 114 23.15 5.46 36.78
C ALA E 114 23.69 4.37 37.68
N ILE E 115 23.63 3.13 37.21
CA ILE E 115 24.10 1.97 37.94
C ILE E 115 24.96 1.10 37.01
N SER E 116 25.74 0.21 37.62
CA SER E 116 26.54 -0.72 36.85
C SER E 116 25.68 -1.82 36.23
N ARG E 117 26.17 -2.37 35.12
CA ARG E 117 25.41 -3.41 34.41
C ARG E 117 25.32 -4.69 35.24
N GLU E 118 26.41 -5.04 35.94
CA GLU E 118 26.38 -6.23 36.79
C GLU E 118 25.35 -6.10 37.90
N LEU E 119 25.26 -4.92 38.51
CA LEU E 119 24.23 -4.69 39.52
C LEU E 119 22.84 -4.79 38.91
N PHE E 120 22.67 -4.29 37.70
CA PHE E 120 21.38 -4.38 37.01
C PHE E 120 20.98 -5.84 36.81
N GLU E 121 21.92 -6.65 36.31
CA GLU E 121 21.62 -8.07 36.09
C GLU E 121 21.35 -8.79 37.39
N SER E 122 22.10 -8.46 38.45
CA SER E 122 21.87 -9.10 39.74
C SER E 122 20.51 -8.73 40.30
N LEU E 123 20.10 -7.47 40.15
CA LEU E 123 18.75 -7.07 40.55
C LEU E 123 17.71 -7.84 39.76
N GLN E 124 17.96 -8.06 38.47
CA GLN E 124 17.00 -8.80 37.65
C GLN E 124 16.90 -10.26 38.08
N LYS E 125 18.03 -10.90 38.38
CA LYS E 125 18.03 -12.36 38.47
C LYS E 125 17.81 -12.88 39.89
N GLU E 126 18.49 -12.33 40.89
CA GLU E 126 18.45 -12.90 42.23
C GLU E 126 18.16 -11.92 43.35
N LYS E 127 18.40 -10.62 43.17
CA LYS E 127 18.07 -9.61 44.17
C LYS E 127 16.74 -8.94 43.89
N ARG E 128 15.81 -9.62 43.21
CA ARG E 128 14.58 -8.98 42.77
C ARG E 128 13.60 -8.76 43.91
N GLU E 129 13.74 -9.51 45.00
CA GLU E 129 12.78 -9.46 46.11
C GLU E 129 13.36 -8.75 47.33
N ILE E 130 14.39 -7.93 47.15
CA ILE E 130 14.96 -7.20 48.28
C ILE E 130 13.99 -6.14 48.79
N PHE E 131 13.41 -5.36 47.88
CA PHE E 131 12.49 -4.28 48.24
C PHE E 131 11.03 -4.74 48.22
N GLU E 132 10.77 -6.03 48.40
CA GLU E 132 9.40 -6.52 48.33
C GLU E 132 8.55 -6.07 49.50
N ASP E 133 9.16 -5.74 50.63
CA ASP E 133 8.40 -5.45 51.84
C ASP E 133 7.67 -4.10 51.80
N VAL E 134 8.06 -3.21 50.89
CA VAL E 134 7.46 -1.87 50.86
C VAL E 134 6.11 -1.83 50.16
N GLN E 135 5.61 -2.97 49.68
CA GLN E 135 4.33 -3.03 49.00
C GLN E 135 3.20 -3.21 50.00
N GLU E 136 2.05 -2.63 49.68
CA GLU E 136 0.83 -2.80 50.45
C GLU E 136 -0.18 -3.60 49.63
N LYS E 137 -0.94 -4.46 50.32
CA LYS E 137 -1.91 -5.29 49.64
C LYS E 137 -3.13 -4.47 49.22
N ILE E 138 -3.78 -4.90 48.15
CA ILE E 138 -4.92 -4.18 47.60
C ILE E 138 -6.09 -4.26 48.57
N THR E 139 -6.74 -3.12 48.81
CA THR E 139 -7.89 -3.05 49.69
C THR E 139 -8.98 -2.22 49.02
N PHE E 140 -10.24 -2.56 49.28
CA PHE E 140 -11.38 -1.85 48.74
C PHE E 140 -12.09 -1.11 49.86
N ASN E 141 -12.41 0.16 49.62
CA ASN E 141 -13.04 1.02 50.62
C ASN E 141 -14.24 1.71 49.96
N PHE E 142 -15.43 1.15 50.19
CA PHE E 142 -16.64 1.66 49.57
C PHE E 142 -17.22 2.87 50.29
N SER E 143 -16.64 3.27 51.42
CA SER E 143 -17.15 4.44 52.13
C SER E 143 -16.81 5.75 51.44
N LYS E 144 -15.96 5.73 50.42
CA LYS E 144 -15.57 6.95 49.72
C LYS E 144 -16.53 7.31 48.58
N VAL E 145 -17.58 6.53 48.36
CA VAL E 145 -18.59 6.84 47.35
C VAL E 145 -19.96 6.72 48.00
N ASP E 146 -20.94 7.38 47.38
CA ASP E 146 -22.31 7.39 47.88
C ASP E 146 -23.19 6.73 46.81
N LEU E 147 -23.47 5.45 47.00
CA LEU E 147 -24.28 4.65 46.09
C LEU E 147 -25.36 3.95 46.88
N PRO E 148 -26.48 3.62 46.23
CA PRO E 148 -27.52 2.85 46.93
C PRO E 148 -26.98 1.52 47.44
N GLU E 149 -27.48 1.11 48.59
CA GLU E 149 -26.92 -0.07 49.26
C GLU E 149 -27.16 -1.36 48.49
N LYS E 150 -28.10 -1.36 47.55
CA LYS E 150 -28.33 -2.54 46.72
C LYS E 150 -27.37 -2.65 45.55
N TYR E 151 -26.54 -1.63 45.31
CA TYR E 151 -25.53 -1.68 44.27
C TYR E 151 -24.13 -1.93 44.82
N VAL E 152 -23.82 -1.45 46.02
CA VAL E 152 -22.55 -1.77 46.64
C VAL E 152 -22.44 -3.28 46.88
N LYS E 153 -23.56 -3.91 47.24
CA LYS E 153 -23.55 -5.35 47.45
C LYS E 153 -23.17 -6.09 46.17
N LYS E 154 -23.71 -5.66 45.02
CA LYS E 154 -23.33 -6.28 43.76
C LYS E 154 -21.88 -5.97 43.38
N LEU E 155 -21.43 -4.74 43.65
CA LEU E 155 -20.10 -4.34 43.25
C LEU E 155 -19.00 -4.88 44.16
N ARG E 156 -19.35 -5.43 45.33
CA ARG E 156 -18.32 -5.97 46.21
C ARG E 156 -17.61 -7.19 45.62
N LEU E 157 -18.17 -7.82 44.57
CA LEU E 157 -17.52 -8.97 43.97
C LEU E 157 -16.22 -8.63 43.26
N LEU E 158 -15.94 -7.34 43.02
CA LEU E 158 -14.66 -6.95 42.43
C LEU E 158 -13.49 -7.20 43.36
N GLU E 159 -13.76 -7.48 44.64
CA GLU E 159 -12.69 -7.67 45.61
C GLU E 159 -11.95 -8.99 45.40
N LEU E 160 -12.57 -9.96 44.71
CA LEU E 160 -11.92 -11.23 44.44
C LEU E 160 -10.80 -11.12 43.43
N MET E 161 -10.80 -10.05 42.61
CA MET E 161 -9.78 -9.82 41.59
C MET E 161 -9.71 -10.98 40.60
N GLU E 162 -10.81 -11.18 39.88
CA GLU E 162 -10.90 -12.14 38.80
C GLU E 162 -11.45 -11.43 37.57
N ASP E 163 -11.44 -12.13 36.44
CA ASP E 163 -12.00 -11.56 35.22
C ASP E 163 -13.50 -11.36 35.39
N THR E 164 -14.00 -10.20 34.96
CA THR E 164 -15.39 -9.84 35.22
C THR E 164 -16.04 -9.31 33.96
N ILE E 165 -17.33 -9.61 33.79
CA ILE E 165 -18.14 -9.04 32.73
C ILE E 165 -19.32 -8.31 33.39
N ILE E 166 -19.49 -7.04 33.02
CA ILE E 166 -20.47 -6.16 33.66
C ILE E 166 -21.49 -5.74 32.62
N PHE E 167 -22.74 -6.19 32.82
CA PHE E 167 -23.90 -5.74 32.06
C PHE E 167 -24.33 -4.40 32.65
N ASN E 168 -23.87 -3.31 32.07
CA ASN E 168 -24.01 -1.98 32.66
C ASN E 168 -25.21 -1.26 32.04
N MET E 169 -26.40 -1.63 32.49
CA MET E 169 -27.62 -0.95 32.08
C MET E 169 -27.93 0.27 32.93
N ALA E 170 -27.17 0.52 34.00
CA ALA E 170 -27.33 1.70 34.82
C ALA E 170 -26.40 2.83 34.42
N GLU E 171 -25.52 2.60 33.45
CA GLU E 171 -24.63 3.62 32.91
C GLU E 171 -23.75 4.25 33.99
N LEU E 172 -23.11 3.38 34.78
CA LEU E 172 -22.19 3.83 35.82
C LEU E 172 -20.78 3.95 35.25
N GLU E 173 -20.01 4.88 35.82
CA GLU E 173 -18.63 5.14 35.39
C GLU E 173 -17.70 4.25 36.21
N ILE E 174 -17.35 3.09 35.65
CA ILE E 174 -16.49 2.14 36.36
C ILE E 174 -15.09 2.71 36.63
N PRO E 175 -14.39 3.32 35.67
CA PRO E 175 -13.04 3.80 35.98
C PRO E 175 -12.98 4.81 37.12
N ASN E 176 -13.93 5.73 37.19
CA ASN E 176 -13.94 6.70 38.28
C ASN E 176 -14.20 6.04 39.62
N LEU E 177 -15.14 5.09 39.65
CA LEU E 177 -15.41 4.36 40.89
C LEU E 177 -14.18 3.61 41.37
N LEU E 178 -13.51 2.89 40.46
CA LEU E 178 -12.34 2.13 40.85
C LEU E 178 -11.20 3.04 41.27
N LYS E 179 -11.03 4.18 40.60
CA LYS E 179 -10.00 5.13 40.99
C LYS E 179 -10.30 5.72 42.37
N ALA E 180 -11.58 5.86 42.70
CA ALA E 180 -11.96 6.42 44.00
C ALA E 180 -11.76 5.42 45.13
N ILE E 181 -12.15 4.16 44.92
CA ILE E 181 -12.29 3.23 46.05
C ILE E 181 -11.09 2.29 46.22
N VAL E 182 -10.16 2.25 45.29
CA VAL E 182 -9.05 1.30 45.34
C VAL E 182 -7.87 1.93 46.08
N GLU E 183 -7.34 1.20 47.07
CA GLU E 183 -6.18 1.62 47.83
C GLU E 183 -5.15 0.50 47.84
N GLY E 184 -3.89 0.86 47.72
CA GLY E 184 -2.83 -0.13 47.70
C GLY E 184 -1.57 0.44 47.08
N THR E 185 -0.65 -0.47 46.76
CA THR E 185 0.66 -0.10 46.25
C THR E 185 1.39 -1.30 45.66
N VAL E 186 2.00 -1.14 44.48
CA VAL E 186 2.71 -2.21 43.80
C VAL E 186 4.03 -1.67 43.26
N LEU E 187 4.87 -2.58 42.79
CA LEU E 187 6.16 -2.27 42.19
C LEU E 187 6.19 -2.77 40.74
N ILE E 188 6.68 -1.93 39.84
CA ILE E 188 6.79 -2.31 38.43
C ILE E 188 8.18 -1.94 37.93
N PRO E 189 8.66 -2.61 36.88
CA PRO E 189 9.92 -2.18 36.26
C PRO E 189 9.72 -0.91 35.44
N ARG E 190 10.68 0.01 35.56
CA ARG E 190 10.61 1.24 34.79
C ARG E 190 10.69 0.97 33.29
N PHE E 191 11.63 0.12 32.88
CA PHE E 191 11.75 -0.28 31.49
C PHE E 191 12.46 -1.62 31.44
N LEU E 192 12.34 -2.29 30.30
CA LEU E 192 12.99 -3.57 30.07
C LEU E 192 14.05 -3.42 28.99
N GLU E 193 15.26 -3.86 29.29
CA GLU E 193 16.37 -3.87 28.35
C GLU E 193 16.60 -5.29 27.87
N LYS E 194 16.34 -5.54 26.59
CA LYS E 194 16.46 -6.86 26.00
C LYS E 194 17.21 -6.75 24.69
N GLU E 195 18.43 -7.28 24.64
CA GLU E 195 19.24 -7.27 23.42
C GLU E 195 19.44 -5.85 22.91
N ASP E 196 19.72 -4.93 23.84
CA ASP E 196 19.97 -3.51 23.57
C ASP E 196 18.69 -2.78 23.19
N LEU E 197 17.59 -3.50 23.03
CA LEU E 197 16.30 -2.86 22.87
C LEU E 197 15.79 -2.37 24.22
N ILE E 198 15.09 -1.24 24.20
CA ILE E 198 14.52 -0.65 25.41
C ILE E 198 13.02 -0.53 25.21
N ILE E 199 12.26 -1.21 26.08
CA ILE E 199 10.80 -1.20 26.04
C ILE E 199 10.32 -0.47 27.29
N ARG E 200 9.55 0.60 27.10
CA ARG E 200 9.08 1.40 28.21
C ARG E 200 7.84 0.77 28.83
N ILE E 201 7.86 0.61 30.16
CA ILE E 201 6.74 0.05 30.91
C ILE E 201 6.05 1.14 31.74
N PHE E 202 6.82 1.90 32.50
CA PHE E 202 6.26 2.95 33.34
C PHE E 202 5.73 4.09 32.47
N ASP E 203 4.49 4.50 32.73
CA ASP E 203 3.83 5.55 31.97
C ASP E 203 3.49 6.69 32.91
N GLU E 204 4.03 7.88 32.62
CA GLU E 204 3.85 9.02 33.51
C GLU E 204 2.38 9.46 33.56
N GLU E 205 1.71 9.45 32.42
CA GLU E 205 0.34 9.98 32.36
C GLU E 205 -0.68 9.01 32.92
N LEU E 206 -0.45 7.71 32.82
CA LEU E 206 -1.43 6.71 33.25
C LEU E 206 -1.14 6.11 34.62
N HIS E 207 0.05 6.35 35.19
CA HIS E 207 0.42 5.80 36.48
C HIS E 207 0.66 6.92 37.48
N GLU E 208 0.36 6.62 38.74
CA GLU E 208 0.51 7.59 39.83
C GLU E 208 1.79 7.27 40.58
N TYR E 209 2.79 8.14 40.44
CA TYR E 209 4.10 7.91 41.04
C TYR E 209 4.03 8.00 42.56
N ARG E 210 4.70 7.06 43.23
CA ARG E 210 4.78 7.05 44.68
C ARG E 210 6.22 7.00 45.14
N GLY E 211 7.08 6.30 44.40
CA GLY E 211 8.48 6.24 44.77
C GLY E 211 9.29 5.55 43.69
N SER E 212 10.61 5.60 43.87
CA SER E 212 11.56 4.97 42.96
C SER E 212 12.58 4.18 43.75
N TYR E 213 12.82 2.93 43.35
CA TYR E 213 13.82 2.06 43.98
C TYR E 213 14.73 1.54 42.87
N PHE E 214 15.77 2.32 42.56
CA PHE E 214 16.78 1.95 41.57
C PHE E 214 16.16 1.63 40.21
N ASP E 215 15.98 0.34 39.92
CA ASP E 215 15.47 -0.09 38.62
C ASP E 215 13.96 -0.24 38.59
N LYS E 216 13.28 -0.01 39.71
CA LYS E 216 11.84 -0.20 39.78
C LYS E 216 11.16 1.08 40.25
N VAL E 217 9.86 1.16 39.99
CA VAL E 217 9.03 2.28 40.39
C VAL E 217 7.88 1.75 41.21
N LEU E 218 7.66 2.37 42.37
CA LEU E 218 6.56 2.02 43.27
C LEU E 218 5.39 2.95 42.97
N ILE E 219 4.26 2.37 42.57
CA ILE E 219 3.10 3.14 42.12
C ILE E 219 1.84 2.60 42.77
N LYS E 220 0.78 3.40 42.70
CA LYS E 220 -0.54 2.92 43.04
C LYS E 220 -0.99 1.89 42.00
N PRO E 221 -1.87 0.96 42.38
CA PRO E 221 -2.29 -0.08 41.44
C PRO E 221 -2.86 0.51 40.17
N PRO E 222 -2.40 0.03 39.01
CA PRO E 222 -2.84 0.63 37.74
C PRO E 222 -4.31 0.40 37.47
N ILE E 223 -4.92 1.38 36.81
CA ILE E 223 -6.31 1.32 36.37
C ILE E 223 -6.34 1.90 34.97
N ILE E 224 -6.41 1.03 33.96
CA ILE E 224 -6.33 1.43 32.56
C ILE E 224 -7.69 1.26 31.92
N HIS E 225 -8.07 2.22 31.08
CA HIS E 225 -9.36 2.21 30.40
C HIS E 225 -9.14 2.27 28.90
N TRP E 226 -9.89 1.45 28.15
CA TRP E 226 -9.82 1.45 26.70
C TRP E 226 -11.24 1.48 26.14
N ASP E 227 -11.54 2.49 25.33
CA ASP E 227 -12.84 2.68 24.73
C ASP E 227 -12.75 2.47 23.23
N PHE E 228 -13.72 1.75 22.68
CA PHE E 228 -13.67 1.39 21.26
C PHE E 228 -13.78 2.62 20.36
N TYR E 229 -14.63 3.58 20.73
CA TYR E 229 -14.88 4.74 19.89
C TYR E 229 -13.89 5.87 20.11
N LEU E 230 -12.95 5.73 21.04
CA LEU E 230 -11.99 6.78 21.33
C LEU E 230 -10.54 6.41 21.07
N ASP E 231 -10.19 5.14 21.17
CA ASP E 231 -8.80 4.71 21.08
C ASP E 231 -8.63 3.76 19.90
N SER E 232 -7.36 3.45 19.60
CA SER E 232 -6.99 2.65 18.45
C SER E 232 -6.48 1.29 18.90
N LEU E 233 -6.73 0.26 18.07
CA LEU E 233 -6.21 -1.07 18.33
C LEU E 233 -4.68 -1.10 18.32
N GLU E 234 -4.06 -0.11 17.69
CA GLU E 234 -2.60 -0.06 17.66
C GLU E 234 -2.01 0.10 19.05
N ASP E 235 -2.82 0.47 20.04
CA ASP E 235 -2.36 0.52 21.42
C ASP E 235 -1.94 -0.86 21.93
N PHE E 236 -2.42 -1.94 21.31
CA PHE E 236 -2.06 -3.29 21.72
C PHE E 236 -0.89 -3.85 20.91
N SER E 237 0.02 -2.99 20.46
CA SER E 237 1.20 -3.41 19.72
C SER E 237 2.40 -2.65 20.25
N PHE E 238 3.59 -3.18 19.96
CA PHE E 238 4.82 -2.52 20.39
C PHE E 238 5.08 -1.29 19.54
N LYS E 239 4.48 -0.17 19.94
CA LYS E 239 4.64 1.07 19.21
C LYS E 239 6.09 1.53 19.24
N LYS E 240 6.58 2.00 18.10
CA LYS E 240 7.96 2.44 17.98
C LYS E 240 8.04 3.94 18.23
N VAL E 241 8.91 4.33 19.18
CA VAL E 241 9.16 5.73 19.45
C VAL E 241 10.42 6.15 18.71
N GLU E 242 11.51 5.43 18.95
CA GLU E 242 12.78 5.72 18.28
C GLU E 242 13.45 4.40 17.94
N GLU E 243 14.58 4.48 17.25
CA GLU E 243 15.37 3.28 16.98
C GLU E 243 15.76 2.62 18.30
N SER E 244 15.46 1.33 18.42
CA SER E 244 15.71 0.55 19.63
C SER E 244 15.00 1.12 20.85
N ILE E 245 13.93 1.89 20.66
CA ILE E 245 13.15 2.44 21.77
C ILE E 245 11.67 2.27 21.43
N TYR E 246 10.98 1.39 22.16
CA TYR E 246 9.60 1.04 21.90
C TYR E 246 8.77 1.25 23.17
N ILE E 247 7.45 1.28 22.99
CA ILE E 247 6.49 1.41 24.08
C ILE E 247 5.69 0.13 24.17
N ALA E 248 5.59 -0.42 25.38
CA ALA E 248 4.92 -1.69 25.59
C ALA E 248 3.41 -1.56 25.35
N PRO E 249 2.74 -2.65 25.01
CA PRO E 249 1.28 -2.60 24.83
C PRO E 249 0.55 -2.37 26.14
N LEU E 250 -0.77 -2.23 26.04
CA LEU E 250 -1.58 -1.85 27.20
C LEU E 250 -1.54 -2.91 28.29
N PHE E 251 -1.65 -4.19 27.92
CA PHE E 251 -1.72 -5.24 28.94
C PHE E 251 -0.41 -5.43 29.69
N LEU E 252 0.68 -4.83 29.22
CA LEU E 252 1.92 -4.83 29.99
C LEU E 252 2.06 -3.61 30.88
N ARG E 253 1.27 -2.56 30.64
CA ARG E 253 1.25 -1.40 31.51
C ARG E 253 0.17 -1.49 32.58
N ALA E 254 -0.61 -2.57 32.59
CA ALA E 254 -1.62 -2.82 33.61
C ALA E 254 -1.21 -3.94 34.55
N THR E 255 0.10 -4.16 34.71
CA THR E 255 0.58 -5.24 35.56
C THR E 255 0.21 -5.00 37.01
N GLY E 256 -0.46 -5.97 37.61
CA GLY E 256 -0.88 -5.85 38.99
C GLY E 256 -2.07 -4.96 39.21
N GLY E 257 -2.78 -4.57 38.16
CA GLY E 257 -3.91 -3.66 38.28
C GLY E 257 -5.09 -4.16 37.47
N PHE E 258 -5.85 -3.22 36.92
CA PHE E 258 -7.08 -3.50 36.19
C PHE E 258 -7.01 -2.94 34.78
N LEU E 259 -7.50 -3.72 33.82
CA LEU E 259 -7.70 -3.27 32.45
C LEU E 259 -9.18 -3.36 32.14
N ILE E 260 -9.79 -2.22 31.81
CA ILE E 260 -11.23 -2.11 31.57
C ILE E 260 -11.44 -1.85 30.09
N LEU E 261 -12.33 -2.62 29.48
CA LEU E 261 -12.62 -2.49 28.05
C LEU E 261 -14.09 -2.15 27.87
N THR E 262 -14.36 -1.06 27.14
CA THR E 262 -15.72 -0.61 26.87
C THR E 262 -16.08 -0.99 25.43
N GLU E 263 -17.02 -1.91 25.29
CA GLU E 263 -17.49 -2.38 23.99
C GLU E 263 -16.37 -2.78 23.03
N PRO E 264 -15.53 -3.75 23.40
CA PRO E 264 -14.47 -4.18 22.50
C PRO E 264 -14.96 -5.27 21.57
N PRO E 265 -14.32 -5.45 20.41
CA PRO E 265 -14.67 -6.57 19.54
C PRO E 265 -14.33 -7.90 20.18
N GLU E 266 -15.06 -8.95 19.78
CA GLU E 266 -14.93 -10.26 20.42
C GLU E 266 -13.54 -10.85 20.19
N ASP E 267 -12.94 -10.59 19.03
CA ASP E 267 -11.63 -11.15 18.73
C ASP E 267 -10.57 -10.63 19.70
N LEU E 268 -10.65 -9.35 20.06
CA LEU E 268 -9.69 -8.80 21.01
C LEU E 268 -9.82 -9.46 22.38
N VAL E 269 -11.06 -9.69 22.83
CA VAL E 269 -11.27 -10.35 24.12
C VAL E 269 -10.73 -11.77 24.08
N LYS E 270 -11.00 -12.49 22.98
CA LYS E 270 -10.49 -13.86 22.85
C LYS E 270 -8.97 -13.88 22.87
N THR E 271 -8.34 -12.94 22.15
CA THR E 271 -6.88 -12.87 22.13
C THR E 271 -6.32 -12.58 23.50
N LEU E 272 -6.94 -11.65 24.24
CA LEU E 272 -6.45 -11.32 25.57
C LEU E 272 -6.61 -12.50 26.53
N LEU E 273 -7.73 -13.21 26.45
CA LEU E 273 -7.93 -14.38 27.30
C LEU E 273 -6.90 -15.46 26.98
N LYS E 274 -6.62 -15.70 25.70
CA LYS E 274 -5.63 -16.71 25.34
C LYS E 274 -4.22 -16.27 25.76
N LEU E 275 -3.92 -14.98 25.66
CA LEU E 275 -2.63 -14.49 26.12
C LEU E 275 -2.47 -14.67 27.62
N LYS E 276 -3.53 -14.40 28.39
CA LYS E 276 -3.47 -14.62 29.82
C LYS E 276 -3.29 -16.10 30.14
N LYS E 277 -3.97 -16.97 29.40
CA LYS E 277 -3.84 -18.41 29.63
C LYS E 277 -2.43 -18.89 29.33
N ARG E 278 -1.83 -18.42 28.22
CA ARG E 278 -0.49 -18.86 27.88
C ARG E 278 0.53 -18.40 28.93
N GLY E 279 0.42 -17.15 29.39
CA GLY E 279 1.25 -16.65 30.46
C GLY E 279 2.34 -15.68 30.04
N GLU E 280 2.56 -15.49 28.75
CA GLU E 280 3.63 -14.61 28.30
C GLU E 280 3.37 -14.19 26.86
N VAL E 281 4.12 -13.19 26.42
CA VAL E 281 4.05 -12.65 25.06
C VAL E 281 5.41 -12.80 24.41
N ARG E 282 5.42 -13.32 23.19
CA ARG E 282 6.64 -13.55 22.41
C ARG E 282 6.58 -12.71 21.14
N THR E 283 7.69 -12.06 20.79
CA THR E 283 7.69 -11.16 19.65
C THR E 283 9.10 -11.01 19.10
N ILE E 284 9.19 -10.85 17.78
CA ILE E 284 10.45 -10.55 17.12
C ILE E 284 10.46 -9.07 16.76
N LEU E 285 11.42 -8.33 17.31
CA LEU E 285 11.59 -6.92 17.01
C LEU E 285 13.02 -6.69 16.53
N GLU E 286 13.15 -6.15 15.32
CA GLU E 286 14.45 -5.86 14.71
C GLU E 286 15.36 -7.10 14.70
N GLY E 287 14.75 -8.27 14.46
CA GLY E 287 15.48 -9.51 14.42
C GLY E 287 15.83 -10.10 15.76
N LYS E 288 15.30 -9.56 16.86
CA LYS E 288 15.61 -10.03 18.20
C LYS E 288 14.36 -10.61 18.85
N ARG E 289 14.53 -11.71 19.56
CA ARG E 289 13.42 -12.40 20.22
C ARG E 289 13.25 -11.84 21.62
N ILE E 290 12.02 -11.45 21.96
CA ILE E 290 11.71 -10.93 23.29
C ILE E 290 10.47 -11.65 23.82
N THR E 291 10.53 -12.03 25.10
CA THR E 291 9.44 -12.72 25.76
C THR E 291 9.22 -12.09 27.13
N ILE E 292 7.97 -11.71 27.40
CA ILE E 292 7.64 -10.96 28.62
C ILE E 292 6.45 -11.61 29.32
N PRO E 293 6.50 -11.80 30.64
CA PRO E 293 5.35 -12.40 31.34
C PRO E 293 4.19 -11.41 31.45
N ILE E 294 3.01 -11.97 31.73
CA ILE E 294 1.76 -11.23 31.74
C ILE E 294 1.04 -11.48 33.07
N ASN E 295 0.57 -10.40 33.71
CA ASN E 295 -0.17 -10.53 34.97
C ASN E 295 -1.06 -9.29 35.13
N PHE E 296 -2.37 -9.46 34.88
CA PHE E 296 -3.32 -8.38 35.06
C PHE E 296 -4.71 -8.96 35.23
N THR E 297 -5.69 -8.09 35.45
CA THR E 297 -7.08 -8.47 35.68
C THR E 297 -7.98 -7.73 34.69
N LEU E 298 -8.89 -8.46 34.06
CA LEU E 298 -9.67 -7.97 32.93
C LEU E 298 -11.12 -7.72 33.33
N ILE E 299 -11.63 -6.54 32.97
CA ILE E 299 -13.04 -6.20 33.17
C ILE E 299 -13.59 -5.77 31.81
N VAL E 300 -14.74 -6.34 31.45
CA VAL E 300 -15.40 -6.03 30.18
C VAL E 300 -16.75 -5.39 30.51
N ASP E 301 -16.89 -4.11 30.18
CA ASP E 301 -18.11 -3.34 30.43
C ASP E 301 -18.92 -3.28 29.13
N THR E 302 -20.17 -3.75 29.18
CA THR E 302 -20.94 -3.80 27.96
C THR E 302 -22.43 -3.68 28.24
N ARG E 303 -23.18 -3.34 27.19
CA ARG E 303 -24.63 -3.37 27.20
C ARG E 303 -25.19 -4.41 26.25
N HIS E 304 -24.34 -5.14 25.52
CA HIS E 304 -24.76 -6.20 24.62
C HIS E 304 -23.95 -7.45 24.99
N PRO E 305 -24.34 -8.14 26.07
CA PRO E 305 -23.54 -9.29 26.51
C PRO E 305 -23.55 -10.46 25.54
N GLU E 306 -24.60 -10.60 24.72
CA GLU E 306 -24.70 -11.75 23.83
C GLU E 306 -23.56 -11.80 22.83
N ARG E 307 -22.87 -10.68 22.59
CA ARG E 307 -21.74 -10.68 21.69
C ARG E 307 -20.62 -11.57 22.20
N TYR E 308 -20.52 -11.78 23.50
CA TYR E 308 -19.45 -12.56 24.12
C TYR E 308 -19.98 -13.87 24.71
N ALA E 309 -20.92 -14.51 24.00
CA ALA E 309 -21.57 -15.70 24.54
C ALA E 309 -20.62 -16.89 24.60
N GLY E 310 -19.73 -17.02 23.62
CA GLY E 310 -18.86 -18.19 23.57
C GLY E 310 -17.76 -18.20 24.60
N LEU E 311 -17.35 -17.04 25.09
CA LEU E 311 -16.25 -16.95 26.04
C LEU E 311 -16.76 -17.13 27.46
N LYS E 312 -15.84 -17.50 28.36
CA LYS E 312 -16.18 -17.81 29.74
C LYS E 312 -15.52 -16.80 30.67
N PHE E 313 -16.32 -16.17 31.52
CA PHE E 313 -15.85 -15.28 32.55
C PHE E 313 -16.29 -15.81 33.92
N PRO E 314 -15.38 -15.92 34.89
CA PRO E 314 -15.78 -16.42 36.22
C PRO E 314 -16.84 -15.57 36.90
N ILE E 315 -16.81 -14.25 36.72
CA ILE E 315 -17.70 -13.34 37.45
C ILE E 315 -18.53 -12.55 36.46
N ARG E 316 -19.84 -12.57 36.66
CA ARG E 316 -20.78 -11.76 35.89
C ARG E 316 -21.58 -10.89 36.83
N ILE E 317 -21.62 -9.59 36.56
CA ILE E 317 -22.34 -8.62 37.36
C ILE E 317 -23.35 -7.92 36.46
N ASN E 318 -24.58 -7.76 36.96
CA ASN E 318 -25.64 -7.08 36.22
C ASN E 318 -26.08 -5.86 37.02
N LEU E 319 -26.09 -4.70 36.36
CA LEU E 319 -26.55 -3.47 37.00
C LEU E 319 -27.88 -3.05 36.38
N PRO E 320 -29.00 -3.19 37.09
CA PRO E 320 -30.30 -2.93 36.47
C PRO E 320 -30.59 -1.44 36.42
N PRO E 321 -31.56 -1.02 35.61
CA PRO E 321 -31.96 0.39 35.62
C PRO E 321 -32.58 0.78 36.95
N LEU E 322 -32.43 2.05 37.30
CA LEU E 322 -33.01 2.56 38.53
C LEU E 322 -34.53 2.47 38.49
N ASP E 323 -35.12 2.03 39.59
CA ASP E 323 -36.57 2.02 39.72
C ASP E 323 -37.02 3.32 40.39
N ASP E 324 -38.32 3.41 40.68
CA ASP E 324 -38.88 4.68 41.14
C ASP E 324 -38.28 5.12 42.48
N GLU E 325 -38.20 4.19 43.45
CA GLU E 325 -37.70 4.54 44.77
C GLU E 325 -36.22 4.93 44.73
N THR E 326 -35.40 4.15 44.03
CA THR E 326 -33.99 4.47 43.92
C THR E 326 -33.76 5.74 43.11
N PHE E 327 -34.56 5.96 42.07
CA PHE E 327 -34.42 7.20 41.30
C PHE E 327 -34.73 8.41 42.16
N LEU E 328 -35.80 8.35 42.96
CA LEU E 328 -36.12 9.46 43.85
C LEU E 328 -35.03 9.67 44.90
N LYS E 329 -34.50 8.58 45.45
CA LYS E 329 -33.43 8.71 46.45
C LYS E 329 -32.19 9.35 45.85
N VAL E 330 -31.81 8.93 44.63
CA VAL E 330 -30.63 9.51 43.98
C VAL E 330 -30.87 10.98 43.64
N LEU E 331 -32.08 11.32 43.19
CA LEU E 331 -32.39 12.72 42.94
C LEU E 331 -32.28 13.55 44.21
N GLU E 332 -32.79 13.03 45.33
CA GLU E 332 -32.68 13.74 46.59
C GLU E 332 -31.23 13.90 47.01
N THR E 333 -30.42 12.86 46.81
CA THR E 333 -29.00 12.93 47.18
C THR E 333 -28.27 13.98 46.35
N ASN E 334 -28.53 14.02 45.04
CA ASN E 334 -27.76 14.89 44.16
C ASN E 334 -28.26 16.34 44.20
N LEU E 335 -29.54 16.56 43.93
CA LEU E 335 -30.07 17.91 43.84
C LEU E 335 -29.98 18.64 45.17
N GLY E 336 -30.32 17.97 46.26
CA GLY E 336 -30.36 18.60 47.56
C GLY E 336 -31.75 18.94 48.06
N ILE E 337 -32.79 18.59 47.31
CA ILE E 337 -34.17 18.82 47.71
C ILE E 337 -34.90 17.48 47.73
N THR E 338 -36.10 17.51 48.30
CA THR E 338 -36.94 16.31 48.35
C THR E 338 -38.07 16.46 47.34
N PRO E 339 -38.02 15.77 46.20
CA PRO E 339 -39.04 15.96 45.18
C PRO E 339 -40.28 15.12 45.47
N PRO E 340 -41.43 15.49 44.91
CA PRO E 340 -42.63 14.66 45.06
C PRO E 340 -42.50 13.38 44.26
N THR E 341 -43.52 12.52 44.39
CA THR E 341 -43.54 11.28 43.62
C THR E 341 -44.02 11.51 42.19
N GLU E 342 -44.82 12.55 41.96
CA GLU E 342 -45.41 12.76 40.65
C GLU E 342 -44.34 12.99 39.58
N ILE E 343 -43.26 13.67 39.94
CA ILE E 343 -42.19 13.94 38.99
C ILE E 343 -41.50 12.66 38.52
N VAL E 344 -41.88 11.51 39.07
CA VAL E 344 -41.41 10.24 38.51
C VAL E 344 -41.94 10.05 37.09
N ARG E 345 -43.20 10.40 36.86
CA ARG E 345 -43.84 10.11 35.59
C ARG E 345 -43.57 11.15 34.51
N ILE E 346 -42.94 12.28 34.85
CA ILE E 346 -42.72 13.34 33.89
C ILE E 346 -41.36 13.25 33.21
N PHE E 347 -40.54 12.27 33.58
CA PHE E 347 -39.27 12.11 32.89
C PHE E 347 -39.31 10.92 31.94
N PRO E 348 -38.60 10.99 30.81
CA PRO E 348 -38.59 9.85 29.89
C PRO E 348 -37.94 8.63 30.54
N PRO E 349 -38.37 7.43 30.17
CA PRO E 349 -37.85 6.23 30.84
C PRO E 349 -36.33 6.05 30.72
N ASP E 350 -35.73 6.49 29.62
CA ASP E 350 -34.31 6.26 29.41
C ASP E 350 -33.43 7.18 30.25
N TYR E 351 -34.00 8.18 30.91
CA TYR E 351 -33.23 9.10 31.74
C TYR E 351 -33.09 8.62 33.18
N LYS E 352 -33.68 7.48 33.53
CA LYS E 352 -33.60 6.99 34.89
C LYS E 352 -32.32 6.18 35.12
N THR E 353 -31.18 6.78 34.80
CA THR E 353 -29.88 6.19 35.09
C THR E 353 -29.02 7.22 35.80
N PHE E 354 -27.75 6.91 36.03
CA PHE E 354 -26.89 7.86 36.74
C PHE E 354 -26.51 9.04 35.84
N LEU E 355 -26.23 8.77 34.57
CA LEU E 355 -25.92 9.85 33.62
C LEU E 355 -27.12 10.78 33.45
N GLY E 356 -28.33 10.21 33.39
CA GLY E 356 -29.52 11.05 33.32
C GLY E 356 -29.67 11.93 34.54
N VAL E 357 -29.39 11.39 35.72
CA VAL E 357 -29.45 12.19 36.96
C VAL E 357 -28.41 13.31 36.91
N GLU E 358 -27.22 13.02 36.38
CA GLU E 358 -26.20 14.06 36.26
C GLU E 358 -26.65 15.18 35.33
N LEU E 359 -27.23 14.82 34.18
CA LEU E 359 -27.73 15.83 33.24
C LEU E 359 -28.84 16.67 33.87
N ILE E 360 -29.76 16.00 34.57
CA ILE E 360 -30.85 16.71 35.24
C ILE E 360 -30.29 17.67 36.27
N LYS E 361 -29.28 17.23 37.02
CA LYS E 361 -28.66 18.10 38.03
C LYS E 361 -28.03 19.33 37.38
N ASN E 362 -27.30 19.14 36.28
CA ASN E 362 -26.66 20.28 35.63
C ASN E 362 -27.69 21.27 35.10
N LEU E 363 -28.74 20.77 34.43
CA LEU E 363 -29.76 21.67 33.92
C LEU E 363 -30.49 22.39 35.05
N PHE E 364 -30.77 21.69 36.15
CA PHE E 364 -31.41 22.31 37.29
C PHE E 364 -30.52 23.40 37.88
N GLU E 365 -29.21 23.14 37.96
CA GLU E 365 -28.28 24.14 38.49
C GLU E 365 -28.31 25.40 37.63
N LYS E 366 -28.25 25.25 36.32
CA LYS E 366 -28.26 26.44 35.46
C LYS E 366 -29.60 27.17 35.51
N LEU E 367 -30.71 26.43 35.54
CA LEU E 367 -32.02 27.06 35.64
C LEU E 367 -32.14 27.85 36.94
N LYS E 368 -31.69 27.27 38.06
CA LYS E 368 -31.73 27.99 39.32
C LYS E 368 -30.81 29.21 39.30
N LEU E 369 -29.66 29.09 38.64
CA LEU E 369 -28.73 30.21 38.56
C LEU E 369 -29.34 31.39 37.81
N THR E 370 -30.03 31.12 36.70
CA THR E 370 -30.57 32.23 35.92
C THR E 370 -31.91 32.72 36.43
N GLU E 371 -32.93 31.86 36.42
CA GLU E 371 -34.28 32.25 36.82
C GLU E 371 -34.38 32.27 38.35
N LYS E 372 -34.11 33.42 38.93
CA LYS E 372 -34.14 33.59 40.38
C LYS E 372 -35.56 33.91 40.86
N GLY E 373 -35.86 33.45 42.07
CA GLY E 373 -37.11 33.76 42.74
C GLY E 373 -38.14 32.65 42.72
N LYS E 374 -37.97 31.64 41.87
CA LYS E 374 -38.93 30.55 41.79
C LYS E 374 -38.59 29.43 42.77
N ASP E 375 -39.60 28.66 43.14
CA ASP E 375 -39.41 27.52 44.01
C ASP E 375 -38.76 26.37 43.25
N GLU E 376 -38.23 25.41 44.01
CA GLU E 376 -37.42 24.35 43.41
C GLU E 376 -38.27 23.38 42.60
N VAL E 377 -39.49 23.10 43.05
CA VAL E 377 -40.33 22.13 42.34
C VAL E 377 -40.70 22.65 40.95
N SER E 378 -41.01 23.95 40.85
CA SER E 378 -41.31 24.53 39.55
C SER E 378 -40.09 24.49 38.63
N LEU E 379 -38.90 24.73 39.18
CA LEU E 379 -37.68 24.62 38.38
C LEU E 379 -37.48 23.20 37.89
N LEU E 380 -37.73 22.21 38.74
CA LEU E 380 -37.60 20.82 38.33
C LEU E 380 -38.59 20.48 37.22
N LYS E 381 -39.83 20.94 37.35
CA LYS E 381 -40.82 20.70 36.31
C LYS E 381 -40.43 21.38 35.01
N GLU E 382 -39.89 22.60 35.09
CA GLU E 382 -39.45 23.29 33.89
C GLU E 382 -38.29 22.55 33.22
N ALA E 383 -37.35 22.04 34.01
CA ALA E 383 -36.25 21.26 33.45
C ALA E 383 -36.75 19.99 32.79
N ALA E 384 -37.72 19.32 33.41
CA ALA E 384 -38.31 18.13 32.80
C ALA E 384 -39.01 18.47 31.49
N THR E 385 -39.68 19.61 31.44
CA THR E 385 -40.31 20.04 30.20
C THR E 385 -39.26 20.34 29.13
N ILE E 386 -38.15 20.93 29.52
CA ILE E 386 -37.08 21.23 28.57
C ILE E 386 -36.47 19.94 28.01
N ILE E 387 -36.30 18.94 28.87
CA ILE E 387 -35.66 17.68 28.43
C ILE E 387 -36.46 17.04 27.30
N THR E 388 -37.79 17.05 27.40
CA THR E 388 -38.65 16.40 26.43
C THR E 388 -38.98 17.29 25.23
N GLY E 389 -38.17 18.31 24.96
CA GLY E 389 -38.43 19.18 23.83
C GLY E 389 -39.45 20.26 24.17
N GLY E 390 -40.21 20.66 23.16
CA GLY E 390 -41.25 21.65 23.36
C GLY E 390 -42.43 21.13 24.15
N THR E 391 -42.59 19.82 24.24
CA THR E 391 -43.72 19.23 24.97
C THR E 391 -43.60 19.48 26.46
N ASP F 16 15.69 52.65 9.76
CA ASP F 16 15.31 51.53 8.90
C ASP F 16 14.76 50.36 9.71
N PHE F 17 15.14 50.27 10.97
CA PHE F 17 14.66 49.22 11.86
C PHE F 17 14.68 49.72 13.29
N VAL F 18 13.93 49.04 14.15
CA VAL F 18 13.90 49.36 15.57
C VAL F 18 13.65 48.09 16.35
N VAL F 19 14.23 48.02 17.55
CA VAL F 19 14.11 46.86 18.43
C VAL F 19 13.68 47.34 19.81
N MET F 20 12.65 46.72 20.35
CA MET F 20 12.18 46.98 21.71
C MET F 20 12.41 45.72 22.53
N ALA F 21 13.12 45.87 23.65
CA ALA F 21 13.50 44.74 24.48
C ALA F 21 12.93 44.91 25.88
N GLY F 22 12.22 43.89 26.35
CA GLY F 22 11.72 43.85 27.70
C GLY F 22 12.49 42.86 28.56
N MET F 23 13.11 43.36 29.63
CA MET F 23 13.97 42.57 30.48
C MET F 23 13.59 42.76 31.95
N ARG F 24 14.19 41.95 32.80
CA ARG F 24 13.96 42.00 34.24
C ARG F 24 14.83 43.08 34.87
N LYS F 25 14.77 43.19 36.19
CA LYS F 25 15.54 44.21 36.89
C LYS F 25 17.03 43.91 36.86
N ASP F 26 17.41 42.63 36.73
CA ASP F 26 18.81 42.25 36.68
C ASP F 26 19.42 42.36 35.28
N GLY F 27 18.63 42.74 34.29
CA GLY F 27 19.12 42.92 32.93
C GLY F 27 18.91 41.74 32.01
N THR F 28 18.33 40.64 32.50
CA THR F 28 18.13 39.46 31.67
C THR F 28 17.01 39.71 30.65
N ILE F 29 17.36 39.67 29.37
CA ILE F 29 16.39 39.91 28.30
C ILE F 29 15.45 38.72 28.19
N ASP F 30 14.15 38.99 28.13
CA ASP F 30 13.15 37.95 27.99
C ASP F 30 12.14 38.18 26.88
N PHE F 31 11.90 39.42 26.46
CA PHE F 31 10.94 39.72 25.40
C PHE F 31 11.64 40.58 24.35
N ILE F 32 11.47 40.23 23.07
CA ILE F 32 12.07 40.98 21.98
C ILE F 32 11.01 41.23 20.92
N LYS F 33 10.88 42.49 20.48
CA LYS F 33 10.04 42.81 19.34
C LYS F 33 10.86 43.64 18.36
N VAL F 34 10.77 43.31 17.08
CA VAL F 34 11.57 43.94 16.05
C VAL F 34 10.65 44.45 14.95
N TYR F 35 10.82 45.73 14.58
CA TYR F 35 10.15 46.33 13.45
C TYR F 35 11.18 46.63 12.36
N ALA F 36 10.85 46.27 11.12
CA ALA F 36 11.75 46.45 9.99
C ALA F 36 10.94 46.62 8.72
N LEU F 37 11.65 46.96 7.64
CA LEU F 37 10.98 47.22 6.37
C LEU F 37 10.44 45.93 5.74
N ASN F 38 11.23 44.86 5.77
CA ASN F 38 10.84 43.61 5.11
C ASN F 38 11.33 42.44 5.97
N GLU F 39 11.17 41.23 5.44
CA GLU F 39 11.47 40.03 6.20
C GLU F 39 12.97 39.81 6.37
N LYS F 40 13.74 40.00 5.29
CA LYS F 40 15.18 39.71 5.36
C LYS F 40 15.89 40.64 6.34
N LEU F 41 15.58 41.94 6.28
CA LEU F 41 16.18 42.89 7.22
C LEU F 41 15.77 42.57 8.64
N ALA F 42 14.51 42.19 8.85
CA ALA F 42 14.04 41.85 10.19
C ALA F 42 14.79 40.66 10.75
N ILE F 43 14.97 39.61 9.93
CA ILE F 43 15.71 38.44 10.38
C ILE F 43 17.16 38.81 10.68
N GLU F 44 17.76 39.63 9.81
CA GLU F 44 19.15 40.03 10.01
C GLU F 44 19.33 40.78 11.33
N VAL F 45 18.47 41.77 11.57
CA VAL F 45 18.62 42.56 12.79
C VAL F 45 18.30 41.72 14.03
N LEU F 46 17.32 40.82 13.93
CA LEU F 46 17.00 39.96 15.06
C LEU F 46 18.20 39.07 15.42
N GLU F 47 18.81 38.44 14.42
CA GLU F 47 19.95 37.57 14.71
C GLU F 47 21.16 38.37 15.18
N ALA F 48 21.35 39.58 14.64
CA ALA F 48 22.44 40.43 15.12
C ALA F 48 22.24 40.83 16.57
N PHE F 49 21.01 41.18 16.95
CA PHE F 49 20.72 41.52 18.34
C PHE F 49 20.90 40.32 19.25
N LEU F 50 20.50 39.13 18.79
CA LEU F 50 20.70 37.92 19.57
C LEU F 50 22.19 37.64 19.78
N LYS F 51 23.00 37.84 18.73
CA LYS F 51 24.44 37.57 18.83
C LYS F 51 25.14 38.59 19.73
N GLU F 52 24.78 39.87 19.59
CA GLU F 52 25.51 40.93 20.30
C GLU F 52 25.35 40.81 21.81
N ASN F 53 24.16 40.45 22.28
CA ASN F 53 23.87 40.38 23.70
C ASN F 53 24.29 39.04 24.33
N ASN F 54 25.01 38.21 23.59
CA ASN F 54 25.45 36.89 24.07
C ASN F 54 24.26 36.04 24.52
N ILE F 55 23.32 35.86 23.61
CA ILE F 55 22.12 35.07 23.85
C ILE F 55 22.09 33.94 22.84
N HIS F 56 21.90 32.72 23.31
CA HIS F 56 21.81 31.57 22.43
C HIS F 56 20.45 31.54 21.75
N PRO F 57 20.40 31.42 20.42
CA PRO F 57 19.08 31.44 19.74
C PRO F 57 18.13 30.35 20.19
N SER F 58 18.65 29.19 20.58
CA SER F 58 17.78 28.09 20.99
C SER F 58 16.98 28.40 22.25
N ASP F 59 17.41 29.38 23.04
CA ASP F 59 16.68 29.75 24.24
C ASP F 59 15.46 30.63 23.94
N PHE F 60 15.33 31.13 22.71
CA PHE F 60 14.23 32.00 22.33
C PHE F 60 13.33 31.29 21.33
N ILE F 61 12.03 31.38 21.54
CA ILE F 61 11.04 30.80 20.66
C ILE F 61 10.26 31.93 19.99
N VAL F 62 10.11 31.85 18.67
CA VAL F 62 9.41 32.88 17.92
C VAL F 62 7.91 32.72 18.13
N ILE F 63 7.26 33.76 18.63
CA ILE F 63 5.84 33.73 18.93
C ILE F 63 5.00 34.24 17.76
N GLN F 64 5.35 35.41 17.23
CA GLN F 64 4.54 36.02 16.19
C GLN F 64 5.43 36.67 15.15
N ARG F 65 4.92 36.76 13.93
CA ARG F 65 5.62 37.49 12.86
C ARG F 65 4.61 37.85 11.79
N GLY F 66 4.77 39.02 11.20
CA GLY F 66 3.92 39.42 10.10
C GLY F 66 3.94 40.91 9.87
N TYR F 67 3.09 41.34 8.93
CA TYR F 67 2.99 42.75 8.58
C TYR F 67 1.99 43.44 9.50
N GLU F 68 2.43 44.54 10.11
CA GLU F 68 1.60 45.35 10.99
C GLU F 68 1.38 46.72 10.37
N ASP F 69 0.17 47.25 10.53
CA ASP F 69 -0.18 48.54 9.95
C ASP F 69 0.36 49.67 10.84
N VAL F 70 1.10 50.59 10.23
CA VAL F 70 1.67 51.72 10.95
C VAL F 70 1.23 53.01 10.27
N LYS F 71 0.05 52.97 9.64
CA LYS F 71 -0.45 54.13 8.90
C LYS F 71 -0.71 55.32 9.83
N ASP F 72 -1.21 55.05 11.03
CA ASP F 72 -1.62 56.09 11.96
C ASP F 72 -0.50 56.50 12.93
N LYS F 73 0.70 55.95 12.76
CA LYS F 73 1.81 56.23 13.67
C LYS F 73 2.88 57.01 12.93
N LYS F 74 3.26 58.17 13.48
CA LYS F 74 4.35 58.95 12.90
C LYS F 74 5.69 58.29 13.14
N ALA F 75 5.94 57.83 14.36
CA ALA F 75 7.21 57.22 14.71
C ALA F 75 6.96 56.15 15.77
N ILE F 76 7.94 55.26 15.91
CA ILE F 76 7.86 54.13 16.83
C ILE F 76 8.83 54.42 17.97
N THR F 77 8.30 54.83 19.11
CA THR F 77 9.09 55.12 20.31
C THR F 77 8.49 54.39 21.50
N THR F 78 9.20 54.48 22.63
CA THR F 78 8.64 53.93 23.87
C THR F 78 7.38 54.67 24.29
N ARG F 79 7.25 55.93 23.89
CA ARG F 79 6.04 56.70 24.16
C ARG F 79 4.95 56.46 23.12
N SER F 80 5.20 55.64 22.11
CA SER F 80 4.19 55.27 21.14
C SER F 80 3.50 53.94 21.45
N GLU F 81 4.09 53.12 22.31
CA GLU F 81 3.54 51.82 22.67
C GLU F 81 3.20 51.83 24.16
N GLU F 82 1.91 52.01 24.46
CA GLU F 82 1.45 52.04 25.85
C GLU F 82 0.84 50.72 26.29
N GLU F 83 0.08 50.06 25.41
CA GLU F 83 -0.49 48.76 25.74
C GLU F 83 0.61 47.74 25.97
N LEU F 84 1.64 47.75 25.12
CA LEU F 84 2.77 46.85 25.31
C LEU F 84 3.49 47.14 26.63
N SER F 85 3.64 48.42 26.97
CA SER F 85 4.28 48.79 28.23
C SER F 85 3.47 48.26 29.41
N ALA F 86 2.14 48.39 29.35
CA ALA F 86 1.31 47.87 30.42
C ALA F 86 1.40 46.35 30.53
N MET F 87 1.39 45.66 29.38
CA MET F 87 1.50 44.21 29.41
C MET F 87 2.82 43.76 30.03
N LEU F 88 3.92 44.41 29.65
CA LEU F 88 5.21 44.07 30.22
C LEU F 88 5.27 44.41 31.71
N GLY F 89 4.65 45.53 32.11
CA GLY F 89 4.63 45.88 33.52
C GLY F 89 3.84 44.90 34.36
N ARG F 90 2.77 44.33 33.81
CA ARG F 90 1.99 43.36 34.56
C ARG F 90 2.81 42.11 34.87
N LEU F 91 3.67 41.70 33.94
CA LEU F 91 4.51 40.52 34.15
C LEU F 91 5.79 40.85 34.92
N GLY F 92 6.04 42.10 35.25
CA GLY F 92 7.22 42.47 36.00
C GLY F 92 8.46 42.77 35.19
N LEU F 93 8.31 43.05 33.89
CA LEU F 93 9.44 43.38 33.03
C LEU F 93 9.36 44.83 32.60
N ARG F 94 10.52 45.46 32.45
CA ARG F 94 10.60 46.82 31.96
C ARG F 94 11.18 46.84 30.56
N LEU F 95 10.73 47.80 29.75
CA LEU F 95 11.01 47.83 28.32
C LEU F 95 11.88 49.02 27.96
N VAL F 96 12.86 48.78 27.08
CA VAL F 96 13.73 49.81 26.55
C VAL F 96 13.76 49.67 25.03
N SER F 97 14.28 50.71 24.38
CA SER F 97 14.41 50.74 22.93
C SER F 97 15.82 51.17 22.55
N ASN F 98 16.30 50.66 21.42
CA ASN F 98 17.62 50.98 20.92
C ASN F 98 17.64 52.20 20.01
N GLY F 99 16.49 52.79 19.73
CA GLY F 99 16.45 53.96 18.86
C GLY F 99 15.02 54.33 18.52
N VAL F 100 14.90 55.26 17.59
CA VAL F 100 13.61 55.77 17.13
C VAL F 100 13.51 55.51 15.63
N LEU F 101 12.39 54.91 15.20
CA LEU F 101 12.13 54.63 13.81
C LEU F 101 11.06 55.56 13.28
N TYR F 102 11.30 56.17 12.13
CA TYR F 102 10.37 57.12 11.53
C TYR F 102 9.59 56.40 10.43
N THR F 103 8.26 56.42 10.56
CA THR F 103 7.37 55.72 9.63
C THR F 103 6.72 56.67 8.63
N ASP F 104 7.45 57.69 8.19
CA ASP F 104 6.90 58.65 7.25
C ASP F 104 6.69 57.99 5.89
N GLY F 105 5.47 58.08 5.37
CA GLY F 105 5.18 57.51 4.06
C GLY F 105 5.17 55.99 4.02
N ILE F 106 4.90 55.33 5.15
CA ILE F 106 4.92 53.88 5.25
C ILE F 106 3.59 53.41 5.81
N ASP F 107 3.01 52.39 5.18
CA ASP F 107 1.75 51.80 5.64
C ASP F 107 1.95 50.51 6.42
N LYS F 108 2.68 49.56 5.85
CA LYS F 108 2.91 48.27 6.48
C LYS F 108 4.37 48.13 6.88
N LEU F 109 4.61 47.40 7.97
CA LEU F 109 5.96 47.22 8.49
C LEU F 109 6.07 45.80 9.06
N TYR F 110 7.13 45.10 8.71
CA TYR F 110 7.28 43.73 9.20
C TYR F 110 7.70 43.74 10.66
N GLN F 111 7.08 42.86 11.46
CA GLN F 111 7.33 42.81 12.89
C GLN F 111 7.48 41.37 13.33
N ILE F 112 8.43 41.14 14.24
CA ILE F 112 8.71 39.83 14.82
C ILE F 112 8.65 39.96 16.34
N THR F 113 7.95 39.03 16.99
CA THR F 113 7.79 39.03 18.44
C THR F 113 8.22 37.67 18.98
N ALA F 114 9.22 37.68 19.86
CA ALA F 114 9.76 36.46 20.45
C ALA F 114 9.89 36.61 21.96
N ILE F 115 9.68 35.50 22.67
CA ILE F 115 9.80 35.45 24.12
C ILE F 115 10.71 34.29 24.50
N SER F 116 11.27 34.38 25.70
CA SER F 116 12.17 33.33 26.19
C SER F 116 11.38 32.07 26.53
N ARG F 117 12.09 30.94 26.51
CA ARG F 117 11.44 29.65 26.75
C ARG F 117 11.02 29.49 28.20
N GLU F 118 11.84 29.97 29.15
CA GLU F 118 11.45 29.86 30.55
C GLU F 118 10.21 30.70 30.84
N LEU F 119 10.12 31.90 30.27
CA LEU F 119 8.91 32.69 30.38
C LEU F 119 7.74 31.99 29.71
N PHE F 120 8.00 31.31 28.59
CA PHE F 120 6.96 30.57 27.89
C PHE F 120 6.36 29.49 28.80
N GLU F 121 7.20 28.67 29.42
CA GLU F 121 6.70 27.61 30.28
C GLU F 121 6.10 28.16 31.57
N SER F 122 6.63 29.29 32.07
CA SER F 122 6.02 29.91 33.24
C SER F 122 4.60 30.40 32.93
N LEU F 123 4.41 30.99 31.75
CA LEU F 123 3.06 31.36 31.33
C LEU F 123 2.19 30.12 31.16
N GLN F 124 2.77 29.04 30.63
CA GLN F 124 2.00 27.82 30.43
C GLN F 124 1.57 27.19 31.75
N LYS F 125 2.36 27.31 32.82
CA LYS F 125 2.13 26.55 34.03
C LYS F 125 1.71 27.39 35.23
N GLU F 126 2.19 28.61 35.37
CA GLU F 126 1.90 29.36 36.58
C GLU F 126 1.21 30.69 36.32
N LYS F 127 1.50 31.34 35.20
CA LYS F 127 0.91 32.63 34.87
C LYS F 127 -0.35 32.52 34.03
N ARG F 128 -1.08 31.40 34.15
CA ARG F 128 -2.28 31.18 33.34
C ARG F 128 -3.44 32.07 33.74
N GLU F 129 -3.38 32.74 34.88
CA GLU F 129 -4.49 33.52 35.41
C GLU F 129 -4.11 34.99 35.52
N ILE F 130 -3.29 35.48 34.60
CA ILE F 130 -2.80 36.85 34.66
C ILE F 130 -3.69 37.81 33.89
N PHE F 131 -4.11 37.44 32.68
CA PHE F 131 -4.88 38.32 31.81
C PHE F 131 -6.36 37.95 31.78
N GLU F 132 -6.90 37.58 32.94
CA GLU F 132 -8.32 37.24 33.06
C GLU F 132 -9.21 38.45 33.26
N ASP F 133 -8.63 39.64 33.40
CA ASP F 133 -9.41 40.87 33.54
C ASP F 133 -9.77 41.48 32.19
N VAL F 134 -9.58 40.74 31.10
CA VAL F 134 -9.91 41.24 29.78
C VAL F 134 -11.11 40.53 29.16
N GLN F 135 -11.38 39.29 29.53
CA GLN F 135 -12.49 38.55 28.96
C GLN F 135 -13.83 39.15 29.38
N GLU F 136 -14.83 38.96 28.55
CA GLU F 136 -16.20 39.39 28.82
C GLU F 136 -17.14 38.19 28.74
N LYS F 137 -18.07 38.12 29.69
CA LYS F 137 -19.04 37.04 29.69
C LYS F 137 -19.91 37.12 28.44
N ILE F 138 -20.23 35.96 27.86
CA ILE F 138 -21.00 35.94 26.63
C ILE F 138 -22.45 36.29 26.94
N THR F 139 -23.08 37.03 26.03
CA THR F 139 -24.47 37.44 26.19
C THR F 139 -25.18 37.30 24.85
N PHE F 140 -26.50 37.20 24.91
CA PHE F 140 -27.34 37.06 23.74
C PHE F 140 -28.18 38.32 23.55
N ASN F 141 -28.10 38.90 22.36
CA ASN F 141 -28.83 40.13 22.00
C ASN F 141 -29.72 39.81 20.81
N PHE F 142 -30.96 39.40 21.08
CA PHE F 142 -31.87 38.96 20.05
C PHE F 142 -32.50 40.09 19.25
N SER F 143 -32.23 41.35 19.63
CA SER F 143 -32.82 42.48 18.92
C SER F 143 -32.16 42.74 17.57
N LYS F 144 -31.06 42.06 17.25
CA LYS F 144 -30.33 42.30 16.01
C LYS F 144 -30.84 41.46 14.84
N VAL F 145 -31.89 40.66 15.03
CA VAL F 145 -32.41 39.80 13.98
C VAL F 145 -33.90 40.05 13.82
N ASP F 146 -34.37 40.00 12.57
CA ASP F 146 -35.78 40.20 12.24
C ASP F 146 -36.39 38.82 11.99
N LEU F 147 -37.00 38.26 13.02
CA LEU F 147 -37.62 36.95 12.98
C LEU F 147 -39.00 37.02 13.61
N PRO F 148 -39.89 36.10 13.22
CA PRO F 148 -41.20 36.03 13.90
C PRO F 148 -41.04 35.75 15.38
N GLU F 149 -42.00 36.26 16.17
CA GLU F 149 -41.86 36.25 17.62
C GLU F 149 -41.78 34.83 18.17
N LYS F 150 -42.59 33.91 17.63
CA LYS F 150 -42.62 32.55 18.16
C LYS F 150 -41.28 31.85 17.95
N TYR F 151 -40.62 32.10 16.83
CA TYR F 151 -39.32 31.50 16.59
C TYR F 151 -38.27 32.05 17.56
N VAL F 152 -38.33 33.35 17.87
CA VAL F 152 -37.43 33.93 18.84
C VAL F 152 -37.68 33.32 20.22
N LYS F 153 -38.95 33.12 20.58
CA LYS F 153 -39.27 32.49 21.85
C LYS F 153 -38.69 31.08 21.93
N LYS F 154 -38.85 30.30 20.85
CA LYS F 154 -38.33 28.94 20.85
C LYS F 154 -36.81 28.92 20.90
N LEU F 155 -36.16 29.83 20.17
CA LEU F 155 -34.70 29.84 20.10
C LEU F 155 -34.04 30.52 21.28
N ARG F 156 -34.81 31.15 22.17
CA ARG F 156 -34.20 31.76 23.35
C ARG F 156 -33.61 30.75 24.33
N LEU F 157 -33.89 29.46 24.16
CA LEU F 157 -33.32 28.45 25.04
C LEU F 157 -31.83 28.23 24.80
N LEU F 158 -31.27 28.77 23.72
CA LEU F 158 -29.86 28.59 23.42
C LEU F 158 -28.95 29.32 24.40
N GLU F 159 -29.49 30.22 25.23
CA GLU F 159 -28.65 30.99 26.15
C GLU F 159 -28.19 30.18 27.35
N LEU F 160 -28.72 28.97 27.55
CA LEU F 160 -28.31 28.14 28.67
C LEU F 160 -26.93 27.52 28.48
N MET F 161 -26.42 27.50 27.23
CA MET F 161 -25.10 26.97 26.93
C MET F 161 -24.98 25.50 27.31
N GLU F 162 -25.87 24.70 26.75
CA GLU F 162 -25.87 23.25 26.91
C GLU F 162 -25.93 22.61 25.53
N ASP F 163 -25.60 21.32 25.47
CA ASP F 163 -25.67 20.59 24.21
C ASP F 163 -27.10 20.54 23.71
N THR F 164 -27.29 20.84 22.43
CA THR F 164 -28.63 21.04 21.88
C THR F 164 -28.82 20.24 20.60
N ILE F 165 -30.03 19.73 20.43
CA ILE F 165 -30.45 19.08 19.18
C ILE F 165 -31.62 19.86 18.62
N ILE F 166 -31.54 20.22 17.34
CA ILE F 166 -32.52 21.09 16.70
C ILE F 166 -33.17 20.34 15.55
N PHE F 167 -34.45 20.05 15.70
CA PHE F 167 -35.30 19.55 14.62
C PHE F 167 -35.63 20.73 13.73
N ASN F 168 -34.82 20.92 12.69
CA ASN F 168 -34.86 22.12 11.86
C ASN F 168 -35.70 21.86 10.61
N MET F 169 -37.02 21.89 10.80
CA MET F 169 -37.93 21.79 9.67
C MET F 169 -38.20 23.12 8.99
N ALA F 170 -37.75 24.23 9.58
CA ALA F 170 -37.89 25.54 8.97
C ALA F 170 -36.67 25.93 8.14
N GLU F 171 -35.65 25.07 8.07
CA GLU F 171 -34.46 25.30 7.27
C GLU F 171 -33.74 26.59 7.65
N LEU F 172 -33.92 27.04 8.89
CA LEU F 172 -33.24 28.23 9.37
C LEU F 172 -31.73 27.98 9.46
N GLU F 173 -30.94 28.99 9.09
CA GLU F 173 -29.49 28.88 9.11
C GLU F 173 -28.99 29.28 10.50
N ILE F 174 -28.62 28.27 11.30
CA ILE F 174 -28.17 28.53 12.67
C ILE F 174 -26.87 29.33 12.72
N PRO F 175 -25.83 29.01 11.94
CA PRO F 175 -24.56 29.75 12.10
C PRO F 175 -24.67 31.25 11.92
N ASN F 176 -25.43 31.72 10.92
CA ASN F 176 -25.57 33.16 10.73
C ASN F 176 -26.33 33.80 11.88
N LEU F 177 -27.39 33.14 12.34
CA LEU F 177 -28.14 33.65 13.49
C LEU F 177 -27.24 33.78 14.72
N LEU F 178 -26.42 32.76 14.99
CA LEU F 178 -25.54 32.81 16.14
C LEU F 178 -24.48 33.89 15.97
N LYS F 179 -23.93 34.04 14.76
CA LYS F 179 -22.97 35.11 14.52
C LYS F 179 -23.61 36.48 14.70
N ALA F 180 -24.93 36.58 14.50
CA ALA F 180 -25.59 37.86 14.61
C ALA F 180 -25.82 38.29 16.06
N ILE F 181 -26.12 37.34 16.95
CA ILE F 181 -26.66 37.69 18.26
C ILE F 181 -25.75 37.25 19.42
N VAL F 182 -24.45 37.16 19.17
CA VAL F 182 -23.51 36.74 20.21
C VAL F 182 -22.45 37.82 20.37
N GLU F 183 -22.25 38.27 21.61
CA GLU F 183 -21.22 39.21 21.96
C GLU F 183 -20.43 38.70 23.16
N GLY F 184 -19.16 39.01 23.19
CA GLY F 184 -18.28 38.55 24.25
C GLY F 184 -16.88 38.36 23.71
N THR F 185 -15.98 37.95 24.61
CA THR F 185 -14.59 37.73 24.26
C THR F 185 -14.04 36.57 25.06
N VAL F 186 -13.19 35.76 24.41
CA VAL F 186 -12.52 34.63 25.05
C VAL F 186 -11.04 34.69 24.69
N LEU F 187 -10.24 34.00 25.50
CA LEU F 187 -8.78 33.98 25.34
C LEU F 187 -8.35 32.55 25.02
N ILE F 188 -7.62 32.38 23.92
CA ILE F 188 -7.21 31.04 23.50
C ILE F 188 -5.71 31.01 23.21
N PRO F 189 -5.05 29.86 23.36
CA PRO F 189 -3.63 29.79 22.97
C PRO F 189 -3.47 29.83 21.47
N ARG F 190 -2.45 30.56 21.02
CA ARG F 190 -2.20 30.64 19.58
C ARG F 190 -1.73 29.30 19.03
N PHE F 191 -0.74 28.68 19.67
CA PHE F 191 -0.26 27.36 19.27
C PHE F 191 0.33 26.67 20.48
N LEU F 192 0.40 25.34 20.40
CA LEU F 192 0.95 24.51 21.46
C LEU F 192 2.23 23.87 20.96
N GLU F 193 3.33 24.08 21.69
CA GLU F 193 4.63 23.51 21.37
C GLU F 193 4.90 22.39 22.37
N LYS F 194 4.41 21.19 22.04
CA LYS F 194 4.57 20.02 22.89
C LYS F 194 5.72 19.18 22.36
N GLU F 195 6.80 19.10 23.14
CA GLU F 195 7.97 18.28 22.81
C GLU F 195 8.49 18.60 21.42
N ASP F 196 8.69 19.89 21.15
CA ASP F 196 9.20 20.44 19.90
C ASP F 196 8.21 20.30 18.75
N LEU F 197 7.04 19.70 18.98
CA LEU F 197 6.02 19.56 17.95
C LEU F 197 5.02 20.70 18.08
N ILE F 198 4.75 21.38 16.97
CA ILE F 198 3.91 22.57 16.97
C ILE F 198 2.54 22.21 16.43
N ILE F 199 1.49 22.52 17.19
CA ILE F 199 0.10 22.33 16.79
C ILE F 199 -0.58 23.69 16.80
N ARG F 200 -1.21 24.05 15.69
CA ARG F 200 -1.83 25.36 15.56
C ARG F 200 -3.31 25.28 15.89
N ILE F 201 -3.77 26.20 16.74
CA ILE F 201 -5.16 26.26 17.17
C ILE F 201 -5.85 27.51 16.62
N PHE F 202 -5.20 28.67 16.74
CA PHE F 202 -5.76 29.90 16.20
C PHE F 202 -5.85 29.81 14.68
N ASP F 203 -7.01 30.15 14.14
CA ASP F 203 -7.29 30.04 12.71
C ASP F 203 -7.71 31.41 12.19
N GLU F 204 -6.92 31.97 11.28
CA GLU F 204 -7.23 33.28 10.72
C GLU F 204 -8.50 33.27 9.88
N GLU F 205 -8.92 32.10 9.40
CA GLU F 205 -10.09 31.99 8.55
C GLU F 205 -11.39 31.89 9.34
N LEU F 206 -11.37 31.21 10.48
CA LEU F 206 -12.57 30.96 11.26
C LEU F 206 -12.69 31.80 12.52
N HIS F 207 -11.64 32.50 12.93
CA HIS F 207 -11.64 33.27 14.15
C HIS F 207 -11.52 34.76 13.85
N GLU F 208 -12.13 35.57 14.72
CA GLU F 208 -12.18 37.01 14.54
C GLU F 208 -11.20 37.66 15.52
N TYR F 209 -10.14 38.24 14.98
CA TYR F 209 -9.08 38.81 15.80
C TYR F 209 -9.58 40.00 16.60
N ARG F 210 -9.20 40.06 17.88
CA ARG F 210 -9.59 41.16 18.74
C ARG F 210 -8.44 41.64 19.63
N GLY F 211 -7.26 41.07 19.50
CA GLY F 211 -6.13 41.46 20.33
C GLY F 211 -5.09 40.36 20.36
N SER F 212 -4.03 40.63 21.10
CA SER F 212 -2.91 39.69 21.21
C SER F 212 -2.21 39.91 22.54
N TYR F 213 -2.11 38.85 23.34
CA TYR F 213 -1.44 38.89 24.64
C TYR F 213 -0.37 37.81 24.66
N PHE F 214 0.81 38.15 24.12
CA PHE F 214 1.97 37.26 24.09
C PHE F 214 1.66 35.96 23.37
N ASP F 215 1.48 34.87 24.13
CA ASP F 215 1.21 33.55 23.57
C ASP F 215 -0.28 33.24 23.50
N LYS F 216 -1.13 34.20 23.83
CA LYS F 216 -2.57 34.00 23.80
C LYS F 216 -3.22 35.09 22.96
N VAL F 217 -4.37 34.77 22.39
CA VAL F 217 -5.10 35.66 21.49
C VAL F 217 -6.51 35.83 22.03
N LEU F 218 -6.98 37.07 22.05
CA LEU F 218 -8.34 37.40 22.44
C LEU F 218 -9.21 37.48 21.18
N ILE F 219 -10.29 36.70 21.16
CA ILE F 219 -11.16 36.63 20.00
C ILE F 219 -12.61 36.64 20.49
N LYS F 220 -13.53 36.75 19.54
CA LYS F 220 -14.94 36.55 19.84
C LYS F 220 -15.21 35.06 20.04
N PRO F 221 -16.26 34.71 20.78
CA PRO F 221 -16.59 33.30 21.00
C PRO F 221 -16.72 32.56 19.69
N PRO F 222 -15.89 31.55 19.46
CA PRO F 222 -15.87 30.88 18.15
C PRO F 222 -17.20 30.23 17.81
N ILE F 223 -17.56 30.30 16.53
CA ILE F 223 -18.69 29.57 15.98
C ILE F 223 -18.16 28.77 14.79
N ILE F 224 -18.19 27.45 14.90
CA ILE F 224 -17.67 26.56 13.87
C ILE F 224 -18.83 25.76 13.31
N HIS F 225 -18.85 25.58 11.99
CA HIS F 225 -19.91 24.87 11.30
C HIS F 225 -19.31 23.74 10.48
N TRP F 226 -19.99 22.58 10.50
CA TRP F 226 -19.54 21.42 9.73
C TRP F 226 -20.74 20.82 9.01
N ASP F 227 -20.70 20.84 7.68
CA ASP F 227 -21.74 20.29 6.84
C ASP F 227 -21.30 18.94 6.29
N PHE F 228 -22.16 17.94 6.41
CA PHE F 228 -21.81 16.59 5.99
C PHE F 228 -21.61 16.50 4.48
N TYR F 229 -22.45 17.19 3.71
CA TYR F 229 -22.42 17.07 2.26
C TYR F 229 -21.33 17.92 1.61
N LEU F 230 -20.62 18.74 2.36
CA LEU F 230 -19.60 19.61 1.80
C LEU F 230 -18.22 19.45 2.41
N ASP F 231 -18.10 18.79 3.56
CA ASP F 231 -16.83 18.69 4.25
C ASP F 231 -16.44 17.23 4.45
N SER F 232 -15.16 17.00 4.69
CA SER F 232 -14.60 15.67 4.87
C SER F 232 -14.35 15.39 6.34
N LEU F 233 -14.27 14.10 6.67
CA LEU F 233 -14.05 13.66 8.04
C LEU F 233 -12.60 13.83 8.49
N GLU F 234 -11.70 14.23 7.60
CA GLU F 234 -10.32 14.46 7.99
C GLU F 234 -10.14 15.71 8.84
N ASP F 235 -11.17 16.56 8.94
CA ASP F 235 -11.06 17.76 9.76
C ASP F 235 -11.04 17.44 11.26
N PHE F 236 -11.48 16.25 11.65
CA PHE F 236 -11.43 15.83 13.04
C PHE F 236 -10.18 15.03 13.36
N SER F 237 -9.09 15.24 12.62
CA SER F 237 -7.83 14.57 12.85
C SER F 237 -6.70 15.59 12.75
N PHE F 238 -5.58 15.26 13.39
CA PHE F 238 -4.41 16.14 13.36
C PHE F 238 -3.80 16.08 11.97
N LYS F 239 -4.12 17.08 11.14
CA LYS F 239 -3.63 17.14 9.77
C LYS F 239 -2.23 17.73 9.75
N LYS F 240 -1.35 17.11 8.98
CA LYS F 240 0.04 17.55 8.88
C LYS F 240 0.15 18.59 7.76
N VAL F 241 0.50 19.82 8.13
CA VAL F 241 0.70 20.88 7.17
C VAL F 241 2.16 20.88 6.75
N GLU F 242 3.06 20.92 7.73
CA GLU F 242 4.49 20.86 7.46
C GLU F 242 5.15 19.93 8.45
N GLU F 243 6.42 19.65 8.24
CA GLU F 243 7.16 18.81 9.19
C GLU F 243 7.16 19.49 10.55
N SER F 244 6.81 18.71 11.58
CA SER F 244 6.65 19.22 12.95
C SER F 244 5.67 20.39 13.04
N ILE F 245 4.74 20.50 12.10
CA ILE F 245 3.74 21.57 12.11
C ILE F 245 2.40 20.96 11.71
N TYR F 246 1.48 20.87 12.67
CA TYR F 246 0.18 20.25 12.49
C TYR F 246 -0.94 21.23 12.76
N ILE F 247 -2.13 20.89 12.28
CA ILE F 247 -3.34 21.68 12.49
C ILE F 247 -4.25 20.91 13.43
N ALA F 248 -4.71 21.57 14.49
CA ALA F 248 -5.58 20.94 15.47
C ALA F 248 -6.93 20.59 14.86
N PRO F 249 -7.60 19.55 15.35
CA PRO F 249 -8.94 19.21 14.84
C PRO F 249 -9.97 20.29 15.14
N LEU F 250 -11.19 20.10 14.64
CA LEU F 250 -12.21 21.14 14.75
C LEU F 250 -12.61 21.40 16.19
N PHE F 251 -12.76 20.34 16.99
CA PHE F 251 -13.26 20.52 18.35
C PHE F 251 -12.24 21.20 19.25
N LEU F 252 -10.97 21.29 18.84
CA LEU F 252 -10.01 22.08 19.58
C LEU F 252 -10.00 23.54 19.17
N ARG F 253 -10.56 23.86 18.00
CA ARG F 253 -10.68 25.24 17.55
C ARG F 253 -12.03 25.85 17.89
N ALA F 254 -12.90 25.12 18.59
CA ALA F 254 -14.15 25.65 19.11
C ALA F 254 -14.09 25.84 20.62
N THR F 255 -12.90 26.05 21.17
CA THR F 255 -12.70 26.17 22.61
C THR F 255 -13.40 27.39 23.17
N GLY F 256 -14.43 27.17 23.98
CA GLY F 256 -15.20 28.25 24.55
C GLY F 256 -16.31 28.79 23.67
N GLY F 257 -16.62 28.12 22.57
CA GLY F 257 -17.62 28.60 21.63
C GLY F 257 -18.62 27.50 21.30
N PHE F 258 -19.02 27.47 20.04
CA PHE F 258 -20.05 26.56 19.55
C PHE F 258 -19.53 25.76 18.38
N LEU F 259 -19.88 24.46 18.36
CA LEU F 259 -19.63 23.60 17.21
C LEU F 259 -20.97 23.08 16.72
N ILE F 260 -21.29 23.38 15.47
CA ILE F 260 -22.59 23.08 14.87
C ILE F 260 -22.38 22.01 13.81
N LEU F 261 -23.19 20.95 13.87
CA LEU F 261 -23.08 19.83 12.95
C LEU F 261 -24.39 19.68 12.18
N THR F 262 -24.30 19.70 10.85
CA THR F 262 -25.46 19.56 9.97
C THR F 262 -25.49 18.14 9.42
N GLU F 263 -26.49 17.37 9.86
CA GLU F 263 -26.68 15.99 9.43
C GLU F 263 -25.42 15.13 9.58
N PRO F 264 -24.86 15.00 10.78
CA PRO F 264 -23.65 14.21 10.95
C PRO F 264 -23.97 12.75 11.18
N PRO F 265 -23.01 11.85 10.95
CA PRO F 265 -23.22 10.44 11.28
C PRO F 265 -23.36 10.24 12.78
N GLU F 266 -24.07 9.17 13.16
CA GLU F 266 -24.31 8.90 14.57
C GLU F 266 -23.02 8.60 15.32
N ASP F 267 -22.09 7.89 14.67
CA ASP F 267 -20.83 7.53 15.32
C ASP F 267 -20.03 8.77 15.67
N LEU F 268 -20.04 9.78 14.81
CA LEU F 268 -19.32 11.02 15.09
C LEU F 268 -19.88 11.72 16.33
N VAL F 269 -21.22 11.78 16.43
CA VAL F 269 -21.83 12.41 17.59
C VAL F 269 -21.53 11.63 18.86
N LYS F 270 -21.59 10.30 18.78
CA LYS F 270 -21.25 9.46 19.93
C LYS F 270 -19.81 9.70 20.38
N THR F 271 -18.89 9.75 19.42
CA THR F 271 -17.48 9.98 19.75
C THR F 271 -17.29 11.36 20.37
N LEU F 272 -17.96 12.37 19.85
CA LEU F 272 -17.83 13.71 20.40
C LEU F 272 -18.38 13.79 21.82
N LEU F 273 -19.53 13.14 22.07
CA LEU F 273 -20.08 13.11 23.42
C LEU F 273 -19.13 12.39 24.39
N LYS F 274 -18.55 11.27 23.96
CA LYS F 274 -17.61 10.56 24.83
C LYS F 274 -16.36 11.38 25.08
N LEU F 275 -15.88 12.10 24.06
CA LEU F 275 -14.72 12.96 24.24
C LEU F 275 -15.02 14.09 25.23
N LYS F 276 -16.21 14.68 25.13
CA LYS F 276 -16.59 15.71 26.10
C LYS F 276 -16.68 15.14 27.50
N LYS F 277 -17.21 13.92 27.64
CA LYS F 277 -17.32 13.30 28.96
C LYS F 277 -15.95 13.00 29.56
N ARG F 278 -15.03 12.48 28.75
CA ARG F 278 -13.69 12.15 29.26
C ARG F 278 -12.94 13.40 29.69
N GLY F 279 -13.04 14.47 28.90
CA GLY F 279 -12.47 15.75 29.25
C GLY F 279 -11.17 16.10 28.53
N GLU F 280 -10.58 15.18 27.79
CA GLU F 280 -9.34 15.48 27.08
C GLU F 280 -9.17 14.48 25.95
N VAL F 281 -8.27 14.84 25.02
CA VAL F 281 -7.95 14.03 23.87
C VAL F 281 -6.49 13.59 23.98
N ARG F 282 -6.25 12.29 23.83
CA ARG F 282 -4.92 11.69 23.90
C ARG F 282 -4.56 11.10 22.54
N THR F 283 -3.33 11.33 22.11
CA THR F 283 -2.85 10.79 20.84
C THR F 283 -1.33 10.70 20.89
N ILE F 284 -0.75 10.13 19.82
CA ILE F 284 0.69 10.06 19.65
C ILE F 284 1.02 10.48 18.23
N LEU F 285 1.88 11.48 18.08
CA LEU F 285 2.31 11.98 16.79
C LEU F 285 3.83 11.90 16.71
N GLU F 286 4.33 11.22 15.68
CA GLU F 286 5.76 11.09 15.43
C GLU F 286 6.50 10.60 16.66
N GLY F 287 5.90 9.64 17.36
CA GLY F 287 6.49 9.10 18.58
C GLY F 287 6.55 10.08 19.72
N LYS F 288 5.55 10.96 19.84
CA LYS F 288 5.46 11.89 20.97
C LYS F 288 4.02 11.89 21.47
N ARG F 289 3.86 11.83 22.79
CA ARG F 289 2.54 11.74 23.40
C ARG F 289 1.95 13.15 23.55
N ILE F 290 0.69 13.30 23.15
CA ILE F 290 -0.02 14.58 23.19
C ILE F 290 -1.32 14.37 23.96
N THR F 291 -1.60 15.26 24.91
CA THR F 291 -2.83 15.24 25.67
C THR F 291 -3.34 16.66 25.83
N ILE F 292 -4.54 16.93 25.32
CA ILE F 292 -5.06 18.31 25.29
C ILE F 292 -6.47 18.35 25.86
N PRO F 293 -6.78 19.29 26.74
CA PRO F 293 -8.14 19.36 27.31
C PRO F 293 -9.17 19.84 26.28
N ILE F 294 -10.43 19.54 26.57
CA ILE F 294 -11.55 19.82 25.68
C ILE F 294 -12.59 20.66 26.42
N ASN F 295 -13.05 21.74 25.80
CA ASN F 295 -14.09 22.58 26.39
C ASN F 295 -14.83 23.30 25.26
N PHE F 296 -16.02 22.83 24.93
CA PHE F 296 -16.84 23.47 23.91
C PHE F 296 -18.29 23.06 24.10
N THR F 297 -19.17 23.70 23.32
CA THR F 297 -20.60 23.41 23.31
C THR F 297 -20.99 22.84 21.96
N LEU F 298 -21.95 21.91 21.97
CA LEU F 298 -22.32 21.15 20.78
C LEU F 298 -23.76 21.42 20.39
N ILE F 299 -23.98 21.74 19.12
CA ILE F 299 -25.31 21.87 18.54
C ILE F 299 -25.37 20.96 17.33
N VAL F 300 -26.43 20.15 17.27
CA VAL F 300 -26.65 19.27 16.13
C VAL F 300 -27.99 19.65 15.51
N ASP F 301 -27.97 20.19 14.29
CA ASP F 301 -29.20 20.60 13.62
C ASP F 301 -29.49 19.62 12.50
N THR F 302 -30.63 18.94 12.58
CA THR F 302 -30.96 17.89 11.63
C THR F 302 -32.44 17.96 11.28
N ARG F 303 -32.78 17.31 10.17
CA ARG F 303 -34.17 17.13 9.77
C ARG F 303 -34.65 15.70 10.00
N HIS F 304 -33.76 14.79 10.36
CA HIS F 304 -34.12 13.41 10.73
C HIS F 304 -33.73 13.21 12.18
N PRO F 305 -34.65 13.33 13.14
CA PRO F 305 -34.28 13.26 14.55
C PRO F 305 -34.20 11.86 15.14
N GLU F 306 -34.83 10.86 14.52
CA GLU F 306 -34.78 9.51 15.08
C GLU F 306 -33.45 8.81 14.83
N ARG F 307 -32.57 9.40 14.02
CA ARG F 307 -31.26 8.80 13.80
C ARG F 307 -30.40 8.79 15.05
N TYR F 308 -30.67 9.68 16.00
CA TYR F 308 -29.90 9.81 17.23
C TYR F 308 -30.76 9.47 18.45
N ALA F 309 -31.53 8.40 18.35
CA ALA F 309 -32.48 8.07 19.40
C ALA F 309 -31.81 7.50 20.65
N GLY F 310 -30.59 7.00 20.54
CA GLY F 310 -29.91 6.41 21.67
C GLY F 310 -29.17 7.42 22.53
N LEU F 311 -28.69 8.49 21.91
CA LEU F 311 -27.90 9.48 22.62
C LEU F 311 -28.80 10.42 23.42
N LYS F 312 -28.22 11.07 24.41
CA LYS F 312 -28.94 11.96 25.31
C LYS F 312 -28.48 13.39 25.12
N PHE F 313 -29.44 14.28 24.85
CA PHE F 313 -29.19 15.70 24.74
C PHE F 313 -30.06 16.44 25.75
N PRO F 314 -29.48 17.31 26.58
CA PRO F 314 -30.29 18.03 27.57
C PRO F 314 -31.36 18.92 26.95
N ILE F 315 -31.11 19.52 25.79
CA ILE F 315 -32.01 20.51 25.20
C ILE F 315 -32.39 20.06 23.80
N ARG F 316 -33.69 20.02 23.53
CA ARG F 316 -34.23 19.74 22.21
C ARG F 316 -35.14 20.88 21.78
N ILE F 317 -34.90 21.42 20.59
CA ILE F 317 -35.67 22.53 20.05
C ILE F 317 -36.26 22.10 18.71
N ASN F 318 -37.57 22.24 18.57
CA ASN F 318 -38.27 21.90 17.32
C ASN F 318 -38.71 23.18 16.63
N LEU F 319 -38.51 23.24 15.32
CA LEU F 319 -38.92 24.41 14.53
C LEU F 319 -39.97 24.01 13.50
N PRO F 320 -41.22 24.44 13.63
CA PRO F 320 -42.24 24.05 12.66
C PRO F 320 -42.05 24.79 11.35
N PRO F 321 -42.60 24.27 10.25
CA PRO F 321 -42.48 24.95 8.96
C PRO F 321 -43.29 26.25 8.94
N LEU F 322 -42.87 27.15 8.06
CA LEU F 322 -43.56 28.42 7.91
C LEU F 322 -44.98 28.22 7.40
N ASP F 323 -45.92 28.95 7.98
CA ASP F 323 -47.30 28.93 7.53
C ASP F 323 -47.50 29.98 6.44
N ASP F 324 -48.71 30.03 5.88
CA ASP F 324 -48.98 30.89 4.73
C ASP F 324 -48.78 32.37 5.08
N GLU F 325 -49.35 32.80 6.21
CA GLU F 325 -49.23 34.21 6.60
C GLU F 325 -47.77 34.58 6.86
N THR F 326 -47.06 33.74 7.63
CA THR F 326 -45.66 34.02 7.92
C THR F 326 -44.82 33.95 6.66
N PHE F 327 -45.13 33.01 5.76
CA PHE F 327 -44.41 32.94 4.49
C PHE F 327 -44.59 34.21 3.69
N LEU F 328 -45.82 34.73 3.62
CA LEU F 328 -46.05 35.99 2.91
C LEU F 328 -45.29 37.13 3.56
N LYS F 329 -45.30 37.21 4.89
CA LYS F 329 -44.61 38.29 5.58
C LYS F 329 -43.10 38.23 5.31
N VAL F 330 -42.51 37.04 5.40
CA VAL F 330 -41.08 36.90 5.17
C VAL F 330 -40.74 37.20 3.71
N LEU F 331 -41.57 36.74 2.78
CA LEU F 331 -41.33 37.01 1.37
C LEU F 331 -41.38 38.50 1.06
N GLU F 332 -42.37 39.19 1.65
CA GLU F 332 -42.44 40.65 1.48
C GLU F 332 -41.21 41.33 2.08
N THR F 333 -40.78 40.87 3.25
CA THR F 333 -39.60 41.49 3.89
C THR F 333 -38.35 41.30 3.03
N ASN F 334 -38.16 40.10 2.49
CA ASN F 334 -36.94 39.81 1.74
C ASN F 334 -36.95 40.48 0.36
N LEU F 335 -38.06 40.34 -0.37
CA LEU F 335 -38.11 40.84 -1.75
C LEU F 335 -38.24 42.35 -1.82
N GLY F 336 -38.81 42.99 -0.81
CA GLY F 336 -39.05 44.42 -0.86
C GLY F 336 -40.29 44.82 -1.63
N ILE F 337 -41.11 43.87 -2.05
CA ILE F 337 -42.35 44.13 -2.76
C ILE F 337 -43.47 43.37 -2.07
N THR F 338 -44.70 43.77 -2.36
CA THR F 338 -45.86 43.11 -1.77
C THR F 338 -46.42 42.09 -2.76
N PRO F 339 -46.26 40.80 -2.51
CA PRO F 339 -46.78 39.80 -3.44
C PRO F 339 -48.26 39.56 -3.24
N PRO F 340 -48.99 39.22 -4.29
CA PRO F 340 -50.41 38.88 -4.12
C PRO F 340 -50.58 37.58 -3.35
N THR F 341 -51.77 37.41 -2.76
CA THR F 341 -52.01 36.26 -1.90
C THR F 341 -51.96 34.95 -2.68
N GLU F 342 -52.54 34.92 -3.89
CA GLU F 342 -52.63 33.66 -4.63
C GLU F 342 -51.25 33.10 -4.98
N ILE F 343 -50.20 33.92 -4.87
CA ILE F 343 -48.84 33.43 -5.02
C ILE F 343 -48.59 32.21 -4.16
N VAL F 344 -49.15 32.18 -2.95
CA VAL F 344 -48.89 31.06 -2.04
C VAL F 344 -49.39 29.75 -2.61
N ARG F 345 -50.27 29.78 -3.60
CA ARG F 345 -50.82 28.58 -4.20
C ARG F 345 -50.00 28.04 -5.36
N ILE F 346 -48.94 28.74 -5.78
CA ILE F 346 -48.15 28.31 -6.92
C ILE F 346 -46.76 27.82 -6.51
N PHE F 347 -46.48 27.75 -5.21
CA PHE F 347 -45.19 27.24 -4.77
C PHE F 347 -45.34 25.87 -4.13
N PRO F 348 -44.36 24.98 -4.32
CA PRO F 348 -44.46 23.65 -3.72
C PRO F 348 -44.38 23.74 -2.21
N PRO F 349 -44.99 22.79 -1.49
CA PRO F 349 -44.98 22.86 -0.02
C PRO F 349 -43.59 22.84 0.59
N ASP F 350 -42.63 22.13 -0.01
CA ASP F 350 -41.30 22.02 0.55
C ASP F 350 -40.46 23.28 0.36
N TYR F 351 -40.95 24.26 -0.40
CA TYR F 351 -40.21 25.49 -0.64
C TYR F 351 -40.67 26.63 0.26
N LYS F 352 -41.52 26.37 1.25
CA LYS F 352 -41.99 27.40 2.16
C LYS F 352 -41.11 27.45 3.42
N THR F 353 -39.83 27.69 3.19
CA THR F 353 -38.83 27.78 4.26
C THR F 353 -37.97 29.01 4.02
N PHE F 354 -37.09 29.31 4.99
CA PHE F 354 -36.19 30.44 4.85
C PHE F 354 -35.24 30.25 3.67
N LEU F 355 -34.68 29.05 3.53
CA LEU F 355 -33.78 28.77 2.41
C LEU F 355 -34.52 28.88 1.08
N GLY F 356 -35.77 28.40 1.04
CA GLY F 356 -36.57 28.59 -0.16
C GLY F 356 -36.78 30.05 -0.49
N VAL F 357 -37.02 30.87 0.53
CA VAL F 357 -37.19 32.31 0.30
C VAL F 357 -35.90 32.91 -0.26
N GLU F 358 -34.75 32.52 0.28
CA GLU F 358 -33.49 33.04 -0.25
C GLU F 358 -33.26 32.62 -1.69
N LEU F 359 -33.55 31.36 -2.02
CA LEU F 359 -33.39 30.89 -3.39
C LEU F 359 -34.32 31.66 -4.34
N ILE F 360 -35.57 31.85 -3.93
CA ILE F 360 -36.52 32.60 -4.75
C ILE F 360 -36.04 34.03 -4.94
N LYS F 361 -35.51 34.64 -3.88
CA LYS F 361 -35.01 36.00 -3.98
C LYS F 361 -33.87 36.10 -5.00
N ASN F 362 -32.90 35.19 -4.91
CA ASN F 362 -31.76 35.24 -5.83
C ASN F 362 -32.21 35.03 -7.27
N LEU F 363 -33.06 34.02 -7.49
CA LEU F 363 -33.51 33.74 -8.86
C LEU F 363 -34.35 34.89 -9.41
N PHE F 364 -35.22 35.47 -8.59
CA PHE F 364 -36.01 36.62 -9.03
C PHE F 364 -35.13 37.83 -9.34
N GLU F 365 -34.10 38.06 -8.53
CA GLU F 365 -33.19 39.17 -8.81
C GLU F 365 -32.49 38.97 -10.15
N LYS F 366 -32.00 37.75 -10.42
CA LYS F 366 -31.35 37.52 -11.70
C LYS F 366 -32.34 37.63 -12.86
N LEU F 367 -33.57 37.14 -12.68
CA LEU F 367 -34.57 37.26 -13.73
C LEU F 367 -34.90 38.72 -14.03
N LYS F 368 -35.03 39.55 -12.99
CA LYS F 368 -35.28 40.96 -13.21
C LYS F 368 -34.07 41.62 -13.87
N LEU F 369 -32.87 41.16 -13.56
CA LEU F 369 -31.68 41.72 -14.20
C LEU F 369 -31.60 41.31 -15.66
N THR F 370 -32.22 40.20 -16.05
CA THR F 370 -32.18 39.76 -17.45
C THR F 370 -33.39 40.27 -18.23
N GLU F 371 -34.61 39.90 -17.81
CA GLU F 371 -35.82 40.25 -18.53
C GLU F 371 -36.28 41.65 -18.09
N LYS F 372 -35.64 42.66 -18.66
CA LYS F 372 -35.98 44.04 -18.35
C LYS F 372 -37.31 44.43 -18.98
N GLY F 373 -38.10 45.21 -18.23
CA GLY F 373 -39.35 45.74 -18.71
C GLY F 373 -40.59 45.03 -18.22
N LYS F 374 -40.46 43.78 -17.77
CA LYS F 374 -41.62 43.06 -17.27
C LYS F 374 -41.98 43.49 -15.86
N ASP F 375 -43.23 43.25 -15.48
CA ASP F 375 -43.68 43.54 -14.13
C ASP F 375 -43.13 42.50 -13.16
N GLU F 376 -43.18 42.85 -11.86
CA GLU F 376 -42.60 41.98 -10.85
C GLU F 376 -43.47 40.75 -10.59
N VAL F 377 -44.78 40.85 -10.75
CA VAL F 377 -45.65 39.70 -10.53
C VAL F 377 -45.37 38.61 -11.56
N SER F 378 -45.20 38.99 -12.82
CA SER F 378 -44.87 38.02 -13.86
C SER F 378 -43.50 37.40 -13.59
N LEU F 379 -42.55 38.20 -13.09
CA LEU F 379 -41.24 37.64 -12.73
C LEU F 379 -41.37 36.63 -11.60
N LEU F 380 -42.21 36.91 -10.61
CA LEU F 380 -42.42 35.94 -9.53
C LEU F 380 -43.04 34.66 -10.06
N LYS F 381 -44.03 34.78 -10.95
CA LYS F 381 -44.65 33.59 -11.52
C LYS F 381 -43.65 32.79 -12.35
N GLU F 382 -42.81 33.47 -13.12
CA GLU F 382 -41.79 32.77 -13.90
C GLU F 382 -40.78 32.08 -13.00
N ALA F 383 -40.39 32.73 -11.90
CA ALA F 383 -39.49 32.09 -10.94
C ALA F 383 -40.14 30.85 -10.33
N ALA F 384 -41.42 30.94 -10.00
CA ALA F 384 -42.12 29.77 -9.47
C ALA F 384 -42.14 28.63 -10.49
N THR F 385 -42.41 28.96 -11.75
CA THR F 385 -42.42 27.92 -12.79
C THR F 385 -41.03 27.30 -12.97
N ILE F 386 -39.98 28.14 -12.90
CA ILE F 386 -38.62 27.62 -13.01
C ILE F 386 -38.31 26.68 -11.85
N ILE F 387 -38.69 27.07 -10.64
CA ILE F 387 -38.41 26.24 -9.46
C ILE F 387 -39.17 24.92 -9.55
N THR F 388 -40.45 24.98 -9.91
CA THR F 388 -41.24 23.76 -10.01
C THR F 388 -40.81 22.89 -11.19
N GLY F 389 -40.42 23.51 -12.29
CA GLY F 389 -40.00 22.77 -13.47
C GLY F 389 -41.16 22.19 -14.25
#